data_8C8A
#
_entry.id   8C8A
#
_entity_poly.entity_id   1
_entity_poly.type   'polypeptide(L)'
_entity_poly.pdbx_seq_one_letter_code
;MKHHHHHHPMSDYDIPTTKLLEVLFQGPHMAAPTPVPGIFDIFKKPVPTSCKLALTNGNKREVDAMLLPPSGTTILSDTS
GAGVFTAKVNSKCEFTSVSPALPTGFKIEGSVDKEGKPPKSSTKPDTAAGTKPSTKPSTKTGSKTGTKTGTKAQA
;
_entity_poly.pdbx_strand_id   A
#
# COMPACT_ATOMS: atom_id res chain seq x y z
N MET A 30 -35.97 -22.02 -0.01
CA MET A 30 -35.46 -23.23 -0.66
C MET A 30 -33.97 -23.35 -0.38
N ALA A 31 -33.22 -22.33 -0.77
CA ALA A 31 -31.81 -22.28 -0.53
C ALA A 31 -31.47 -20.89 -0.09
N ALA A 32 -30.48 -20.74 0.74
CA ALA A 32 -30.13 -19.43 1.28
C ALA A 32 -28.81 -18.90 0.71
N PRO A 33 -28.87 -18.04 -0.32
CA PRO A 33 -27.70 -17.41 -0.88
C PRO A 33 -27.40 -16.11 -0.14
N THR A 34 -26.12 -15.82 0.05
CA THR A 34 -25.69 -14.61 0.72
C THR A 34 -26.20 -13.35 -0.03
N PRO A 35 -26.94 -12.45 0.67
CA PRO A 35 -27.57 -11.25 0.06
C PRO A 35 -26.59 -10.10 -0.20
N VAL A 36 -25.33 -10.44 -0.46
CA VAL A 36 -24.25 -9.52 -0.75
C VAL A 36 -23.83 -8.70 0.50
N PRO A 37 -22.59 -8.89 0.97
CA PRO A 37 -22.05 -8.17 2.13
C PRO A 37 -21.52 -6.78 1.71
N GLY A 38 -22.31 -6.07 0.95
CA GLY A 38 -21.92 -4.76 0.49
C GLY A 38 -23.11 -3.95 0.08
N ILE A 39 -24.21 -4.15 0.76
CA ILE A 39 -25.41 -3.39 0.46
C ILE A 39 -25.58 -2.34 1.53
N PHE A 40 -26.32 -1.29 1.23
CA PHE A 40 -26.52 -0.13 2.12
C PHE A 40 -25.26 0.76 2.14
N ASP A 41 -24.13 0.18 2.47
CA ASP A 41 -22.88 0.93 2.50
C ASP A 41 -22.28 0.94 1.09
N ILE A 42 -21.30 1.78 0.87
CA ILE A 42 -20.71 1.94 -0.45
C ILE A 42 -19.42 1.12 -0.66
N PHE A 43 -19.31 -0.03 0.06
CA PHE A 43 -18.17 -0.99 -0.06
C PHE A 43 -16.90 -0.41 0.55
N LYS A 44 -17.08 0.58 1.37
CA LYS A 44 -16.00 1.26 2.00
C LYS A 44 -16.54 1.93 3.23
N LYS A 45 -15.70 2.10 4.22
CA LYS A 45 -16.08 2.78 5.42
C LYS A 45 -15.53 4.19 5.34
N PRO A 46 -16.22 5.18 5.91
CA PRO A 46 -15.76 6.60 5.89
C PRO A 46 -14.60 6.87 6.87
N VAL A 47 -13.80 5.85 7.10
CA VAL A 47 -12.68 5.87 8.00
C VAL A 47 -11.49 5.26 7.24
N PRO A 48 -10.25 5.42 7.71
CA PRO A 48 -9.06 4.85 7.04
C PRO A 48 -9.08 3.30 6.90
N THR A 49 -9.65 2.82 5.82
CA THR A 49 -9.66 1.41 5.51
C THR A 49 -8.81 1.13 4.29
N SER A 50 -8.01 2.10 3.90
CA SER A 50 -7.12 1.97 2.79
C SER A 50 -5.89 2.83 3.03
N CYS A 51 -4.80 2.41 2.49
CA CYS A 51 -3.54 3.05 2.67
C CYS A 51 -2.97 3.37 1.29
N LYS A 52 -2.47 4.56 1.14
CA LYS A 52 -1.92 4.99 -0.12
C LYS A 52 -0.40 5.06 0.01
N LEU A 53 0.24 4.04 -0.44
CA LEU A 53 1.67 3.92 -0.35
C LEU A 53 2.28 4.56 -1.55
N ALA A 54 3.34 5.27 -1.36
CA ALA A 54 3.98 5.95 -2.43
C ALA A 54 5.45 5.85 -2.30
N LEU A 55 6.07 5.29 -3.27
CA LEU A 55 7.47 5.22 -3.29
C LEU A 55 7.98 6.32 -4.15
N THR A 56 8.86 7.06 -3.58
CA THR A 56 9.46 8.18 -4.19
C THR A 56 10.97 7.99 -4.10
N ASN A 57 11.68 8.39 -5.13
CA ASN A 57 13.14 8.24 -5.16
C ASN A 57 13.83 9.37 -4.38
N GLY A 58 15.16 9.45 -4.49
CA GLY A 58 15.91 10.48 -3.77
C GLY A 58 15.60 11.88 -4.27
N ASN A 59 15.08 11.95 -5.48
CA ASN A 59 14.68 13.22 -6.09
C ASN A 59 13.22 13.48 -5.78
N LYS A 60 12.67 12.62 -4.95
CA LYS A 60 11.28 12.64 -4.47
C LYS A 60 10.26 12.49 -5.59
N ARG A 61 10.69 11.93 -6.70
CA ARG A 61 9.77 11.65 -7.77
C ARG A 61 8.99 10.45 -7.34
N GLU A 62 7.69 10.54 -7.35
CA GLU A 62 6.83 9.44 -6.97
C GLU A 62 6.88 8.41 -8.06
N VAL A 63 7.72 7.42 -7.87
CA VAL A 63 7.96 6.41 -8.86
C VAL A 63 6.83 5.44 -8.91
N ASP A 64 6.17 5.24 -7.77
CA ASP A 64 4.99 4.39 -7.78
C ASP A 64 4.11 4.74 -6.60
N ALA A 65 2.90 4.32 -6.65
CA ALA A 65 1.89 4.63 -5.69
C ALA A 65 0.79 3.63 -5.82
N MET A 66 0.41 3.02 -4.74
CA MET A 66 -0.63 2.02 -4.74
C MET A 66 -1.50 2.16 -3.53
N LEU A 67 -2.78 2.03 -3.72
CA LEU A 67 -3.72 2.03 -2.68
C LEU A 67 -3.95 0.60 -2.22
N LEU A 68 -3.47 0.30 -1.05
CA LEU A 68 -3.55 -1.03 -0.46
C LEU A 68 -4.47 -1.01 0.75
N PRO A 69 -4.94 -2.17 1.23
CA PRO A 69 -5.70 -2.25 2.47
C PRO A 69 -4.75 -2.18 3.68
N PRO A 70 -5.29 -1.95 4.91
CA PRO A 70 -4.47 -1.92 6.12
C PRO A 70 -3.76 -3.25 6.31
N SER A 71 -2.48 -3.17 6.67
CA SER A 71 -1.62 -4.35 6.89
C SER A 71 -1.35 -5.12 5.58
N GLY A 72 -1.46 -4.44 4.46
CA GLY A 72 -1.20 -5.07 3.18
C GLY A 72 0.25 -4.88 2.73
N THR A 73 0.60 -5.58 1.69
CA THR A 73 1.91 -5.51 1.11
C THR A 73 1.85 -4.79 -0.22
N THR A 74 2.49 -3.67 -0.32
CA THR A 74 2.44 -2.86 -1.49
C THR A 74 3.64 -3.11 -2.40
N ILE A 75 3.37 -3.50 -3.62
CA ILE A 75 4.43 -3.67 -4.59
C ILE A 75 4.58 -2.36 -5.37
N LEU A 76 5.67 -1.68 -5.14
CA LEU A 76 5.95 -0.41 -5.75
C LEU A 76 7.14 -0.52 -6.71
N SER A 77 6.94 -0.12 -7.93
CA SER A 77 7.93 -0.24 -8.95
C SER A 77 8.67 1.07 -9.14
N ASP A 78 9.96 1.01 -9.02
CA ASP A 78 10.81 2.17 -9.19
C ASP A 78 11.22 2.37 -10.64
N THR A 79 11.03 3.56 -11.16
CA THR A 79 11.37 3.85 -12.54
C THR A 79 12.83 4.36 -12.64
N SER A 80 13.47 4.53 -11.51
CA SER A 80 14.84 4.98 -11.48
C SER A 80 15.79 3.81 -11.83
N GLY A 81 15.54 2.67 -11.22
CA GLY A 81 16.32 1.51 -11.47
C GLY A 81 15.56 0.22 -11.26
N ALA A 82 14.27 0.31 -10.85
CA ALA A 82 13.42 -0.84 -10.67
C ALA A 82 13.92 -1.78 -9.59
N GLY A 83 13.70 -1.37 -8.36
CA GLY A 83 14.09 -2.16 -7.23
C GLY A 83 12.97 -3.08 -6.83
N VAL A 84 11.77 -2.72 -7.32
CA VAL A 84 10.51 -3.42 -7.04
C VAL A 84 10.36 -3.64 -5.54
N PHE A 85 9.91 -2.62 -4.88
CA PHE A 85 9.86 -2.61 -3.46
C PHE A 85 8.53 -3.04 -2.92
N THR A 86 8.56 -3.97 -2.01
CA THR A 86 7.38 -4.46 -1.38
C THR A 86 7.29 -3.85 0.03
N ALA A 87 6.50 -2.83 0.15
CA ALA A 87 6.29 -2.14 1.40
C ALA A 87 5.19 -2.83 2.18
N LYS A 88 5.57 -3.47 3.23
CA LYS A 88 4.62 -4.17 4.07
C LYS A 88 4.17 -3.22 5.16
N VAL A 89 2.91 -2.85 5.17
CA VAL A 89 2.41 -1.89 6.14
C VAL A 89 1.71 -2.54 7.30
N ASN A 90 1.44 -1.75 8.30
CA ASN A 90 0.67 -2.18 9.44
C ASN A 90 -0.72 -1.55 9.25
N SER A 91 -1.64 -1.73 10.18
CA SER A 91 -3.00 -1.24 10.02
C SER A 91 -3.10 0.28 10.20
N LYS A 92 -1.96 0.86 10.44
CA LYS A 92 -1.78 2.28 10.61
C LYS A 92 -1.50 2.92 9.26
N CYS A 93 -1.36 2.06 8.22
CA CYS A 93 -1.04 2.50 6.85
C CYS A 93 0.39 2.99 6.72
N GLU A 94 1.19 2.65 7.71
CA GLU A 94 2.57 3.00 7.71
C GLU A 94 3.36 1.79 7.38
N PHE A 95 4.36 1.97 6.59
CA PHE A 95 5.18 0.90 6.16
C PHE A 95 6.03 0.42 7.31
N THR A 96 6.09 -0.87 7.47
CA THR A 96 6.88 -1.44 8.52
C THR A 96 8.21 -1.96 7.97
N SER A 97 8.17 -2.69 6.87
CA SER A 97 9.37 -3.25 6.27
C SER A 97 9.20 -3.25 4.76
N VAL A 98 10.25 -2.89 4.04
CA VAL A 98 10.25 -2.97 2.62
C VAL A 98 11.18 -4.07 2.18
N SER A 99 10.69 -4.94 1.37
CA SER A 99 11.47 -5.99 0.81
C SER A 99 11.87 -5.56 -0.61
N PRO A 100 13.12 -5.82 -1.05
CA PRO A 100 14.13 -6.54 -0.26
C PRO A 100 14.70 -5.70 0.90
N ALA A 101 14.90 -4.43 0.62
CA ALA A 101 15.41 -3.47 1.56
C ALA A 101 15.33 -2.14 0.88
N LEU A 102 14.93 -1.15 1.60
CA LEU A 102 14.81 0.17 1.03
C LEU A 102 16.15 0.88 1.16
N PRO A 103 16.70 1.36 0.05
CA PRO A 103 17.99 2.05 0.06
C PRO A 103 17.85 3.50 0.53
N THR A 104 18.98 4.11 0.79
CA THR A 104 19.05 5.45 1.26
C THR A 104 18.64 6.45 0.16
N GLY A 105 17.68 7.27 0.47
CA GLY A 105 17.22 8.26 -0.47
C GLY A 105 15.78 8.01 -0.85
N PHE A 106 15.40 6.77 -0.88
CA PHE A 106 14.05 6.40 -1.22
C PHE A 106 13.13 6.59 -0.06
N LYS A 107 11.97 7.11 -0.35
CA LYS A 107 10.99 7.35 0.66
C LYS A 107 9.69 6.67 0.29
N ILE A 108 9.28 5.77 1.14
CA ILE A 108 8.02 5.11 1.05
C ILE A 108 7.07 5.86 1.94
N GLU A 109 6.27 6.66 1.36
CA GLU A 109 5.33 7.43 2.11
C GLU A 109 4.07 6.62 2.33
N GLY A 110 3.79 6.38 3.58
CA GLY A 110 2.60 5.70 3.95
C GLY A 110 1.49 6.67 4.16
N SER A 111 0.93 7.15 3.08
CA SER A 111 -0.17 8.04 3.14
C SER A 111 -1.41 7.20 3.43
N VAL A 112 -2.39 7.80 3.99
CA VAL A 112 -3.58 7.07 4.33
C VAL A 112 -4.67 7.49 3.37
N ASP A 113 -5.70 6.67 3.24
CA ASP A 113 -6.87 7.05 2.48
C ASP A 113 -7.46 8.25 3.15
N LYS A 114 -7.57 9.30 2.42
CA LYS A 114 -7.96 10.58 2.94
C LYS A 114 -9.47 10.71 3.04
N GLU A 115 -9.90 11.81 3.62
CA GLU A 115 -11.32 12.18 3.70
C GLU A 115 -11.87 12.43 2.29
N GLY A 116 -10.97 12.73 1.41
CA GLY A 116 -11.26 12.91 0.05
C GLY A 116 -10.53 11.86 -0.75
N LYS A 117 -10.73 11.82 -2.02
CA LYS A 117 -10.14 10.80 -2.87
C LYS A 117 -8.60 10.96 -2.97
N PRO A 118 -7.86 9.83 -2.90
CA PRO A 118 -6.39 9.78 -2.96
C PRO A 118 -5.78 10.64 -4.06
N MET A 30 -52.26 9.20 -2.28
CA MET A 30 -51.92 8.49 -1.05
C MET A 30 -50.52 8.88 -0.63
N ALA A 31 -50.18 8.56 0.58
CA ALA A 31 -48.85 8.81 1.09
C ALA A 31 -47.93 7.63 0.71
N ALA A 32 -46.79 7.52 1.36
CA ALA A 32 -45.86 6.46 1.04
C ALA A 32 -46.02 5.28 2.01
N PRO A 33 -46.62 4.15 1.58
CA PRO A 33 -46.77 2.97 2.42
C PRO A 33 -45.47 2.18 2.45
N THR A 34 -44.46 2.78 3.01
CA THR A 34 -43.16 2.21 3.14
C THR A 34 -42.51 2.90 4.35
N PRO A 35 -41.75 2.18 5.18
CA PRO A 35 -41.03 2.79 6.28
C PRO A 35 -40.03 3.84 5.77
N VAL A 36 -40.04 4.99 6.38
CA VAL A 36 -39.16 6.06 5.98
C VAL A 36 -38.10 6.25 7.07
N PRO A 37 -36.85 5.85 6.77
CA PRO A 37 -35.77 5.97 7.72
C PRO A 37 -35.13 7.36 7.73
N GLY A 38 -34.01 7.48 8.38
CA GLY A 38 -33.33 8.70 8.46
C GLY A 38 -31.86 8.48 8.46
N ILE A 39 -31.11 9.52 8.67
CA ILE A 39 -29.69 9.44 8.75
C ILE A 39 -29.30 9.45 10.21
N PHE A 40 -29.29 8.29 10.79
CA PHE A 40 -29.00 8.11 12.19
C PHE A 40 -27.51 7.96 12.34
N ASP A 41 -26.94 7.11 11.52
CA ASP A 41 -25.51 6.96 11.48
C ASP A 41 -24.99 7.95 10.49
N ILE A 42 -24.69 9.12 10.99
CA ILE A 42 -24.22 10.20 10.15
C ILE A 42 -22.71 10.06 9.92
N PHE A 43 -22.11 9.18 10.68
CA PHE A 43 -20.70 8.92 10.61
C PHE A 43 -20.49 7.43 10.56
N LYS A 44 -19.36 7.03 10.06
CA LYS A 44 -19.02 5.64 9.98
C LYS A 44 -17.78 5.45 10.84
N LYS A 45 -17.43 4.20 11.14
CA LYS A 45 -16.23 3.90 11.89
C LYS A 45 -15.01 4.35 11.08
N PRO A 46 -14.21 5.30 11.59
CA PRO A 46 -13.02 5.76 10.91
C PRO A 46 -11.90 4.72 10.96
N VAL A 47 -11.98 3.78 10.08
CA VAL A 47 -10.97 2.79 9.94
C VAL A 47 -10.17 3.13 8.68
N PRO A 48 -8.84 3.25 8.80
CA PRO A 48 -8.00 3.58 7.67
C PRO A 48 -7.88 2.40 6.70
N THR A 49 -8.63 2.45 5.65
CA THR A 49 -8.61 1.40 4.68
C THR A 49 -7.85 1.82 3.42
N SER A 50 -7.76 3.10 3.22
CA SER A 50 -7.09 3.62 2.07
C SER A 50 -5.67 4.08 2.44
N CYS A 51 -4.77 3.14 2.55
CA CYS A 51 -3.40 3.44 2.88
C CYS A 51 -2.65 3.67 1.59
N LYS A 52 -2.19 4.86 1.36
CA LYS A 52 -1.43 5.11 0.17
C LYS A 52 0.02 4.88 0.47
N LEU A 53 0.62 4.13 -0.35
CA LEU A 53 2.01 3.86 -0.27
C LEU A 53 2.65 4.49 -1.45
N ALA A 54 3.36 5.53 -1.18
CA ALA A 54 3.96 6.29 -2.20
C ALA A 54 5.43 6.15 -2.10
N LEU A 55 6.03 5.69 -3.13
CA LEU A 55 7.41 5.57 -3.17
C LEU A 55 7.95 6.62 -4.08
N THR A 56 8.80 7.39 -3.53
CA THR A 56 9.42 8.46 -4.21
C THR A 56 10.90 8.14 -4.30
N ASN A 57 11.50 8.49 -5.40
CA ASN A 57 12.91 8.23 -5.62
C ASN A 57 13.77 9.27 -4.93
N GLY A 58 15.06 9.26 -5.21
CA GLY A 58 15.99 10.20 -4.62
C GLY A 58 15.60 11.63 -4.90
N ASN A 59 15.15 11.90 -6.11
CA ASN A 59 14.76 13.25 -6.56
C ASN A 59 13.40 13.63 -5.97
N LYS A 60 12.80 12.66 -5.28
CA LYS A 60 11.49 12.77 -4.63
C LYS A 60 10.38 12.68 -5.64
N ARG A 61 10.69 12.22 -6.85
CA ARG A 61 9.67 11.97 -7.80
C ARG A 61 8.97 10.71 -7.39
N GLU A 62 7.68 10.75 -7.37
CA GLU A 62 6.91 9.62 -6.95
C GLU A 62 6.98 8.59 -8.07
N VAL A 63 7.82 7.61 -7.86
CA VAL A 63 8.08 6.59 -8.83
C VAL A 63 6.95 5.60 -8.87
N ASP A 64 6.38 5.31 -7.72
CA ASP A 64 5.26 4.40 -7.67
C ASP A 64 4.38 4.81 -6.53
N ALA A 65 3.17 4.35 -6.54
CA ALA A 65 2.17 4.75 -5.57
C ALA A 65 0.97 3.87 -5.70
N MET A 66 0.58 3.26 -4.62
CA MET A 66 -0.54 2.36 -4.60
C MET A 66 -1.38 2.55 -3.34
N LEU A 67 -2.68 2.45 -3.48
CA LEU A 67 -3.59 2.44 -2.36
C LEU A 67 -3.84 1.02 -1.93
N LEU A 68 -3.32 0.66 -0.80
CA LEU A 68 -3.44 -0.67 -0.25
C LEU A 68 -4.29 -0.63 1.01
N PRO A 69 -4.86 -1.77 1.41
CA PRO A 69 -5.57 -1.87 2.66
C PRO A 69 -4.59 -2.01 3.85
N PRO A 70 -5.07 -1.75 5.08
CA PRO A 70 -4.26 -1.87 6.29
C PRO A 70 -3.64 -3.27 6.41
N SER A 71 -2.36 -3.30 6.81
CA SER A 71 -1.58 -4.54 6.97
C SER A 71 -1.27 -5.20 5.60
N GLY A 72 -1.46 -4.43 4.53
CA GLY A 72 -1.23 -4.94 3.21
C GLY A 72 0.22 -4.81 2.76
N THR A 73 0.52 -5.48 1.69
CA THR A 73 1.82 -5.50 1.11
C THR A 73 1.78 -4.85 -0.26
N THR A 74 2.44 -3.74 -0.40
CA THR A 74 2.38 -2.95 -1.60
C THR A 74 3.56 -3.23 -2.53
N ILE A 75 3.30 -3.42 -3.80
CA ILE A 75 4.37 -3.58 -4.78
C ILE A 75 4.61 -2.26 -5.51
N LEU A 76 5.69 -1.60 -5.15
CA LEU A 76 6.10 -0.36 -5.78
C LEU A 76 7.21 -0.68 -6.77
N SER A 77 7.02 -0.35 -8.00
CA SER A 77 8.00 -0.67 -9.00
C SER A 77 8.90 0.54 -9.27
N ASP A 78 10.18 0.31 -9.21
CA ASP A 78 11.18 1.36 -9.34
C ASP A 78 11.78 1.43 -10.74
N THR A 79 11.63 2.55 -11.38
CA THR A 79 12.14 2.75 -12.70
C THR A 79 13.60 3.25 -12.66
N SER A 80 14.11 3.49 -11.46
CA SER A 80 15.46 4.01 -11.30
C SER A 80 16.48 2.85 -11.35
N GLY A 81 16.16 1.79 -10.66
CA GLY A 81 17.02 0.66 -10.60
C GLY A 81 16.26 -0.65 -10.59
N ALA A 82 14.91 -0.59 -10.47
CA ALA A 82 14.05 -1.76 -10.52
C ALA A 82 14.31 -2.70 -9.36
N GLY A 83 13.81 -2.33 -8.21
CA GLY A 83 14.04 -3.12 -7.04
C GLY A 83 12.81 -3.85 -6.61
N VAL A 84 11.66 -3.47 -7.20
CA VAL A 84 10.33 -4.00 -6.85
C VAL A 84 10.14 -3.96 -5.33
N PHE A 85 9.85 -2.79 -4.84
CA PHE A 85 9.76 -2.57 -3.43
C PHE A 85 8.44 -3.00 -2.88
N THR A 86 8.47 -3.98 -2.04
CA THR A 86 7.29 -4.47 -1.43
C THR A 86 7.18 -3.90 -0.02
N ALA A 87 6.40 -2.86 0.10
CA ALA A 87 6.19 -2.17 1.36
C ALA A 87 5.09 -2.85 2.14
N LYS A 88 5.49 -3.49 3.18
CA LYS A 88 4.58 -4.19 4.06
C LYS A 88 4.19 -3.23 5.17
N VAL A 89 2.94 -2.91 5.25
CA VAL A 89 2.47 -1.97 6.25
C VAL A 89 1.74 -2.66 7.38
N ASN A 90 1.48 -1.90 8.42
CA ASN A 90 0.68 -2.35 9.52
C ASN A 90 -0.74 -1.84 9.34
N SER A 91 -1.63 -2.18 10.25
CA SER A 91 -3.03 -1.77 10.19
C SER A 91 -3.19 -0.24 10.28
N LYS A 92 -2.17 0.38 10.78
CA LYS A 92 -2.08 1.83 10.97
C LYS A 92 -1.65 2.52 9.64
N CYS A 93 -1.54 1.72 8.55
CA CYS A 93 -1.14 2.20 7.20
C CYS A 93 0.31 2.69 7.13
N GLU A 94 1.13 2.26 8.06
CA GLU A 94 2.50 2.70 8.09
C GLU A 94 3.37 1.58 7.64
N PHE A 95 4.39 1.91 6.90
CA PHE A 95 5.27 0.92 6.37
C PHE A 95 6.18 0.39 7.48
N THR A 96 6.21 -0.92 7.60
CA THR A 96 7.03 -1.55 8.59
C THR A 96 8.30 -2.09 7.95
N SER A 97 8.16 -2.72 6.79
CA SER A 97 9.29 -3.31 6.12
C SER A 97 9.12 -3.29 4.62
N VAL A 98 10.17 -2.99 3.93
CA VAL A 98 10.15 -3.02 2.49
C VAL A 98 11.10 -4.10 1.99
N SER A 99 10.59 -4.94 1.14
CA SER A 99 11.38 -5.96 0.52
C SER A 99 11.83 -5.46 -0.85
N PRO A 100 13.10 -5.72 -1.25
CA PRO A 100 14.06 -6.47 -0.44
C PRO A 100 14.59 -5.63 0.74
N ALA A 101 14.81 -4.37 0.47
CA ALA A 101 15.28 -3.40 1.43
C ALA A 101 15.19 -2.06 0.77
N LEU A 102 14.69 -1.09 1.49
CA LEU A 102 14.55 0.23 0.97
C LEU A 102 15.83 1.00 1.22
N PRO A 103 16.43 1.57 0.19
CA PRO A 103 17.65 2.36 0.32
C PRO A 103 17.36 3.78 0.78
N THR A 104 18.39 4.51 1.08
CA THR A 104 18.26 5.86 1.50
C THR A 104 18.07 6.73 0.25
N GLY A 105 17.24 7.74 0.35
CA GLY A 105 16.96 8.56 -0.78
C GLY A 105 15.58 8.25 -1.28
N PHE A 106 15.18 7.01 -1.12
CA PHE A 106 13.87 6.59 -1.46
C PHE A 106 12.97 6.76 -0.27
N LYS A 107 11.79 7.19 -0.52
CA LYS A 107 10.84 7.42 0.53
C LYS A 107 9.56 6.66 0.28
N ILE A 108 9.30 5.71 1.14
CA ILE A 108 8.02 5.03 1.15
C ILE A 108 7.18 5.78 2.15
N GLU A 109 6.32 6.58 1.63
CA GLU A 109 5.47 7.40 2.41
C GLU A 109 4.10 6.76 2.54
N GLY A 110 3.78 6.34 3.75
CA GLY A 110 2.53 5.71 4.04
C GLY A 110 1.53 6.69 4.57
N SER A 111 0.88 7.36 3.68
CA SER A 111 -0.09 8.34 4.04
C SER A 111 -1.49 7.81 3.74
N VAL A 112 -2.37 7.93 4.69
CA VAL A 112 -3.74 7.48 4.49
C VAL A 112 -4.45 8.53 3.65
N ASP A 113 -5.26 8.09 2.70
CA ASP A 113 -6.03 9.01 1.90
C ASP A 113 -7.26 9.38 2.69
N LYS A 114 -7.10 10.42 3.45
CA LYS A 114 -8.10 10.93 4.37
C LYS A 114 -9.26 11.61 3.66
N GLU A 115 -10.23 12.02 4.44
CA GLU A 115 -11.37 12.76 3.96
C GLU A 115 -10.92 14.16 3.63
N GLY A 116 -10.02 14.63 4.43
CA GLY A 116 -9.38 15.87 4.21
C GLY A 116 -7.95 15.70 4.56
N LYS A 117 -7.12 15.98 3.63
CA LYS A 117 -5.73 15.75 3.77
C LYS A 117 -4.93 16.97 3.34
N PRO A 118 -3.72 17.13 3.87
CA PRO A 118 -2.77 18.08 3.35
C PRO A 118 -2.36 17.63 1.95
N MET A 30 -11.14 -41.06 0.88
CA MET A 30 -11.58 -40.82 2.26
C MET A 30 -12.72 -39.83 2.22
N ALA A 31 -13.81 -40.15 2.87
CA ALA A 31 -14.92 -39.23 2.91
C ALA A 31 -14.74 -38.27 4.05
N ALA A 32 -14.33 -37.06 3.73
CA ALA A 32 -14.12 -36.04 4.72
C ALA A 32 -15.13 -34.92 4.52
N PRO A 33 -16.24 -34.94 5.27
CA PRO A 33 -17.24 -33.89 5.20
C PRO A 33 -16.76 -32.63 5.92
N THR A 34 -16.23 -31.71 5.16
CA THR A 34 -15.70 -30.48 5.70
C THR A 34 -16.66 -29.33 5.39
N PRO A 35 -17.24 -28.71 6.41
CA PRO A 35 -18.14 -27.60 6.24
C PRO A 35 -17.42 -26.25 6.36
N VAL A 36 -18.22 -25.19 6.43
CA VAL A 36 -17.79 -23.81 6.65
C VAL A 36 -17.01 -23.23 5.44
N PRO A 37 -17.71 -22.58 4.52
CA PRO A 37 -17.09 -21.85 3.45
C PRO A 37 -16.90 -20.37 3.87
N GLY A 38 -15.94 -19.72 3.25
CA GLY A 38 -15.67 -18.34 3.58
C GLY A 38 -16.69 -17.40 3.00
N ILE A 39 -17.21 -16.53 3.82
CA ILE A 39 -18.16 -15.55 3.38
C ILE A 39 -17.52 -14.16 3.44
N PHE A 40 -17.23 -13.63 2.28
CA PHE A 40 -16.62 -12.32 2.16
C PHE A 40 -17.73 -11.30 1.97
N ASP A 41 -17.73 -10.27 2.80
CA ASP A 41 -18.81 -9.29 2.79
C ASP A 41 -18.83 -8.45 1.51
N ILE A 42 -20.04 -8.14 1.09
CA ILE A 42 -20.33 -7.48 -0.15
C ILE A 42 -19.75 -6.06 -0.32
N PHE A 43 -19.94 -5.18 0.66
CA PHE A 43 -19.54 -3.78 0.48
C PHE A 43 -19.06 -3.14 1.76
N LYS A 44 -17.93 -2.49 1.69
CA LYS A 44 -17.49 -1.67 2.76
C LYS A 44 -18.04 -0.28 2.46
N LYS A 45 -18.53 0.40 3.46
CA LYS A 45 -19.16 1.68 3.24
C LYS A 45 -18.13 2.77 3.01
N PRO A 46 -18.52 3.90 2.33
CA PRO A 46 -17.63 5.04 2.08
C PRO A 46 -16.91 5.55 3.34
N VAL A 47 -15.71 5.06 3.51
CA VAL A 47 -14.84 5.33 4.64
C VAL A 47 -13.41 5.21 4.10
N PRO A 48 -12.53 6.20 4.37
CA PRO A 48 -11.13 6.14 3.91
C PRO A 48 -10.36 4.97 4.54
N THR A 49 -10.27 3.91 3.80
CA THR A 49 -9.59 2.70 4.22
C THR A 49 -8.43 2.39 3.30
N SER A 50 -8.08 3.36 2.50
CA SER A 50 -7.06 3.18 1.52
C SER A 50 -5.73 3.75 1.98
N CYS A 51 -4.80 2.88 2.19
CA CYS A 51 -3.46 3.23 2.54
C CYS A 51 -2.72 3.50 1.25
N LYS A 52 -2.28 4.68 1.09
CA LYS A 52 -1.63 5.09 -0.10
C LYS A 52 -0.15 5.03 0.12
N LEU A 53 0.45 4.03 -0.45
CA LEU A 53 1.84 3.82 -0.37
C LEU A 53 2.47 4.33 -1.62
N ALA A 54 3.38 5.21 -1.47
CA ALA A 54 3.99 5.84 -2.58
C ALA A 54 5.46 5.81 -2.41
N LEU A 55 6.11 5.21 -3.33
CA LEU A 55 7.49 5.18 -3.31
C LEU A 55 8.00 6.32 -4.13
N THR A 56 8.86 7.06 -3.54
CA THR A 56 9.45 8.18 -4.15
C THR A 56 10.94 7.88 -4.27
N ASN A 57 11.54 8.29 -5.35
CA ASN A 57 12.95 7.99 -5.60
C ASN A 57 13.85 9.07 -5.01
N GLY A 58 15.15 8.99 -5.31
CA GLY A 58 16.15 9.91 -4.78
C GLY A 58 15.91 11.37 -5.12
N ASN A 59 15.15 11.62 -6.18
CA ASN A 59 14.81 13.00 -6.58
C ASN A 59 13.57 13.48 -5.83
N LYS A 60 13.07 12.59 -4.96
CA LYS A 60 11.86 12.79 -4.13
C LYS A 60 10.58 12.79 -4.95
N ARG A 61 10.71 12.44 -6.20
CA ARG A 61 9.59 12.33 -7.08
C ARG A 61 8.95 10.99 -6.90
N GLU A 62 7.67 10.95 -7.06
CA GLU A 62 6.91 9.76 -6.82
C GLU A 62 7.09 8.81 -8.01
N VAL A 63 7.72 7.69 -7.75
CA VAL A 63 8.02 6.74 -8.78
C VAL A 63 6.90 5.71 -8.89
N ASP A 64 6.26 5.39 -7.78
CA ASP A 64 5.17 4.43 -7.80
C ASP A 64 4.21 4.79 -6.69
N ALA A 65 3.02 4.24 -6.72
CA ALA A 65 1.96 4.62 -5.79
C ALA A 65 0.77 3.69 -5.93
N MET A 66 0.38 3.07 -4.83
CA MET A 66 -0.78 2.17 -4.80
C MET A 66 -1.60 2.36 -3.53
N LEU A 67 -2.88 2.12 -3.65
CA LEU A 67 -3.83 2.16 -2.55
C LEU A 67 -4.07 0.73 -2.01
N LEU A 68 -3.46 0.41 -0.93
CA LEU A 68 -3.59 -0.90 -0.30
C LEU A 68 -4.45 -0.80 0.95
N PRO A 69 -5.02 -1.91 1.44
CA PRO A 69 -5.80 -1.91 2.68
C PRO A 69 -4.88 -1.94 3.92
N PRO A 70 -5.43 -1.64 5.12
CA PRO A 70 -4.70 -1.73 6.38
C PRO A 70 -4.04 -3.11 6.54
N SER A 71 -2.72 -3.09 6.74
CA SER A 71 -1.90 -4.29 6.83
C SER A 71 -1.87 -5.03 5.49
N GLY A 72 -1.06 -4.54 4.60
CA GLY A 72 -0.95 -5.13 3.31
C GLY A 72 0.41 -4.92 2.72
N THR A 73 0.68 -5.64 1.69
CA THR A 73 1.92 -5.60 1.00
C THR A 73 1.78 -4.81 -0.31
N THR A 74 2.41 -3.67 -0.37
CA THR A 74 2.34 -2.85 -1.54
C THR A 74 3.58 -3.09 -2.40
N ILE A 75 3.41 -3.70 -3.55
CA ILE A 75 4.53 -3.92 -4.45
C ILE A 75 4.66 -2.72 -5.39
N LEU A 76 5.62 -1.90 -5.10
CA LEU A 76 5.88 -0.68 -5.82
C LEU A 76 7.07 -0.89 -6.75
N SER A 77 6.92 -0.49 -7.98
CA SER A 77 7.95 -0.71 -8.96
C SER A 77 8.71 0.57 -9.26
N ASP A 78 9.97 0.56 -8.93
CA ASP A 78 10.82 1.69 -9.22
C ASP A 78 11.33 1.60 -10.62
N THR A 79 11.01 2.56 -11.41
CA THR A 79 11.43 2.55 -12.78
C THR A 79 12.81 3.22 -12.93
N SER A 80 13.33 3.75 -11.84
CA SER A 80 14.62 4.42 -11.84
C SER A 80 15.77 3.40 -11.86
N GLY A 81 15.60 2.35 -11.12
CA GLY A 81 16.58 1.32 -11.05
C GLY A 81 15.97 -0.05 -10.89
N ALA A 82 14.66 -0.11 -10.54
CA ALA A 82 13.94 -1.35 -10.39
C ALA A 82 14.36 -2.10 -9.17
N GLY A 83 13.84 -1.66 -8.07
CA GLY A 83 14.15 -2.32 -6.82
C GLY A 83 13.06 -3.24 -6.41
N VAL A 84 11.87 -3.04 -7.01
CA VAL A 84 10.64 -3.76 -6.68
C VAL A 84 10.43 -3.74 -5.17
N PHE A 85 9.96 -2.65 -4.70
CA PHE A 85 9.87 -2.44 -3.29
C PHE A 85 8.51 -2.80 -2.77
N THR A 86 8.47 -3.80 -1.96
CA THR A 86 7.25 -4.23 -1.38
C THR A 86 7.16 -3.69 0.04
N ALA A 87 6.39 -2.66 0.18
CA ALA A 87 6.18 -2.02 1.44
C ALA A 87 5.10 -2.75 2.20
N LYS A 88 5.49 -3.41 3.24
CA LYS A 88 4.59 -4.10 4.13
C LYS A 88 4.14 -3.08 5.14
N VAL A 89 2.87 -2.82 5.21
CA VAL A 89 2.36 -1.80 6.09
C VAL A 89 1.50 -2.39 7.17
N ASN A 90 1.26 -1.61 8.20
CA ASN A 90 0.42 -2.03 9.29
C ASN A 90 -0.97 -1.35 9.08
N SER A 91 -1.89 -1.49 10.02
CA SER A 91 -3.26 -0.98 9.89
C SER A 91 -3.28 0.56 9.84
N LYS A 92 -2.24 1.15 10.34
CA LYS A 92 -2.02 2.60 10.37
C LYS A 92 -1.56 3.14 9.00
N CYS A 93 -1.44 2.22 8.03
CA CYS A 93 -1.06 2.56 6.65
C CYS A 93 0.40 2.98 6.53
N GLU A 94 1.15 2.72 7.58
CA GLU A 94 2.54 3.05 7.59
C GLU A 94 3.32 1.82 7.33
N PHE A 95 4.32 1.97 6.53
CA PHE A 95 5.14 0.88 6.16
C PHE A 95 6.02 0.47 7.33
N THR A 96 6.08 -0.80 7.56
CA THR A 96 6.85 -1.36 8.63
C THR A 96 8.15 -1.98 8.10
N SER A 97 8.09 -2.62 6.93
CA SER A 97 9.25 -3.23 6.32
C SER A 97 9.09 -3.27 4.81
N VAL A 98 10.12 -2.91 4.10
CA VAL A 98 10.12 -3.02 2.66
C VAL A 98 11.01 -4.18 2.25
N SER A 99 10.53 -4.97 1.34
CA SER A 99 11.30 -6.02 0.78
C SER A 99 11.75 -5.59 -0.64
N PRO A 100 13.01 -5.84 -1.05
CA PRO A 100 14.01 -6.54 -0.22
C PRO A 100 14.47 -5.71 0.99
N ALA A 101 14.65 -4.42 0.78
CA ALA A 101 15.06 -3.48 1.79
C ALA A 101 15.03 -2.13 1.12
N LEU A 102 14.69 -1.10 1.83
CA LEU A 102 14.65 0.21 1.24
C LEU A 102 16.04 0.85 1.32
N PRO A 103 16.56 1.36 0.20
CA PRO A 103 17.89 2.00 0.15
C PRO A 103 17.84 3.46 0.58
N THR A 104 18.97 4.11 0.45
CA THR A 104 19.11 5.50 0.77
C THR A 104 18.58 6.34 -0.40
N GLY A 105 17.84 7.38 -0.13
CA GLY A 105 17.36 8.24 -1.19
C GLY A 105 15.90 8.00 -1.49
N PHE A 106 15.47 6.79 -1.28
CA PHE A 106 14.09 6.42 -1.51
C PHE A 106 13.25 6.66 -0.30
N LYS A 107 12.03 6.99 -0.53
CA LYS A 107 11.10 7.20 0.54
C LYS A 107 9.78 6.54 0.24
N ILE A 108 9.37 5.68 1.12
CA ILE A 108 8.09 5.07 1.05
C ILE A 108 7.13 5.88 1.91
N GLU A 109 6.36 6.67 1.25
CA GLU A 109 5.32 7.45 1.87
C GLU A 109 4.16 6.54 2.23
N GLY A 110 4.01 6.28 3.50
CA GLY A 110 2.91 5.51 3.99
C GLY A 110 1.85 6.40 4.58
N SER A 111 0.97 6.85 3.76
CA SER A 111 -0.07 7.74 4.19
C SER A 111 -1.45 7.14 3.90
N VAL A 112 -2.48 7.77 4.39
CA VAL A 112 -3.83 7.30 4.14
C VAL A 112 -4.45 8.24 3.13
N ASP A 113 -5.18 7.72 2.18
CA ASP A 113 -5.82 8.58 1.20
C ASP A 113 -7.28 8.77 1.61
N LYS A 114 -8.09 9.30 0.75
CA LYS A 114 -9.42 9.71 1.13
C LYS A 114 -10.48 9.02 0.31
N GLU A 115 -11.65 8.86 0.89
CA GLU A 115 -12.78 8.25 0.20
C GLU A 115 -13.40 9.29 -0.71
N GLY A 116 -13.48 10.50 -0.20
CA GLY A 116 -13.97 11.61 -0.96
C GLY A 116 -12.86 12.58 -1.16
N LYS A 117 -12.72 13.08 -2.34
CA LYS A 117 -11.60 13.90 -2.67
C LYS A 117 -11.93 15.38 -2.82
N PRO A 118 -11.43 16.22 -1.90
CA PRO A 118 -11.55 17.66 -1.99
C PRO A 118 -10.34 18.24 -2.72
N MET A 30 3.03 -22.34 34.98
CA MET A 30 3.35 -21.83 33.66
C MET A 30 2.65 -22.69 32.64
N ALA A 31 1.93 -22.06 31.75
CA ALA A 31 1.25 -22.77 30.70
C ALA A 31 2.26 -23.11 29.62
N ALA A 32 2.11 -24.27 29.04
CA ALA A 32 2.99 -24.71 27.98
C ALA A 32 2.81 -23.81 26.76
N PRO A 33 3.89 -23.17 26.29
CA PRO A 33 3.82 -22.27 25.16
C PRO A 33 3.69 -23.02 23.84
N THR A 34 2.47 -23.33 23.49
CA THR A 34 2.17 -23.94 22.24
C THR A 34 2.12 -22.84 21.19
N PRO A 35 3.01 -22.88 20.17
CA PRO A 35 3.06 -21.87 19.13
C PRO A 35 1.87 -22.01 18.17
N VAL A 36 0.75 -21.49 18.59
CA VAL A 36 -0.44 -21.53 17.81
C VAL A 36 -1.26 -20.24 18.00
N PRO A 37 -1.09 -19.30 17.07
CA PRO A 37 -1.90 -18.08 17.05
C PRO A 37 -3.31 -18.39 16.56
N GLY A 38 -3.40 -19.45 15.79
CA GLY A 38 -4.63 -19.89 15.24
C GLY A 38 -4.50 -19.98 13.75
N ILE A 39 -5.51 -20.44 13.09
CA ILE A 39 -5.50 -20.51 11.66
C ILE A 39 -6.17 -19.25 11.12
N PHE A 40 -5.38 -18.25 10.87
CA PHE A 40 -5.90 -17.01 10.38
C PHE A 40 -6.12 -17.10 8.90
N ASP A 41 -7.36 -17.17 8.52
CA ASP A 41 -7.71 -17.22 7.13
C ASP A 41 -7.71 -15.81 6.60
N ILE A 42 -6.63 -15.45 5.97
CA ILE A 42 -6.41 -14.09 5.60
C ILE A 42 -7.07 -13.70 4.30
N PHE A 43 -8.12 -12.96 4.45
CA PHE A 43 -8.82 -12.31 3.38
C PHE A 43 -8.98 -10.88 3.81
N LYS A 44 -8.73 -9.97 2.93
CA LYS A 44 -8.65 -8.57 3.30
C LYS A 44 -10.00 -7.88 3.39
N LYS A 45 -10.96 -8.31 2.55
CA LYS A 45 -12.33 -7.74 2.50
C LYS A 45 -12.30 -6.30 1.95
N PRO A 46 -13.46 -5.75 1.53
CA PRO A 46 -13.52 -4.36 1.11
C PRO A 46 -13.53 -3.43 2.33
N VAL A 47 -12.36 -3.21 2.86
CA VAL A 47 -12.19 -2.38 4.01
C VAL A 47 -11.80 -0.96 3.54
N PRO A 48 -12.45 0.08 4.09
CA PRO A 48 -12.18 1.47 3.73
C PRO A 48 -10.92 1.99 4.40
N THR A 49 -10.72 3.29 4.32
CA THR A 49 -9.56 4.00 4.85
C THR A 49 -8.28 3.45 4.24
N SER A 50 -8.30 3.36 2.92
CA SER A 50 -7.20 2.85 2.14
C SER A 50 -5.90 3.62 2.44
N CYS A 51 -4.83 2.89 2.50
CA CYS A 51 -3.55 3.42 2.82
C CYS A 51 -2.80 3.66 1.52
N LYS A 52 -2.28 4.83 1.32
CA LYS A 52 -1.55 5.11 0.13
C LYS A 52 -0.09 4.85 0.39
N LEU A 53 0.50 4.13 -0.49
CA LEU A 53 1.88 3.80 -0.45
C LEU A 53 2.53 4.39 -1.65
N ALA A 54 3.40 5.30 -1.42
CA ALA A 54 4.05 6.00 -2.50
C ALA A 54 5.54 5.87 -2.36
N LEU A 55 6.15 5.33 -3.35
CA LEU A 55 7.55 5.22 -3.38
C LEU A 55 8.09 6.31 -4.26
N THR A 56 9.02 7.01 -3.72
CA THR A 56 9.62 8.13 -4.35
C THR A 56 11.14 7.92 -4.34
N ASN A 57 11.84 8.41 -5.34
CA ASN A 57 13.30 8.26 -5.39
C ASN A 57 13.95 9.55 -4.92
N GLY A 58 15.29 9.61 -5.00
CA GLY A 58 16.07 10.75 -4.52
C GLY A 58 15.72 12.06 -5.18
N ASN A 59 15.20 12.00 -6.40
CA ASN A 59 14.81 13.19 -7.16
C ASN A 59 13.48 13.74 -6.69
N LYS A 60 12.90 13.12 -5.63
CA LYS A 60 11.60 13.51 -5.07
C LYS A 60 10.50 13.21 -6.06
N ARG A 61 10.77 12.29 -6.93
CA ARG A 61 9.82 11.90 -7.92
C ARG A 61 9.14 10.64 -7.47
N GLU A 62 7.84 10.64 -7.52
CA GLU A 62 7.04 9.51 -7.14
C GLU A 62 7.14 8.46 -8.26
N VAL A 63 7.80 7.37 -7.97
CA VAL A 63 8.02 6.34 -8.97
C VAL A 63 6.85 5.38 -8.97
N ASP A 64 6.21 5.22 -7.81
CA ASP A 64 5.06 4.36 -7.76
C ASP A 64 4.16 4.82 -6.64
N ALA A 65 2.94 4.35 -6.65
CA ALA A 65 1.91 4.80 -5.74
C ALA A 65 0.71 3.90 -5.85
N MET A 66 0.31 3.30 -4.75
CA MET A 66 -0.85 2.41 -4.72
C MET A 66 -1.63 2.59 -3.43
N LEU A 67 -2.90 2.30 -3.48
CA LEU A 67 -3.77 2.34 -2.33
C LEU A 67 -4.03 0.93 -1.83
N LEU A 68 -3.41 0.57 -0.76
CA LEU A 68 -3.55 -0.75 -0.19
C LEU A 68 -4.38 -0.70 1.09
N PRO A 69 -5.13 -1.75 1.38
CA PRO A 69 -5.88 -1.84 2.64
C PRO A 69 -4.92 -2.09 3.84
N PRO A 70 -5.34 -1.67 5.07
CA PRO A 70 -4.55 -1.84 6.31
C PRO A 70 -3.95 -3.25 6.47
N SER A 71 -2.64 -3.30 6.81
CA SER A 71 -1.86 -4.56 6.93
C SER A 71 -1.69 -5.25 5.55
N GLY A 72 -1.41 -4.43 4.55
CA GLY A 72 -1.20 -4.94 3.22
C GLY A 72 0.24 -4.82 2.78
N THR A 73 0.53 -5.42 1.67
CA THR A 73 1.83 -5.44 1.08
C THR A 73 1.76 -4.74 -0.29
N THR A 74 2.47 -3.67 -0.44
CA THR A 74 2.41 -2.92 -1.65
C THR A 74 3.65 -3.15 -2.49
N ILE A 75 3.47 -3.58 -3.72
CA ILE A 75 4.58 -3.78 -4.62
C ILE A 75 4.77 -2.52 -5.44
N LEU A 76 5.72 -1.73 -5.03
CA LEU A 76 6.01 -0.47 -5.67
C LEU A 76 7.20 -0.63 -6.60
N SER A 77 7.03 -0.25 -7.83
CA SER A 77 8.03 -0.47 -8.82
C SER A 77 8.80 0.82 -9.10
N ASP A 78 10.11 0.72 -8.97
CA ASP A 78 11.01 1.82 -9.23
C ASP A 78 11.28 1.94 -10.71
N THR A 79 11.02 3.10 -11.25
CA THR A 79 11.20 3.30 -12.67
C THR A 79 12.68 3.52 -13.03
N SER A 80 13.50 3.75 -12.02
CA SER A 80 14.90 4.00 -12.23
C SER A 80 15.64 2.67 -12.53
N GLY A 81 15.49 1.70 -11.64
CA GLY A 81 16.17 0.45 -11.79
C GLY A 81 15.32 -0.74 -11.41
N ALA A 82 14.08 -0.47 -10.98
CA ALA A 82 13.12 -1.51 -10.64
C ALA A 82 13.62 -2.47 -9.57
N GLY A 83 13.63 -1.98 -8.34
CA GLY A 83 14.07 -2.80 -7.23
C GLY A 83 12.95 -3.65 -6.70
N VAL A 84 11.73 -3.25 -7.10
CA VAL A 84 10.49 -3.88 -6.67
C VAL A 84 10.39 -3.82 -5.15
N PHE A 85 9.95 -2.71 -4.68
CA PHE A 85 9.90 -2.49 -3.29
C PHE A 85 8.58 -2.87 -2.72
N THR A 86 8.59 -3.93 -1.97
CA THR A 86 7.40 -4.43 -1.36
C THR A 86 7.28 -3.82 0.03
N ALA A 87 6.54 -2.76 0.11
CA ALA A 87 6.30 -2.05 1.34
C ALA A 87 5.18 -2.74 2.08
N LYS A 88 5.52 -3.35 3.16
CA LYS A 88 4.57 -4.02 3.99
C LYS A 88 4.13 -3.04 5.04
N VAL A 89 2.85 -2.81 5.15
CA VAL A 89 2.33 -1.89 6.13
C VAL A 89 1.63 -2.62 7.24
N ASN A 90 1.32 -1.89 8.28
CA ASN A 90 0.53 -2.42 9.38
C ASN A 90 -0.88 -1.81 9.25
N SER A 91 -1.78 -2.06 10.19
CA SER A 91 -3.15 -1.55 10.12
C SER A 91 -3.18 -0.04 10.30
N LYS A 92 -2.05 0.47 10.72
CA LYS A 92 -1.83 1.87 10.95
C LYS A 92 -1.58 2.61 9.62
N CYS A 93 -1.48 1.84 8.52
CA CYS A 93 -1.21 2.38 7.15
C CYS A 93 0.21 2.84 6.97
N GLU A 94 1.04 2.52 7.92
CA GLU A 94 2.41 2.90 7.84
C GLU A 94 3.20 1.73 7.40
N PHE A 95 4.23 2.01 6.64
CA PHE A 95 5.08 0.99 6.17
C PHE A 95 5.98 0.55 7.32
N THR A 96 6.04 -0.72 7.53
CA THR A 96 6.84 -1.28 8.56
C THR A 96 8.14 -1.82 7.97
N SER A 97 8.05 -2.51 6.85
CA SER A 97 9.22 -3.09 6.24
C SER A 97 9.08 -3.11 4.73
N VAL A 98 10.12 -2.74 4.05
CA VAL A 98 10.15 -2.83 2.62
C VAL A 98 11.10 -3.93 2.24
N SER A 99 10.64 -4.82 1.41
CA SER A 99 11.47 -5.87 0.92
C SER A 99 12.04 -5.44 -0.44
N PRO A 100 13.34 -5.69 -0.70
CA PRO A 100 14.26 -6.36 0.25
C PRO A 100 14.74 -5.42 1.38
N ALA A 101 14.90 -4.16 1.04
CA ALA A 101 15.35 -3.13 1.92
C ALA A 101 15.18 -1.83 1.19
N LEU A 102 14.76 -0.82 1.87
CA LEU A 102 14.59 0.47 1.27
C LEU A 102 15.86 1.29 1.48
N PRO A 103 16.50 1.74 0.39
CA PRO A 103 17.71 2.55 0.47
C PRO A 103 17.44 3.95 1.00
N THR A 104 18.49 4.64 1.34
CA THR A 104 18.42 5.93 1.96
C THR A 104 17.88 7.03 1.03
N GLY A 105 18.16 6.91 -0.25
CA GLY A 105 17.70 7.91 -1.21
C GLY A 105 16.21 7.79 -1.52
N PHE A 106 15.63 6.67 -1.16
CA PHE A 106 14.24 6.43 -1.43
C PHE A 106 13.37 6.68 -0.24
N LYS A 107 12.15 7.04 -0.51
CA LYS A 107 11.19 7.31 0.53
C LYS A 107 9.85 6.65 0.19
N ILE A 108 9.37 5.87 1.14
CA ILE A 108 8.08 5.25 1.07
C ILE A 108 7.13 6.01 1.97
N GLU A 109 6.23 6.69 1.37
CA GLU A 109 5.17 7.37 2.04
C GLU A 109 4.03 6.45 2.30
N GLY A 110 3.86 6.09 3.54
CA GLY A 110 2.77 5.30 3.97
C GLY A 110 1.78 6.18 4.67
N SER A 111 0.84 6.65 3.94
CA SER A 111 -0.13 7.56 4.46
C SER A 111 -1.52 6.97 4.21
N VAL A 112 -2.53 7.75 4.46
CA VAL A 112 -3.90 7.33 4.27
C VAL A 112 -4.49 8.18 3.17
N ASP A 113 -5.42 7.63 2.42
CA ASP A 113 -6.11 8.33 1.35
C ASP A 113 -7.24 9.21 1.99
N LYS A 114 -8.31 9.45 1.28
CA LYS A 114 -9.36 10.32 1.75
C LYS A 114 -10.72 9.72 1.45
N GLU A 115 -11.72 10.22 2.13
CA GLU A 115 -13.10 9.78 1.97
C GLU A 115 -13.60 10.14 0.56
N GLY A 116 -13.06 11.20 0.02
CA GLY A 116 -13.43 11.64 -1.27
C GLY A 116 -12.84 12.99 -1.52
N LYS A 117 -13.28 13.62 -2.58
CA LYS A 117 -12.83 14.95 -2.96
C LYS A 117 -13.08 15.98 -1.83
N PRO A 118 -12.02 16.64 -1.35
CA PRO A 118 -12.15 17.69 -0.36
C PRO A 118 -12.67 18.96 -1.01
N MET A 30 -31.91 -12.27 29.00
CA MET A 30 -30.95 -13.15 28.32
C MET A 30 -31.57 -13.66 27.05
N ALA A 31 -30.84 -13.58 25.97
CA ALA A 31 -31.30 -13.99 24.68
C ALA A 31 -30.30 -14.92 24.06
N ALA A 32 -30.74 -15.75 23.15
CA ALA A 32 -29.88 -16.68 22.50
C ALA A 32 -29.46 -16.13 21.16
N PRO A 33 -28.15 -16.17 20.84
CA PRO A 33 -27.63 -15.71 19.56
C PRO A 33 -28.33 -16.39 18.40
N THR A 34 -29.17 -15.67 17.72
CA THR A 34 -29.87 -16.18 16.59
C THR A 34 -29.06 -15.83 15.35
N PRO A 35 -28.37 -16.81 14.77
CA PRO A 35 -27.46 -16.56 13.68
C PRO A 35 -28.10 -16.66 12.31
N VAL A 36 -27.42 -16.10 11.35
CA VAL A 36 -27.78 -16.24 9.98
C VAL A 36 -27.12 -17.52 9.46
N PRO A 37 -27.50 -18.04 8.26
CA PRO A 37 -26.87 -19.23 7.65
C PRO A 37 -25.33 -19.13 7.60
N GLY A 38 -24.83 -17.92 7.54
CA GLY A 38 -23.39 -17.69 7.52
C GLY A 38 -22.87 -17.62 6.13
N ILE A 39 -23.16 -18.64 5.39
CA ILE A 39 -22.83 -18.67 3.99
C ILE A 39 -23.86 -17.90 3.18
N PHE A 40 -23.51 -16.71 2.80
CA PHE A 40 -24.39 -15.86 2.03
C PHE A 40 -23.58 -15.02 1.08
N ASP A 41 -24.26 -14.32 0.21
CA ASP A 41 -23.61 -13.43 -0.75
C ASP A 41 -23.10 -12.22 -0.03
N ILE A 42 -21.82 -11.98 -0.14
CA ILE A 42 -21.22 -10.86 0.52
C ILE A 42 -20.92 -9.79 -0.50
N PHE A 43 -20.68 -8.60 -0.02
CA PHE A 43 -20.38 -7.49 -0.87
C PHE A 43 -18.92 -7.52 -1.30
N LYS A 44 -18.60 -6.80 -2.36
CA LYS A 44 -17.24 -6.72 -2.89
C LYS A 44 -16.33 -6.04 -1.88
N LYS A 45 -16.89 -5.07 -1.17
CA LYS A 45 -16.21 -4.32 -0.11
C LYS A 45 -15.05 -3.47 -0.59
N PRO A 46 -15.32 -2.25 -1.04
CA PRO A 46 -14.28 -1.28 -1.29
C PRO A 46 -13.71 -0.90 0.07
N VAL A 47 -12.46 -1.23 0.29
CA VAL A 47 -11.83 -1.01 1.58
C VAL A 47 -11.68 0.49 1.84
N PRO A 48 -12.36 1.00 2.88
CA PRO A 48 -12.28 2.40 3.22
C PRO A 48 -11.00 2.67 3.99
N THR A 49 -10.70 3.95 4.22
CA THR A 49 -9.48 4.39 4.90
C THR A 49 -8.24 3.78 4.23
N SER A 50 -8.27 3.79 2.89
CA SER A 50 -7.25 3.19 2.07
C SER A 50 -5.88 3.76 2.37
N CYS A 51 -4.92 2.89 2.48
CA CYS A 51 -3.58 3.26 2.76
C CYS A 51 -2.89 3.55 1.43
N LYS A 52 -2.55 4.78 1.23
CA LYS A 52 -1.89 5.20 0.03
C LYS A 52 -0.41 5.10 0.25
N LEU A 53 0.17 4.11 -0.34
CA LEU A 53 1.57 3.84 -0.25
C LEU A 53 2.26 4.29 -1.50
N ALA A 54 3.23 5.14 -1.35
CA ALA A 54 3.97 5.65 -2.48
C ALA A 54 5.43 5.37 -2.31
N LEU A 55 6.08 5.07 -3.39
CA LEU A 55 7.50 4.84 -3.40
C LEU A 55 8.11 5.90 -4.25
N THR A 56 8.87 6.75 -3.62
CA THR A 56 9.53 7.82 -4.30
C THR A 56 11.01 7.49 -4.35
N ASN A 57 11.65 7.81 -5.45
CA ASN A 57 13.08 7.55 -5.60
C ASN A 57 13.94 8.51 -4.77
N GLY A 58 15.27 8.44 -4.96
CA GLY A 58 16.18 9.32 -4.23
C GLY A 58 16.05 10.77 -4.62
N ASN A 59 15.42 10.99 -5.74
CA ASN A 59 15.17 12.32 -6.29
C ASN A 59 13.82 12.79 -5.80
N LYS A 60 13.17 11.92 -5.02
CA LYS A 60 11.88 12.14 -4.40
C LYS A 60 10.76 12.20 -5.41
N ARG A 61 10.98 11.65 -6.57
CA ARG A 61 9.95 11.59 -7.56
C ARG A 61 9.14 10.35 -7.27
N GLU A 62 7.85 10.52 -7.18
CA GLU A 62 6.95 9.40 -6.92
C GLU A 62 6.96 8.48 -8.12
N VAL A 63 7.62 7.37 -7.98
CA VAL A 63 7.75 6.44 -9.08
C VAL A 63 6.63 5.43 -9.05
N ASP A 64 6.12 5.13 -7.86
CA ASP A 64 4.99 4.22 -7.76
C ASP A 64 4.10 4.67 -6.62
N ALA A 65 2.90 4.15 -6.58
CA ALA A 65 1.87 4.56 -5.63
C ALA A 65 0.65 3.69 -5.80
N MET A 66 0.18 3.11 -4.70
CA MET A 66 -1.03 2.30 -4.70
C MET A 66 -1.83 2.50 -3.43
N LEU A 67 -3.12 2.40 -3.56
CA LEU A 67 -4.04 2.40 -2.45
C LEU A 67 -4.29 0.97 -2.02
N LEU A 68 -3.74 0.57 -0.91
CA LEU A 68 -3.93 -0.78 -0.42
C LEU A 68 -4.66 -0.81 0.91
N PRO A 69 -5.22 -1.97 1.29
CA PRO A 69 -5.86 -2.14 2.59
C PRO A 69 -4.83 -2.12 3.74
N PRO A 70 -5.28 -1.81 4.97
CA PRO A 70 -4.42 -1.81 6.15
C PRO A 70 -3.72 -3.17 6.33
N SER A 71 -2.42 -3.13 6.69
CA SER A 71 -1.58 -4.31 6.92
C SER A 71 -1.25 -5.05 5.61
N GLY A 72 -1.40 -4.35 4.49
CA GLY A 72 -1.12 -4.94 3.22
C GLY A 72 0.35 -4.79 2.83
N THR A 73 0.72 -5.49 1.79
CA THR A 73 2.05 -5.45 1.27
C THR A 73 2.03 -4.79 -0.10
N THR A 74 2.41 -3.55 -0.16
CA THR A 74 2.30 -2.81 -1.38
C THR A 74 3.55 -2.96 -2.24
N ILE A 75 3.38 -3.58 -3.39
CA ILE A 75 4.46 -3.76 -4.35
C ILE A 75 4.56 -2.49 -5.18
N LEU A 76 5.58 -1.74 -4.93
CA LEU A 76 5.80 -0.48 -5.57
C LEU A 76 7.10 -0.57 -6.36
N SER A 77 7.06 -0.30 -7.63
CA SER A 77 8.24 -0.49 -8.39
C SER A 77 8.83 0.83 -8.87
N ASP A 78 10.12 0.87 -8.94
CA ASP A 78 10.85 2.05 -9.34
C ASP A 78 11.11 2.08 -10.82
N THR A 79 10.60 3.08 -11.48
CA THR A 79 10.75 3.20 -12.89
C THR A 79 12.17 3.70 -13.26
N SER A 80 12.90 4.19 -12.29
CA SER A 80 14.23 4.72 -12.52
C SER A 80 15.25 3.58 -12.75
N GLY A 81 15.29 2.63 -11.84
CA GLY A 81 16.21 1.55 -11.94
C GLY A 81 15.62 0.24 -11.49
N ALA A 82 14.38 0.27 -10.98
CA ALA A 82 13.64 -0.91 -10.59
C ALA A 82 14.24 -1.66 -9.41
N GLY A 83 13.82 -1.27 -8.23
CA GLY A 83 14.22 -1.98 -7.04
C GLY A 83 13.14 -2.93 -6.59
N VAL A 84 11.92 -2.71 -7.14
CA VAL A 84 10.70 -3.46 -6.80
C VAL A 84 10.53 -3.52 -5.28
N PHE A 85 10.05 -2.45 -4.73
CA PHE A 85 9.97 -2.34 -3.32
C PHE A 85 8.62 -2.75 -2.79
N THR A 86 8.64 -3.76 -1.99
CA THR A 86 7.44 -4.24 -1.39
C THR A 86 7.36 -3.70 0.03
N ALA A 87 6.58 -2.66 0.18
CA ALA A 87 6.39 -2.02 1.45
C ALA A 87 5.31 -2.72 2.21
N LYS A 88 5.70 -3.42 3.22
CA LYS A 88 4.79 -4.10 4.08
C LYS A 88 4.39 -3.14 5.15
N VAL A 89 3.11 -2.82 5.19
CA VAL A 89 2.60 -1.85 6.11
C VAL A 89 1.82 -2.49 7.22
N ASN A 90 1.51 -1.69 8.19
CA ASN A 90 0.71 -2.11 9.30
C ASN A 90 -0.69 -1.52 9.09
N SER A 91 -1.61 -1.77 9.99
CA SER A 91 -2.99 -1.34 9.85
C SER A 91 -3.09 0.18 9.91
N LYS A 92 -2.09 0.77 10.51
CA LYS A 92 -1.93 2.21 10.66
C LYS A 92 -1.62 2.87 9.30
N CYS A 93 -1.44 2.04 8.26
CA CYS A 93 -1.16 2.47 6.88
C CYS A 93 0.26 2.94 6.67
N GLU A 94 1.12 2.66 7.61
CA GLU A 94 2.48 3.07 7.49
C GLU A 94 3.32 1.87 7.29
N PHE A 95 4.41 2.04 6.60
CA PHE A 95 5.26 0.95 6.26
C PHE A 95 6.12 0.53 7.45
N THR A 96 6.23 -0.75 7.63
CA THR A 96 7.01 -1.29 8.68
C THR A 96 8.30 -1.92 8.13
N SER A 97 8.21 -2.56 6.97
CA SER A 97 9.38 -3.16 6.36
C SER A 97 9.23 -3.24 4.84
N VAL A 98 10.26 -2.86 4.12
CA VAL A 98 10.28 -2.96 2.67
C VAL A 98 11.19 -4.10 2.23
N SER A 99 10.73 -4.88 1.30
CA SER A 99 11.52 -5.90 0.69
C SER A 99 11.94 -5.39 -0.70
N PRO A 100 13.20 -5.57 -1.12
CA PRO A 100 14.24 -6.26 -0.33
C PRO A 100 14.69 -5.43 0.88
N ALA A 101 14.85 -4.15 0.68
CA ALA A 101 15.30 -3.21 1.66
C ALA A 101 15.24 -1.85 1.03
N LEU A 102 14.79 -0.88 1.76
CA LEU A 102 14.68 0.46 1.23
C LEU A 102 16.00 1.20 1.43
N PRO A 103 16.58 1.73 0.35
CA PRO A 103 17.83 2.51 0.43
C PRO A 103 17.63 3.88 1.11
N THR A 104 18.69 4.65 1.17
CA THR A 104 18.69 5.93 1.86
C THR A 104 17.88 7.03 1.15
N GLY A 105 17.99 7.10 -0.17
CA GLY A 105 17.34 8.16 -0.90
C GLY A 105 15.86 7.93 -1.08
N PHE A 106 15.49 6.68 -1.21
CA PHE A 106 14.11 6.32 -1.43
C PHE A 106 13.25 6.52 -0.21
N LYS A 107 11.99 6.72 -0.45
CA LYS A 107 11.02 6.91 0.59
C LYS A 107 9.80 6.08 0.29
N ILE A 108 9.10 5.74 1.31
CA ILE A 108 7.88 5.02 1.25
C ILE A 108 6.87 5.79 2.03
N GLU A 109 6.00 6.38 1.32
CA GLU A 109 5.03 7.20 1.88
C GLU A 109 3.87 6.36 2.30
N GLY A 110 3.76 6.16 3.57
CA GLY A 110 2.68 5.42 4.10
C GLY A 110 1.68 6.37 4.65
N SER A 111 0.78 6.76 3.83
CA SER A 111 -0.22 7.69 4.21
C SER A 111 -1.59 7.10 4.05
N VAL A 112 -2.57 7.75 4.58
CA VAL A 112 -3.93 7.31 4.42
C VAL A 112 -4.56 8.26 3.42
N ASP A 113 -5.54 7.80 2.66
CA ASP A 113 -6.26 8.65 1.69
C ASP A 113 -6.96 9.81 2.41
N LYS A 114 -7.35 9.56 3.64
CA LYS A 114 -8.07 10.55 4.40
C LYS A 114 -7.09 11.36 5.24
N GLU A 115 -7.61 12.29 6.02
CA GLU A 115 -6.80 13.12 6.91
C GLU A 115 -6.32 12.30 8.12
N GLY A 116 -7.08 11.29 8.48
CA GLY A 116 -6.73 10.43 9.56
C GLY A 116 -7.70 9.29 9.66
N LYS A 117 -7.38 8.30 10.45
CA LYS A 117 -8.24 7.17 10.67
C LYS A 117 -8.78 7.21 12.10
N PRO A 118 -10.02 7.63 12.29
CA PRO A 118 -10.67 7.62 13.58
C PRO A 118 -11.39 6.28 13.80
N MET A 30 -47.94 -22.06 21.15
CA MET A 30 -46.95 -22.80 20.37
C MET A 30 -47.07 -22.44 18.89
N ALA A 31 -48.24 -22.03 18.47
CA ALA A 31 -48.44 -21.67 17.10
C ALA A 31 -48.16 -20.20 16.91
N ALA A 32 -46.90 -19.91 16.68
CA ALA A 32 -46.42 -18.57 16.47
C ALA A 32 -44.98 -18.63 16.02
N PRO A 33 -44.69 -18.30 14.76
CA PRO A 33 -43.33 -18.26 14.26
C PRO A 33 -42.67 -16.92 14.63
N THR A 34 -41.52 -16.66 14.09
CA THR A 34 -40.86 -15.42 14.35
C THR A 34 -40.94 -14.52 13.11
N PRO A 35 -41.79 -13.47 13.15
CA PRO A 35 -41.84 -12.48 12.09
C PRO A 35 -40.56 -11.67 12.15
N VAL A 36 -39.78 -11.69 11.09
CA VAL A 36 -38.49 -11.02 11.10
C VAL A 36 -38.60 -9.51 10.87
N PRO A 37 -38.24 -8.71 11.87
CA PRO A 37 -38.27 -7.26 11.79
C PRO A 37 -36.90 -6.73 11.36
N GLY A 38 -36.23 -7.49 10.52
CA GLY A 38 -34.92 -7.16 10.03
C GLY A 38 -34.91 -5.90 9.20
N ILE A 39 -33.80 -5.24 9.17
CA ILE A 39 -33.64 -4.00 8.44
C ILE A 39 -32.37 -4.03 7.60
N PHE A 40 -32.29 -3.13 6.65
CA PHE A 40 -31.08 -2.96 5.88
C PHE A 40 -30.41 -1.69 6.33
N ASP A 41 -29.59 -1.80 7.34
CA ASP A 41 -28.87 -0.68 7.88
C ASP A 41 -27.64 -0.44 7.04
N ILE A 42 -27.48 0.77 6.57
CA ILE A 42 -26.38 1.08 5.70
C ILE A 42 -25.24 1.67 6.48
N PHE A 43 -24.08 1.58 5.93
CA PHE A 43 -22.88 2.05 6.58
C PHE A 43 -22.57 3.44 6.09
N LYS A 44 -22.98 4.44 6.85
CA LYS A 44 -22.73 5.82 6.50
C LYS A 44 -21.43 6.32 7.10
N LYS A 45 -20.55 5.42 7.44
CA LYS A 45 -19.27 5.80 7.94
C LYS A 45 -18.17 5.31 7.03
N PRO A 46 -17.78 6.13 6.05
CA PRO A 46 -16.67 5.83 5.18
C PRO A 46 -15.39 6.18 5.90
N VAL A 47 -14.76 5.17 6.42
CA VAL A 47 -13.53 5.34 7.14
C VAL A 47 -12.40 5.42 6.14
N PRO A 48 -11.71 6.56 6.06
CA PRO A 48 -10.61 6.72 5.16
C PRO A 48 -9.36 6.06 5.71
N THR A 49 -9.22 4.80 5.40
CA THR A 49 -8.08 4.03 5.81
C THR A 49 -7.50 3.24 4.64
N SER A 50 -7.62 3.80 3.46
CA SER A 50 -6.95 3.27 2.31
C SER A 50 -5.54 3.81 2.40
N CYS A 51 -4.60 2.94 2.51
CA CYS A 51 -3.24 3.33 2.74
C CYS A 51 -2.56 3.57 1.42
N LYS A 52 -2.11 4.76 1.20
CA LYS A 52 -1.37 5.02 0.00
C LYS A 52 0.08 4.83 0.28
N LEU A 53 0.71 4.08 -0.53
CA LEU A 53 2.10 3.80 -0.39
C LEU A 53 2.79 4.34 -1.58
N ALA A 54 3.49 5.41 -1.37
CA ALA A 54 4.19 6.07 -2.41
C ALA A 54 5.67 5.85 -2.25
N LEU A 55 6.25 5.25 -3.24
CA LEU A 55 7.65 5.08 -3.28
C LEU A 55 8.18 6.22 -4.10
N THR A 56 8.95 7.04 -3.48
CA THR A 56 9.51 8.21 -4.09
C THR A 56 11.03 8.10 -4.04
N ASN A 57 11.70 8.59 -5.07
CA ASN A 57 13.16 8.52 -5.14
C ASN A 57 13.80 9.68 -4.37
N GLY A 58 15.13 9.81 -4.49
CA GLY A 58 15.86 10.84 -3.76
C GLY A 58 15.46 12.24 -4.16
N ASN A 59 15.06 12.40 -5.41
CA ASN A 59 14.59 13.71 -5.90
C ASN A 59 13.11 13.89 -5.65
N LYS A 60 12.55 13.00 -4.82
CA LYS A 60 11.16 13.03 -4.41
C LYS A 60 10.20 12.81 -5.55
N ARG A 61 10.69 12.22 -6.61
CA ARG A 61 9.83 11.91 -7.71
C ARG A 61 9.12 10.64 -7.35
N GLU A 62 7.83 10.66 -7.49
CA GLU A 62 7.03 9.53 -7.13
C GLU A 62 7.18 8.44 -8.18
N VAL A 63 7.97 7.46 -7.83
CA VAL A 63 8.30 6.35 -8.67
C VAL A 63 7.09 5.46 -8.84
N ASP A 64 6.46 5.13 -7.73
CA ASP A 64 5.27 4.31 -7.80
C ASP A 64 4.42 4.65 -6.61
N ALA A 65 3.22 4.17 -6.59
CA ALA A 65 2.23 4.54 -5.59
C ALA A 65 1.02 3.65 -5.74
N MET A 66 0.59 3.05 -4.66
CA MET A 66 -0.59 2.22 -4.69
C MET A 66 -1.43 2.42 -3.44
N LEU A 67 -2.71 2.16 -3.57
CA LEU A 67 -3.63 2.19 -2.45
C LEU A 67 -3.85 0.78 -1.95
N LEU A 68 -3.29 0.49 -0.83
CA LEU A 68 -3.39 -0.80 -0.21
C LEU A 68 -4.28 -0.70 1.02
N PRO A 69 -4.95 -1.77 1.40
CA PRO A 69 -5.74 -1.79 2.61
C PRO A 69 -4.83 -1.95 3.85
N PRO A 70 -5.38 -1.73 5.07
CA PRO A 70 -4.63 -1.91 6.31
C PRO A 70 -3.92 -3.28 6.37
N SER A 71 -2.63 -3.23 6.70
CA SER A 71 -1.77 -4.43 6.84
C SER A 71 -1.47 -5.09 5.47
N GLY A 72 -1.61 -4.33 4.41
CA GLY A 72 -1.35 -4.84 3.11
C GLY A 72 0.11 -4.68 2.72
N THR A 73 0.53 -5.44 1.75
CA THR A 73 1.86 -5.36 1.25
C THR A 73 1.84 -4.72 -0.13
N THR A 74 2.55 -3.65 -0.28
CA THR A 74 2.52 -2.89 -1.51
C THR A 74 3.74 -3.20 -2.36
N ILE A 75 3.51 -3.62 -3.57
CA ILE A 75 4.60 -3.90 -4.47
C ILE A 75 4.77 -2.75 -5.46
N LEU A 76 5.76 -1.93 -5.23
CA LEU A 76 6.03 -0.78 -6.06
C LEU A 76 7.05 -1.16 -7.12
N SER A 77 6.88 -0.65 -8.31
CA SER A 77 7.77 -0.99 -9.40
C SER A 77 8.59 0.23 -9.83
N ASP A 78 9.88 0.13 -9.63
CA ASP A 78 10.81 1.21 -9.95
C ASP A 78 10.91 1.49 -11.41
N THR A 79 10.53 2.66 -11.77
CA THR A 79 10.80 3.15 -13.08
C THR A 79 12.27 3.70 -13.05
N SER A 80 12.82 3.72 -11.86
CA SER A 80 14.14 4.17 -11.54
C SER A 80 15.17 3.01 -11.54
N GLY A 81 14.89 1.94 -12.29
CA GLY A 81 15.85 0.85 -12.35
C GLY A 81 15.25 -0.52 -12.12
N ALA A 82 13.93 -0.58 -11.93
CA ALA A 82 13.19 -1.82 -11.69
C ALA A 82 13.80 -2.67 -10.57
N GLY A 83 13.59 -2.26 -9.34
CA GLY A 83 14.08 -3.00 -8.22
C GLY A 83 12.94 -3.78 -7.64
N VAL A 84 11.80 -3.13 -7.58
CA VAL A 84 10.55 -3.69 -7.10
C VAL A 84 10.56 -3.79 -5.59
N PHE A 85 9.97 -2.81 -4.98
CA PHE A 85 9.93 -2.73 -3.52
C PHE A 85 8.60 -3.13 -2.95
N THR A 86 8.64 -4.04 -2.01
CA THR A 86 7.44 -4.46 -1.34
C THR A 86 7.37 -3.82 0.05
N ALA A 87 6.63 -2.73 0.12
CA ALA A 87 6.44 -1.99 1.36
C ALA A 87 5.26 -2.57 2.09
N LYS A 88 5.56 -3.23 3.15
CA LYS A 88 4.55 -3.85 3.97
C LYS A 88 4.10 -2.86 5.00
N VAL A 89 2.82 -2.75 5.23
CA VAL A 89 2.33 -1.85 6.24
C VAL A 89 1.62 -2.57 7.36
N ASN A 90 1.32 -1.85 8.39
CA ASN A 90 0.52 -2.34 9.50
C ASN A 90 -0.90 -1.75 9.27
N SER A 91 -1.85 -2.00 10.14
CA SER A 91 -3.23 -1.53 9.93
C SER A 91 -3.32 -0.01 10.00
N LYS A 92 -2.28 0.58 10.55
CA LYS A 92 -2.16 2.02 10.71
C LYS A 92 -1.63 2.70 9.43
N CYS A 93 -1.48 1.89 8.35
CA CYS A 93 -1.07 2.39 7.00
C CYS A 93 0.36 2.85 6.93
N GLU A 94 1.10 2.52 7.94
CA GLU A 94 2.47 2.90 7.99
C GLU A 94 3.31 1.73 7.64
N PHE A 95 4.30 1.98 6.81
CA PHE A 95 5.18 0.95 6.37
C PHE A 95 6.03 0.43 7.53
N THR A 96 6.06 -0.87 7.65
CA THR A 96 6.81 -1.55 8.64
C THR A 96 8.11 -2.10 8.07
N SER A 97 8.04 -2.72 6.90
CA SER A 97 9.22 -3.28 6.28
C SER A 97 9.11 -3.25 4.78
N VAL A 98 10.18 -2.86 4.12
CA VAL A 98 10.22 -2.88 2.69
C VAL A 98 11.17 -3.99 2.26
N SER A 99 10.70 -4.84 1.40
CA SER A 99 11.51 -5.88 0.82
C SER A 99 11.97 -5.41 -0.57
N PRO A 100 13.24 -5.66 -0.95
CA PRO A 100 14.24 -6.34 -0.10
C PRO A 100 14.67 -5.48 1.09
N ALA A 101 14.88 -4.21 0.83
CA ALA A 101 15.25 -3.21 1.81
C ALA A 101 15.22 -1.89 1.12
N LEU A 102 14.73 -0.90 1.79
CA LEU A 102 14.63 0.42 1.22
C LEU A 102 15.99 1.11 1.31
N PRO A 103 16.56 1.47 0.16
CA PRO A 103 17.89 2.09 0.08
C PRO A 103 17.87 3.56 0.49
N THR A 104 19.03 4.16 0.44
CA THR A 104 19.19 5.55 0.78
C THR A 104 18.65 6.41 -0.37
N GLY A 105 17.82 7.37 -0.04
CA GLY A 105 17.26 8.24 -1.05
C GLY A 105 15.80 7.99 -1.23
N PHE A 106 15.41 6.74 -1.16
CA PHE A 106 14.04 6.37 -1.37
C PHE A 106 13.19 6.60 -0.15
N LYS A 107 11.99 7.08 -0.38
CA LYS A 107 11.06 7.36 0.66
C LYS A 107 9.76 6.65 0.39
N ILE A 108 9.42 5.71 1.25
CA ILE A 108 8.14 5.07 1.22
C ILE A 108 7.23 5.86 2.14
N GLU A 109 6.46 6.67 1.55
CA GLU A 109 5.59 7.52 2.24
C GLU A 109 4.21 6.94 2.25
N GLY A 110 3.83 6.47 3.41
CA GLY A 110 2.55 5.90 3.59
C GLY A 110 1.60 6.92 4.14
N SER A 111 0.94 7.59 3.24
CA SER A 111 -0.07 8.54 3.60
C SER A 111 -1.42 7.88 3.45
N VAL A 112 -2.35 8.24 4.25
CA VAL A 112 -3.65 7.61 4.19
C VAL A 112 -4.53 8.42 3.25
N ASP A 113 -5.28 7.74 2.41
CA ASP A 113 -6.19 8.36 1.45
C ASP A 113 -7.31 9.12 2.17
N LYS A 114 -7.95 10.00 1.47
CA LYS A 114 -8.89 10.91 2.04
C LYS A 114 -10.33 10.59 1.61
N GLU A 115 -11.26 11.44 2.03
CA GLU A 115 -12.68 11.32 1.70
C GLU A 115 -12.86 11.43 0.17
N GLY A 116 -12.26 12.44 -0.40
CA GLY A 116 -12.30 12.64 -1.81
C GLY A 116 -11.18 11.93 -2.50
N LYS A 117 -10.60 12.58 -3.46
CA LYS A 117 -9.50 12.02 -4.22
C LYS A 117 -8.19 12.28 -3.50
N PRO A 118 -7.26 11.33 -3.54
CA PRO A 118 -5.95 11.47 -2.91
C PRO A 118 -5.16 12.63 -3.53
N MET A 30 20.73 -30.89 3.94
CA MET A 30 19.65 -30.07 3.40
C MET A 30 20.17 -28.68 3.12
N ALA A 31 20.25 -28.31 1.86
CA ALA A 31 20.75 -27.01 1.45
C ALA A 31 20.23 -26.64 0.08
N ALA A 32 19.13 -25.96 0.03
CA ALA A 32 18.58 -25.53 -1.23
C ALA A 32 17.98 -24.13 -1.10
N PRO A 33 18.78 -23.09 -1.42
CA PRO A 33 18.30 -21.71 -1.42
C PRO A 33 17.19 -21.57 -2.45
N THR A 34 15.99 -21.46 -1.98
CA THR A 34 14.86 -21.45 -2.83
C THR A 34 14.43 -20.02 -3.12
N PRO A 35 14.34 -19.64 -4.42
CA PRO A 35 13.82 -18.35 -4.80
C PRO A 35 12.33 -18.31 -4.43
N VAL A 36 12.01 -17.48 -3.48
CA VAL A 36 10.69 -17.45 -2.93
C VAL A 36 9.68 -16.74 -3.83
N PRO A 37 8.52 -17.36 -4.09
CA PRO A 37 7.44 -16.72 -4.80
C PRO A 37 6.77 -15.69 -3.90
N GLY A 38 6.11 -14.74 -4.49
CA GLY A 38 5.41 -13.75 -3.71
C GLY A 38 3.98 -14.14 -3.56
N ILE A 39 3.13 -13.20 -3.22
CA ILE A 39 1.72 -13.48 -3.14
C ILE A 39 1.12 -13.35 -4.53
N PHE A 40 0.06 -14.05 -4.76
CA PHE A 40 -0.65 -13.93 -5.99
C PHE A 40 -1.93 -13.19 -5.68
N ASP A 41 -1.94 -11.92 -5.98
CA ASP A 41 -3.07 -11.09 -5.65
C ASP A 41 -4.20 -11.28 -6.61
N ILE A 42 -5.26 -11.85 -6.11
CA ILE A 42 -6.44 -12.14 -6.88
C ILE A 42 -7.36 -10.91 -6.89
N PHE A 43 -8.54 -11.05 -7.43
CA PHE A 43 -9.47 -9.93 -7.50
C PHE A 43 -9.91 -9.52 -6.10
N LYS A 44 -9.77 -8.24 -5.82
CA LYS A 44 -10.09 -7.65 -4.53
C LYS A 44 -10.97 -6.43 -4.78
N LYS A 45 -11.51 -5.87 -3.73
CA LYS A 45 -12.27 -4.65 -3.81
C LYS A 45 -11.50 -3.55 -3.08
N PRO A 46 -11.69 -2.27 -3.42
CA PRO A 46 -11.00 -1.18 -2.76
C PRO A 46 -11.55 -0.95 -1.35
N VAL A 47 -10.75 -1.20 -0.36
CA VAL A 47 -11.12 -1.04 1.03
C VAL A 47 -10.93 0.44 1.42
N PRO A 48 -11.89 1.05 2.18
CA PRO A 48 -11.78 2.45 2.65
C PRO A 48 -10.58 2.61 3.57
N THR A 49 -10.22 3.87 3.86
CA THR A 49 -9.02 4.21 4.63
C THR A 49 -7.81 3.59 3.95
N SER A 50 -7.81 3.70 2.64
CA SER A 50 -6.81 3.14 1.78
C SER A 50 -5.45 3.74 2.14
N CYS A 51 -4.49 2.90 2.32
CA CYS A 51 -3.19 3.35 2.66
C CYS A 51 -2.45 3.62 1.36
N LYS A 52 -2.16 4.86 1.13
CA LYS A 52 -1.49 5.29 -0.07
C LYS A 52 0.00 5.21 0.17
N LEU A 53 0.59 4.17 -0.34
CA LEU A 53 1.99 3.97 -0.23
C LEU A 53 2.66 4.58 -1.41
N ALA A 54 3.48 5.53 -1.15
CA ALA A 54 4.18 6.25 -2.16
C ALA A 54 5.64 5.94 -2.06
N LEU A 55 6.19 5.47 -3.13
CA LEU A 55 7.59 5.21 -3.19
C LEU A 55 8.19 6.21 -4.12
N THR A 56 8.93 7.13 -3.52
CA THR A 56 9.57 8.19 -4.24
C THR A 56 11.07 7.98 -4.19
N ASN A 57 11.74 8.31 -5.26
CA ASN A 57 13.20 8.21 -5.31
C ASN A 57 13.86 9.44 -4.65
N GLY A 58 15.19 9.53 -4.74
CA GLY A 58 15.95 10.64 -4.14
C GLY A 58 15.64 11.98 -4.78
N ASN A 59 15.20 11.95 -6.01
CA ASN A 59 14.79 13.15 -6.76
C ASN A 59 13.35 13.48 -6.44
N LYS A 60 12.78 12.70 -5.50
CA LYS A 60 11.43 12.85 -5.00
C LYS A 60 10.38 12.55 -6.03
N ARG A 61 10.74 11.82 -7.05
CA ARG A 61 9.79 11.41 -8.03
C ARG A 61 9.03 10.26 -7.46
N GLU A 62 7.74 10.42 -7.32
CA GLU A 62 6.89 9.37 -6.83
C GLU A 62 6.76 8.38 -7.94
N VAL A 63 7.61 7.38 -7.89
CA VAL A 63 7.71 6.43 -8.94
C VAL A 63 6.61 5.43 -8.85
N ASP A 64 6.16 5.15 -7.64
CA ASP A 64 5.02 4.28 -7.51
C ASP A 64 4.10 4.84 -6.45
N ALA A 65 2.88 4.43 -6.52
CA ALA A 65 1.81 4.94 -5.71
C ALA A 65 0.71 3.92 -5.73
N MET A 66 0.48 3.27 -4.61
CA MET A 66 -0.54 2.26 -4.54
C MET A 66 -1.43 2.45 -3.33
N LEU A 67 -2.72 2.39 -3.56
CA LEU A 67 -3.70 2.42 -2.51
C LEU A 67 -3.94 1.02 -2.03
N LEU A 68 -3.22 0.64 -1.03
CA LEU A 68 -3.23 -0.67 -0.53
C LEU A 68 -4.06 -0.72 0.76
N PRO A 69 -4.88 -1.76 0.94
CA PRO A 69 -5.64 -1.96 2.17
C PRO A 69 -4.74 -2.05 3.43
N PRO A 70 -5.27 -1.65 4.61
CA PRO A 70 -4.55 -1.70 5.89
C PRO A 70 -3.87 -3.06 6.14
N SER A 71 -2.58 -3.01 6.50
CA SER A 71 -1.76 -4.19 6.79
C SER A 71 -1.47 -5.05 5.58
N GLY A 72 -1.57 -4.48 4.41
CA GLY A 72 -1.26 -5.22 3.23
C GLY A 72 0.21 -5.07 2.83
N THR A 73 0.56 -5.70 1.75
CA THR A 73 1.90 -5.67 1.25
C THR A 73 1.89 -4.93 -0.08
N THR A 74 2.43 -3.77 -0.09
CA THR A 74 2.39 -2.95 -1.27
C THR A 74 3.57 -3.23 -2.20
N ILE A 75 3.29 -3.75 -3.37
CA ILE A 75 4.31 -3.94 -4.37
C ILE A 75 4.45 -2.65 -5.17
N LEU A 76 5.54 -1.96 -4.96
CA LEU A 76 5.81 -0.69 -5.59
C LEU A 76 6.99 -0.85 -6.56
N SER A 77 6.86 -0.36 -7.76
CA SER A 77 7.88 -0.52 -8.75
C SER A 77 8.58 0.80 -9.01
N ASP A 78 9.88 0.76 -8.96
CA ASP A 78 10.71 1.93 -9.16
C ASP A 78 11.12 2.08 -10.60
N THR A 79 10.72 3.13 -11.23
CA THR A 79 11.04 3.33 -12.62
C THR A 79 12.43 3.98 -12.77
N SER A 80 13.08 4.25 -11.67
CA SER A 80 14.40 4.81 -11.69
C SER A 80 15.43 3.72 -12.04
N GLY A 81 15.40 2.64 -11.28
CA GLY A 81 16.32 1.55 -11.46
C GLY A 81 15.67 0.20 -11.23
N ALA A 82 14.38 0.21 -10.78
CA ALA A 82 13.60 -0.99 -10.59
C ALA A 82 14.10 -1.87 -9.46
N GLY A 83 13.76 -1.47 -8.26
CA GLY A 83 14.15 -2.24 -7.10
C GLY A 83 13.05 -3.14 -6.63
N VAL A 84 11.83 -2.86 -7.13
CA VAL A 84 10.59 -3.57 -6.77
C VAL A 84 10.44 -3.63 -5.25
N PHE A 85 9.95 -2.57 -4.70
CA PHE A 85 9.86 -2.43 -3.29
C PHE A 85 8.55 -2.92 -2.76
N THR A 86 8.60 -3.95 -1.98
CA THR A 86 7.43 -4.48 -1.36
C THR A 86 7.32 -3.92 0.05
N ALA A 87 6.58 -2.86 0.18
CA ALA A 87 6.39 -2.19 1.43
C ALA A 87 5.24 -2.83 2.18
N LYS A 88 5.58 -3.59 3.15
CA LYS A 88 4.59 -4.25 3.98
C LYS A 88 4.18 -3.26 5.03
N VAL A 89 2.92 -2.95 5.10
CA VAL A 89 2.43 -1.94 6.00
C VAL A 89 1.55 -2.52 7.08
N ASN A 90 1.20 -1.71 8.04
CA ASN A 90 0.32 -2.15 9.11
C ASN A 90 -1.02 -1.40 8.94
N SER A 91 -1.97 -1.58 9.86
CA SER A 91 -3.29 -0.92 9.75
C SER A 91 -3.17 0.57 10.12
N LYS A 92 -1.96 0.93 10.44
CA LYS A 92 -1.58 2.29 10.74
C LYS A 92 -1.28 3.03 9.42
N CYS A 93 -1.35 2.25 8.31
CA CYS A 93 -1.15 2.74 6.94
C CYS A 93 0.27 3.13 6.61
N GLU A 94 1.18 2.73 7.42
CA GLU A 94 2.53 3.02 7.18
C GLU A 94 3.34 1.75 7.16
N PHE A 95 4.47 1.82 6.52
CA PHE A 95 5.26 0.66 6.24
C PHE A 95 6.07 0.16 7.43
N THR A 96 6.10 -1.13 7.59
CA THR A 96 6.83 -1.77 8.64
C THR A 96 8.12 -2.42 8.10
N SER A 97 8.05 -3.01 6.90
CA SER A 97 9.22 -3.63 6.26
C SER A 97 9.10 -3.56 4.73
N VAL A 98 10.16 -3.16 4.07
CA VAL A 98 10.20 -3.16 2.62
C VAL A 98 11.13 -4.25 2.15
N SER A 99 10.69 -5.02 1.21
CA SER A 99 11.53 -6.02 0.62
C SER A 99 11.98 -5.51 -0.75
N PRO A 100 13.27 -5.67 -1.12
CA PRO A 100 14.28 -6.35 -0.26
C PRO A 100 14.71 -5.50 0.95
N ALA A 101 14.90 -4.22 0.71
CA ALA A 101 15.32 -3.25 1.67
C ALA A 101 15.22 -1.93 0.99
N LEU A 102 15.02 -0.91 1.72
CA LEU A 102 14.89 0.41 1.18
C LEU A 102 16.23 1.14 1.28
N PRO A 103 16.73 1.72 0.17
CA PRO A 103 17.98 2.49 0.17
C PRO A 103 17.78 3.91 0.71
N THR A 104 18.87 4.61 0.90
CA THR A 104 18.85 5.97 1.37
C THR A 104 18.38 6.89 0.25
N GLY A 105 17.39 7.70 0.52
CA GLY A 105 16.90 8.62 -0.47
C GLY A 105 15.56 8.22 -0.97
N PHE A 106 15.23 6.97 -0.79
CA PHE A 106 13.95 6.46 -1.18
C PHE A 106 13.01 6.57 -0.03
N LYS A 107 11.87 7.10 -0.29
CA LYS A 107 10.90 7.32 0.73
C LYS A 107 9.67 6.51 0.48
N ILE A 108 9.31 5.72 1.47
CA ILE A 108 8.09 5.02 1.50
C ILE A 108 7.17 5.82 2.39
N GLU A 109 6.42 6.66 1.78
CA GLU A 109 5.54 7.49 2.48
C GLU A 109 4.18 6.87 2.46
N GLY A 110 3.89 6.20 3.53
CA GLY A 110 2.63 5.57 3.69
C GLY A 110 1.69 6.50 4.34
N SER A 111 0.99 7.22 3.55
CA SER A 111 0.03 8.14 4.03
C SER A 111 -1.35 7.64 3.67
N VAL A 112 -2.24 7.60 4.60
CA VAL A 112 -3.59 7.16 4.30
C VAL A 112 -4.27 8.16 3.33
N ASP A 113 -5.28 7.69 2.58
CA ASP A 113 -5.99 8.52 1.60
C ASP A 113 -6.60 9.76 2.24
N LYS A 114 -6.95 9.67 3.51
CA LYS A 114 -7.46 10.80 4.28
C LYS A 114 -6.28 11.49 4.92
N GLU A 115 -6.42 12.72 5.30
CA GLU A 115 -5.32 13.43 5.95
C GLU A 115 -5.33 13.18 7.44
N GLY A 116 -6.51 13.04 7.97
CA GLY A 116 -6.69 12.83 9.36
C GLY A 116 -8.11 13.10 9.71
N LYS A 117 -8.32 13.68 10.84
CA LYS A 117 -9.64 14.07 11.25
C LYS A 117 -9.88 15.53 10.84
N PRO A 118 -10.96 15.78 10.10
CA PRO A 118 -11.30 17.13 9.66
C PRO A 118 -12.03 17.91 10.77
N MET A 30 2.90 -51.52 -2.24
CA MET A 30 2.48 -50.46 -1.31
C MET A 30 3.27 -49.19 -1.58
N ALA A 31 2.63 -48.06 -1.42
CA ALA A 31 3.23 -46.79 -1.67
C ALA A 31 2.70 -45.78 -0.66
N ALA A 32 3.31 -44.62 -0.58
CA ALA A 32 2.88 -43.59 0.33
C ALA A 32 3.06 -42.21 -0.28
N PRO A 33 2.10 -41.76 -1.09
CA PRO A 33 2.17 -40.46 -1.72
C PRO A 33 1.57 -39.36 -0.84
N THR A 34 1.59 -38.16 -1.33
CA THR A 34 1.02 -37.07 -0.62
C THR A 34 -0.09 -36.48 -1.49
N PRO A 35 -1.30 -36.33 -0.95
CA PRO A 35 -2.41 -35.74 -1.68
C PRO A 35 -2.17 -34.26 -1.94
N VAL A 36 -2.17 -33.89 -3.21
CA VAL A 36 -1.97 -32.53 -3.59
C VAL A 36 -3.31 -31.78 -3.63
N PRO A 37 -3.48 -30.77 -2.77
CA PRO A 37 -4.67 -29.95 -2.77
C PRO A 37 -4.73 -29.09 -4.02
N GLY A 38 -5.89 -28.99 -4.61
CA GLY A 38 -6.05 -28.17 -5.77
C GLY A 38 -6.29 -26.74 -5.34
N ILE A 39 -5.23 -26.11 -4.86
CA ILE A 39 -5.30 -24.77 -4.34
C ILE A 39 -5.78 -23.79 -5.41
N PHE A 40 -6.78 -23.04 -5.07
CA PHE A 40 -7.37 -22.11 -5.98
C PHE A 40 -6.90 -20.70 -5.66
N ASP A 41 -7.01 -19.85 -6.65
CA ASP A 41 -6.66 -18.45 -6.53
C ASP A 41 -7.86 -17.72 -5.94
N ILE A 42 -7.65 -16.94 -4.92
CA ILE A 42 -8.76 -16.27 -4.25
C ILE A 42 -9.12 -14.97 -4.93
N PHE A 43 -10.26 -14.45 -4.59
CA PHE A 43 -10.69 -13.20 -5.13
C PHE A 43 -10.04 -12.07 -4.36
N LYS A 44 -9.69 -11.03 -5.06
CA LYS A 44 -9.02 -9.91 -4.45
C LYS A 44 -10.04 -8.89 -4.03
N LYS A 45 -10.11 -8.62 -2.75
CA LYS A 45 -11.01 -7.62 -2.23
C LYS A 45 -10.28 -6.29 -2.06
N PRO A 46 -10.56 -5.30 -2.92
CA PRO A 46 -10.02 -3.97 -2.77
C PRO A 46 -10.81 -3.22 -1.72
N VAL A 47 -10.35 -3.32 -0.50
CA VAL A 47 -11.01 -2.71 0.63
C VAL A 47 -10.80 -1.19 0.62
N PRO A 48 -11.90 -0.40 0.74
CA PRO A 48 -11.81 1.06 0.81
C PRO A 48 -11.05 1.51 2.05
N THR A 49 -10.84 2.81 2.19
CA THR A 49 -10.04 3.40 3.26
C THR A 49 -8.66 2.74 3.30
N SER A 50 -8.12 2.60 2.11
CA SER A 50 -6.88 1.95 1.87
C SER A 50 -5.71 2.83 2.33
N CYS A 51 -4.54 2.33 2.19
CA CYS A 51 -3.36 3.03 2.51
C CYS A 51 -2.64 3.36 1.21
N LYS A 52 -2.27 4.59 1.04
CA LYS A 52 -1.63 5.07 -0.15
C LYS A 52 -0.13 5.08 0.07
N LEU A 53 0.49 4.02 -0.36
CA LEU A 53 1.92 3.86 -0.22
C LEU A 53 2.59 4.40 -1.43
N ALA A 54 3.34 5.45 -1.24
CA ALA A 54 4.06 6.07 -2.32
C ALA A 54 5.52 5.76 -2.19
N LEU A 55 6.14 5.44 -3.28
CA LEU A 55 7.55 5.17 -3.32
C LEU A 55 8.18 6.16 -4.26
N THR A 56 8.92 7.06 -3.68
CA THR A 56 9.62 8.09 -4.38
C THR A 56 11.10 7.75 -4.38
N ASN A 57 11.81 8.14 -5.42
CA ASN A 57 13.24 7.86 -5.51
C ASN A 57 14.02 8.99 -4.83
N GLY A 58 15.35 8.96 -4.93
CA GLY A 58 16.21 9.96 -4.29
C GLY A 58 15.92 11.39 -4.72
N ASN A 59 15.42 11.54 -5.94
CA ASN A 59 15.06 12.87 -6.48
C ASN A 59 13.69 13.30 -5.98
N LYS A 60 13.12 12.49 -5.08
CA LYS A 60 11.86 12.73 -4.37
C LYS A 60 10.65 12.65 -5.30
N ARG A 61 10.86 12.17 -6.49
CA ARG A 61 9.79 12.00 -7.43
C ARG A 61 9.18 10.62 -7.25
N GLU A 62 7.87 10.61 -7.14
CA GLU A 62 7.11 9.40 -6.92
C GLU A 62 7.19 8.51 -8.13
N VAL A 63 7.81 7.36 -7.98
CA VAL A 63 7.96 6.45 -9.07
C VAL A 63 6.79 5.48 -9.09
N ASP A 64 6.25 5.17 -7.91
CA ASP A 64 5.08 4.29 -7.83
C ASP A 64 4.28 4.68 -6.59
N ALA A 65 3.07 4.22 -6.52
CA ALA A 65 2.13 4.54 -5.46
C ALA A 65 0.89 3.71 -5.63
N MET A 66 0.50 3.03 -4.59
CA MET A 66 -0.69 2.20 -4.64
C MET A 66 -1.58 2.45 -3.45
N LEU A 67 -2.87 2.31 -3.68
CA LEU A 67 -3.86 2.33 -2.62
C LEU A 67 -4.09 0.90 -2.21
N LEU A 68 -3.33 0.45 -1.26
CA LEU A 68 -3.32 -0.90 -0.86
C LEU A 68 -4.13 -1.05 0.44
N PRO A 69 -4.94 -2.11 0.58
CA PRO A 69 -5.72 -2.38 1.81
C PRO A 69 -4.84 -2.35 3.10
N PRO A 70 -5.45 -1.94 4.24
CA PRO A 70 -4.75 -1.85 5.53
C PRO A 70 -4.07 -3.17 5.93
N SER A 71 -2.85 -3.05 6.47
CA SER A 71 -2.03 -4.18 6.93
C SER A 71 -1.54 -5.07 5.77
N GLY A 72 -1.62 -4.58 4.55
CA GLY A 72 -1.19 -5.37 3.42
C GLY A 72 0.26 -5.11 3.04
N THR A 73 0.64 -5.60 1.90
CA THR A 73 1.97 -5.45 1.41
C THR A 73 1.91 -4.75 0.06
N THR A 74 2.51 -3.60 -0.05
CA THR A 74 2.41 -2.87 -1.28
C THR A 74 3.64 -3.11 -2.14
N ILE A 75 3.43 -3.60 -3.35
CA ILE A 75 4.52 -3.84 -4.27
C ILE A 75 4.68 -2.61 -5.18
N LEU A 76 5.64 -1.78 -4.86
CA LEU A 76 5.90 -0.59 -5.65
C LEU A 76 6.98 -0.89 -6.65
N SER A 77 6.79 -0.50 -7.87
CA SER A 77 7.74 -0.77 -8.88
C SER A 77 8.52 0.48 -9.26
N ASP A 78 9.82 0.40 -9.19
CA ASP A 78 10.67 1.52 -9.57
C ASP A 78 10.76 1.61 -11.07
N THR A 79 10.16 2.61 -11.61
CA THR A 79 10.18 2.82 -13.03
C THR A 79 11.51 3.47 -13.45
N SER A 80 12.31 3.92 -12.48
CA SER A 80 13.58 4.54 -12.77
C SER A 80 14.54 3.51 -13.38
N GLY A 81 14.70 2.38 -12.70
CA GLY A 81 15.54 1.35 -13.17
C GLY A 81 15.32 0.07 -12.41
N ALA A 82 14.11 -0.06 -11.79
CA ALA A 82 13.66 -1.26 -11.13
C ALA A 82 14.20 -1.39 -9.73
N GLY A 83 13.30 -1.69 -8.85
CA GLY A 83 13.66 -1.88 -7.46
C GLY A 83 12.76 -2.88 -6.78
N VAL A 84 11.47 -2.90 -7.21
CA VAL A 84 10.42 -3.76 -6.64
C VAL A 84 10.40 -3.68 -5.13
N PHE A 85 9.89 -2.59 -4.63
CA PHE A 85 9.86 -2.37 -3.23
C PHE A 85 8.57 -2.82 -2.64
N THR A 86 8.65 -3.86 -1.88
CA THR A 86 7.49 -4.38 -1.23
C THR A 86 7.41 -3.81 0.17
N ALA A 87 6.65 -2.77 0.29
CA ALA A 87 6.44 -2.08 1.53
C ALA A 87 5.34 -2.76 2.27
N LYS A 88 5.69 -3.44 3.31
CA LYS A 88 4.70 -4.10 4.14
C LYS A 88 4.21 -3.06 5.09
N VAL A 89 2.92 -2.89 5.20
CA VAL A 89 2.37 -1.86 6.05
C VAL A 89 1.53 -2.46 7.17
N ASN A 90 1.16 -1.63 8.10
CA ASN A 90 0.28 -2.02 9.19
C ASN A 90 -1.09 -1.30 9.00
N SER A 91 -2.03 -1.45 9.92
CA SER A 91 -3.36 -0.87 9.81
C SER A 91 -3.30 0.65 9.95
N LYS A 92 -2.19 1.10 10.47
CA LYS A 92 -1.89 2.51 10.65
C LYS A 92 -1.48 3.13 9.30
N CYS A 93 -1.44 2.31 8.23
CA CYS A 93 -1.11 2.74 6.87
C CYS A 93 0.34 3.15 6.70
N GLU A 94 1.15 2.79 7.66
CA GLU A 94 2.54 3.10 7.59
C GLU A 94 3.26 1.87 7.27
N PHE A 95 4.36 2.01 6.63
CA PHE A 95 5.13 0.90 6.26
C PHE A 95 5.94 0.43 7.45
N THR A 96 6.03 -0.85 7.58
CA THR A 96 6.77 -1.46 8.63
C THR A 96 8.12 -1.95 8.11
N SER A 97 8.11 -2.65 6.98
CA SER A 97 9.33 -3.16 6.41
C SER A 97 9.23 -3.23 4.90
N VAL A 98 10.23 -2.75 4.22
CA VAL A 98 10.28 -2.83 2.78
C VAL A 98 11.22 -3.93 2.39
N SER A 99 10.77 -4.78 1.53
CA SER A 99 11.57 -5.84 1.01
C SER A 99 12.11 -5.42 -0.37
N PRO A 100 13.41 -5.69 -0.66
CA PRO A 100 14.32 -6.39 0.26
C PRO A 100 14.79 -5.49 1.41
N ALA A 101 15.00 -4.23 1.08
CA ALA A 101 15.42 -3.20 1.98
C ALA A 101 15.25 -1.91 1.23
N LEU A 102 14.92 -0.87 1.92
CA LEU A 102 14.74 0.41 1.30
C LEU A 102 16.06 1.16 1.36
N PRO A 103 16.59 1.59 0.22
CA PRO A 103 17.84 2.34 0.16
C PRO A 103 17.67 3.79 0.57
N THR A 104 18.76 4.47 0.79
CA THR A 104 18.76 5.85 1.18
C THR A 104 18.31 6.73 0.02
N GLY A 105 17.49 7.70 0.30
CA GLY A 105 16.98 8.56 -0.73
C GLY A 105 15.55 8.21 -1.03
N PHE A 106 15.26 6.93 -1.07
CA PHE A 106 13.94 6.43 -1.36
C PHE A 106 13.03 6.64 -0.18
N LYS A 107 11.82 7.00 -0.47
CA LYS A 107 10.84 7.23 0.56
C LYS A 107 9.60 6.41 0.31
N ILE A 108 9.21 5.66 1.31
CA ILE A 108 7.94 4.99 1.32
C ILE A 108 7.05 5.81 2.21
N GLU A 109 6.22 6.57 1.62
CA GLU A 109 5.37 7.42 2.36
C GLU A 109 4.01 6.79 2.47
N GLY A 110 3.69 6.37 3.67
CA GLY A 110 2.45 5.72 3.93
C GLY A 110 1.37 6.69 4.24
N SER A 111 0.73 7.16 3.22
CA SER A 111 -0.38 8.04 3.36
C SER A 111 -1.67 7.21 3.42
N VAL A 112 -2.78 7.83 3.68
CA VAL A 112 -4.02 7.11 3.73
C VAL A 112 -4.83 7.48 2.47
N ASP A 113 -5.77 6.62 2.09
CA ASP A 113 -6.68 6.82 0.94
C ASP A 113 -7.38 8.18 1.04
N LYS A 114 -7.69 8.57 2.25
CA LYS A 114 -8.31 9.83 2.55
C LYS A 114 -7.50 10.52 3.63
N GLU A 115 -7.96 11.64 4.09
CA GLU A 115 -7.29 12.36 5.15
C GLU A 115 -7.89 11.98 6.47
N GLY A 116 -9.18 11.69 6.44
CA GLY A 116 -9.87 11.30 7.62
C GLY A 116 -9.53 9.89 8.00
N LYS A 117 -9.17 9.73 9.20
CA LYS A 117 -8.74 8.48 9.74
C LYS A 117 -9.68 8.09 10.89
N PRO A 118 -9.71 6.81 11.28
CA PRO A 118 -10.57 6.34 12.37
C PRO A 118 -10.06 6.78 13.75
N MET A 30 -33.14 -7.89 17.27
CA MET A 30 -31.94 -8.45 17.88
C MET A 30 -31.18 -9.17 16.81
N ALA A 31 -30.06 -9.76 17.16
CA ALA A 31 -29.30 -10.55 16.23
C ALA A 31 -30.03 -11.88 16.04
N ALA A 32 -29.99 -12.39 14.85
CA ALA A 32 -30.73 -13.59 14.53
C ALA A 32 -29.85 -14.83 14.63
N PRO A 33 -30.39 -15.93 15.19
CA PRO A 33 -29.69 -17.22 15.26
C PRO A 33 -29.39 -17.72 13.85
N THR A 34 -28.19 -17.52 13.43
CA THR A 34 -27.81 -17.81 12.10
C THR A 34 -26.65 -18.78 12.03
N PRO A 35 -26.88 -19.98 11.51
CA PRO A 35 -25.80 -20.90 11.21
C PRO A 35 -25.00 -20.30 10.06
N VAL A 36 -23.84 -19.74 10.40
CA VAL A 36 -22.99 -18.91 9.50
C VAL A 36 -22.98 -19.36 8.03
N PRO A 37 -23.79 -18.68 7.20
CA PRO A 37 -23.89 -18.93 5.78
C PRO A 37 -23.05 -17.94 4.98
N GLY A 38 -23.29 -17.85 3.70
CA GLY A 38 -22.54 -16.96 2.88
C GLY A 38 -23.29 -15.69 2.61
N ILE A 39 -23.06 -14.70 3.44
CA ILE A 39 -23.65 -13.40 3.23
C ILE A 39 -22.71 -12.66 2.32
N PHE A 40 -23.21 -12.14 1.24
CA PHE A 40 -22.38 -11.41 0.32
C PHE A 40 -22.12 -10.00 0.86
N ASP A 41 -21.14 -9.94 1.72
CA ASP A 41 -20.70 -8.74 2.41
C ASP A 41 -19.31 -9.01 2.91
N ILE A 42 -18.38 -8.16 2.58
CA ILE A 42 -17.00 -8.40 2.94
C ILE A 42 -16.68 -7.73 4.28
N PHE A 43 -16.65 -6.42 4.30
CA PHE A 43 -16.37 -5.65 5.52
C PHE A 43 -17.18 -4.39 5.52
N LYS A 44 -17.86 -4.12 6.61
CA LYS A 44 -18.61 -2.90 6.71
C LYS A 44 -17.74 -1.84 7.33
N LYS A 45 -17.01 -1.17 6.50
CA LYS A 45 -16.07 -0.16 6.91
C LYS A 45 -16.62 1.24 6.59
N PRO A 46 -16.94 2.03 7.62
CA PRO A 46 -17.45 3.39 7.44
C PRO A 46 -16.32 4.43 7.40
N VAL A 47 -15.10 3.94 7.27
CA VAL A 47 -13.92 4.79 7.26
C VAL A 47 -13.03 4.39 6.09
N PRO A 48 -12.17 5.32 5.63
CA PRO A 48 -11.21 5.04 4.58
C PRO A 48 -10.14 4.07 5.06
N THR A 49 -9.96 3.00 4.36
CA THR A 49 -8.96 2.02 4.70
C THR A 49 -7.97 1.91 3.55
N SER A 50 -7.93 2.94 2.77
CA SER A 50 -7.07 3.01 1.64
C SER A 50 -5.72 3.58 2.04
N CYS A 51 -4.78 2.72 2.25
CA CYS A 51 -3.46 3.13 2.61
C CYS A 51 -2.70 3.38 1.33
N LYS A 52 -2.31 4.59 1.10
CA LYS A 52 -1.54 4.89 -0.06
C LYS A 52 -0.08 4.79 0.28
N LEU A 53 0.62 4.08 -0.51
CA LEU A 53 2.02 3.87 -0.31
C LEU A 53 2.74 4.38 -1.51
N ALA A 54 3.43 5.45 -1.33
CA ALA A 54 4.15 6.07 -2.38
C ALA A 54 5.61 5.83 -2.22
N LEU A 55 6.26 5.55 -3.30
CA LEU A 55 7.66 5.31 -3.32
C LEU A 55 8.27 6.36 -4.21
N THR A 56 8.98 7.26 -3.59
CA THR A 56 9.65 8.30 -4.29
C THR A 56 11.15 8.03 -4.26
N ASN A 57 11.83 8.43 -5.29
CA ASN A 57 13.29 8.23 -5.39
C ASN A 57 14.05 9.28 -4.59
N GLY A 58 15.38 9.26 -4.70
CA GLY A 58 16.23 10.21 -4.00
C GLY A 58 15.99 11.64 -4.44
N ASN A 59 15.48 11.81 -5.65
CA ASN A 59 15.19 13.14 -6.23
C ASN A 59 13.81 13.60 -5.82
N LYS A 60 13.15 12.77 -5.01
CA LYS A 60 11.82 13.05 -4.45
C LYS A 60 10.75 12.97 -5.51
N ARG A 61 11.04 12.29 -6.60
CA ARG A 61 10.06 12.12 -7.64
C ARG A 61 9.35 10.82 -7.40
N GLU A 62 8.05 10.85 -7.54
CA GLU A 62 7.21 9.69 -7.27
C GLU A 62 7.40 8.64 -8.34
N VAL A 63 7.94 7.54 -7.91
CA VAL A 63 8.25 6.42 -8.75
C VAL A 63 7.05 5.50 -8.86
N ASP A 64 6.44 5.20 -7.73
CA ASP A 64 5.26 4.37 -7.71
C ASP A 64 4.38 4.84 -6.56
N ALA A 65 3.18 4.35 -6.51
CA ALA A 65 2.19 4.77 -5.56
C ALA A 65 0.99 3.84 -5.64
N MET A 66 0.91 2.91 -4.73
CA MET A 66 -0.14 1.92 -4.75
C MET A 66 -1.03 2.05 -3.55
N LEU A 67 -2.31 1.89 -3.77
CA LEU A 67 -3.28 1.94 -2.74
C LEU A 67 -3.55 0.52 -2.23
N LEU A 68 -3.17 0.28 -1.00
CA LEU A 68 -3.31 -1.01 -0.37
C LEU A 68 -4.25 -0.94 0.84
N PRO A 69 -4.74 -2.08 1.34
CA PRO A 69 -5.51 -2.13 2.57
C PRO A 69 -4.57 -2.14 3.81
N PRO A 70 -5.12 -1.93 5.03
CA PRO A 70 -4.33 -1.97 6.26
C PRO A 70 -3.61 -3.32 6.41
N SER A 71 -2.31 -3.25 6.72
CA SER A 71 -1.45 -4.43 6.88
C SER A 71 -1.19 -5.18 5.56
N GLY A 72 -1.38 -4.50 4.45
CA GLY A 72 -1.10 -5.09 3.17
C GLY A 72 0.35 -4.94 2.78
N THR A 73 0.75 -5.65 1.76
CA THR A 73 2.09 -5.59 1.24
C THR A 73 2.06 -4.85 -0.09
N THR A 74 2.56 -3.66 -0.09
CA THR A 74 2.52 -2.80 -1.25
C THR A 74 3.64 -3.16 -2.23
N ILE A 75 3.27 -3.40 -3.46
CA ILE A 75 4.22 -3.70 -4.50
C ILE A 75 4.48 -2.43 -5.30
N LEU A 76 5.61 -1.82 -5.08
CA LEU A 76 5.97 -0.58 -5.74
C LEU A 76 7.12 -0.81 -6.70
N SER A 77 6.91 -0.51 -7.94
CA SER A 77 7.87 -0.84 -8.97
C SER A 77 8.67 0.38 -9.40
N ASP A 78 10.00 0.25 -9.35
CA ASP A 78 10.91 1.31 -9.75
C ASP A 78 10.87 1.58 -11.26
N THR A 79 10.83 2.83 -11.60
CA THR A 79 10.65 3.27 -12.96
C THR A 79 12.00 3.30 -13.72
N SER A 80 13.08 3.09 -13.01
CA SER A 80 14.40 3.08 -13.63
C SER A 80 14.80 1.65 -14.04
N GLY A 81 14.60 0.69 -13.14
CA GLY A 81 14.99 -0.67 -13.41
C GLY A 81 14.13 -1.68 -12.68
N ALA A 82 13.07 -1.19 -12.02
CA ALA A 82 12.11 -2.03 -11.32
C ALA A 82 12.73 -2.98 -10.30
N GLY A 83 13.20 -2.42 -9.20
CA GLY A 83 13.75 -3.22 -8.13
C GLY A 83 12.66 -3.90 -7.36
N VAL A 84 11.48 -3.30 -7.44
CA VAL A 84 10.26 -3.79 -6.79
C VAL A 84 10.36 -3.71 -5.27
N PHE A 85 9.90 -2.62 -4.75
CA PHE A 85 9.90 -2.43 -3.34
C PHE A 85 8.59 -2.87 -2.76
N THR A 86 8.65 -3.83 -1.92
CA THR A 86 7.50 -4.33 -1.27
C THR A 86 7.38 -3.70 0.11
N ALA A 87 6.63 -2.64 0.19
CA ALA A 87 6.42 -1.91 1.43
C ALA A 87 5.29 -2.54 2.18
N LYS A 88 5.64 -3.27 3.18
CA LYS A 88 4.70 -3.94 4.00
C LYS A 88 4.29 -2.99 5.11
N VAL A 89 3.02 -2.79 5.29
CA VAL A 89 2.52 -1.83 6.25
C VAL A 89 1.78 -2.49 7.39
N ASN A 90 1.41 -1.69 8.38
CA ASN A 90 0.57 -2.15 9.46
C ASN A 90 -0.83 -1.56 9.17
N SER A 91 -1.78 -1.75 10.05
CA SER A 91 -3.14 -1.27 9.85
C SER A 91 -3.23 0.25 10.07
N LYS A 92 -2.09 0.80 10.35
CA LYS A 92 -1.89 2.18 10.59
C LYS A 92 -1.57 2.87 9.25
N CYS A 93 -1.42 2.01 8.21
CA CYS A 93 -1.10 2.42 6.82
C CYS A 93 0.33 2.91 6.68
N GLU A 94 1.12 2.67 7.70
CA GLU A 94 2.48 3.09 7.71
C GLU A 94 3.34 1.90 7.46
N PHE A 95 4.39 2.09 6.70
CA PHE A 95 5.25 1.02 6.32
C PHE A 95 6.10 0.55 7.49
N THR A 96 6.17 -0.72 7.63
CA THR A 96 6.97 -1.33 8.63
C THR A 96 8.26 -1.90 8.03
N SER A 97 8.14 -2.60 6.91
CA SER A 97 9.30 -3.23 6.29
C SER A 97 9.18 -3.18 4.77
N VAL A 98 10.25 -2.81 4.10
CA VAL A 98 10.29 -2.84 2.66
C VAL A 98 11.22 -3.95 2.23
N SER A 99 10.78 -4.78 1.34
CA SER A 99 11.60 -5.80 0.78
C SER A 99 12.01 -5.37 -0.64
N PRO A 100 13.29 -5.54 -1.02
CA PRO A 100 14.34 -6.18 -0.19
C PRO A 100 14.71 -5.35 1.04
N ALA A 101 14.91 -4.06 0.84
CA ALA A 101 15.24 -3.11 1.86
C ALA A 101 15.14 -1.77 1.23
N LEU A 102 14.61 -0.81 1.93
CA LEU A 102 14.50 0.52 1.38
C LEU A 102 15.84 1.24 1.51
N PRO A 103 16.39 1.71 0.41
CA PRO A 103 17.67 2.42 0.40
C PRO A 103 17.52 3.88 0.84
N THR A 104 18.64 4.52 1.11
CA THR A 104 18.67 5.87 1.56
C THR A 104 18.37 6.83 0.39
N GLY A 105 17.39 7.69 0.58
CA GLY A 105 17.02 8.62 -0.46
C GLY A 105 15.61 8.34 -0.89
N PHE A 106 15.27 7.08 -0.92
CA PHE A 106 13.96 6.64 -1.27
C PHE A 106 13.02 6.86 -0.11
N LYS A 107 11.81 7.22 -0.43
CA LYS A 107 10.82 7.51 0.57
C LYS A 107 9.58 6.69 0.35
N ILE A 108 9.18 6.00 1.37
CA ILE A 108 7.94 5.28 1.39
C ILE A 108 6.97 6.07 2.24
N GLU A 109 6.13 6.79 1.59
CA GLU A 109 5.16 7.61 2.24
C GLU A 109 3.87 6.85 2.36
N GLY A 110 3.59 6.42 3.56
CA GLY A 110 2.39 5.69 3.84
C GLY A 110 1.36 6.57 4.48
N SER A 111 0.61 7.23 3.65
CA SER A 111 -0.45 8.09 4.10
C SER A 111 -1.78 7.47 3.72
N VAL A 112 -2.79 7.68 4.51
CA VAL A 112 -4.08 7.14 4.19
C VAL A 112 -4.73 8.04 3.18
N ASP A 113 -5.23 7.47 2.11
CA ASP A 113 -5.89 8.24 1.10
C ASP A 113 -7.28 8.52 1.56
N LYS A 114 -7.61 9.78 1.60
CA LYS A 114 -8.85 10.24 2.15
C LYS A 114 -10.01 9.90 1.23
N GLU A 115 -11.16 9.76 1.81
CA GLU A 115 -12.35 9.38 1.07
C GLU A 115 -13.03 10.60 0.52
N GLY A 116 -12.81 11.71 1.17
CA GLY A 116 -13.41 12.92 0.76
C GLY A 116 -12.38 13.98 0.47
N LYS A 117 -12.64 14.76 -0.52
CA LYS A 117 -11.78 15.82 -0.94
C LYS A 117 -12.43 17.15 -0.60
N PRO A 118 -11.65 18.26 -0.52
CA PRO A 118 -12.21 19.59 -0.27
C PRO A 118 -13.26 19.99 -1.33
N MET A 30 -27.35 -21.62 -36.23
CA MET A 30 -26.02 -21.73 -35.64
C MET A 30 -25.37 -20.38 -35.63
N ALA A 31 -24.26 -20.26 -34.95
CA ALA A 31 -23.53 -19.01 -34.85
C ALA A 31 -22.11 -19.33 -34.47
N ALA A 32 -21.32 -18.32 -34.16
CA ALA A 32 -19.96 -18.52 -33.75
C ALA A 32 -19.93 -19.11 -32.35
N PRO A 33 -19.23 -20.24 -32.16
CA PRO A 33 -19.16 -20.90 -30.87
C PRO A 33 -18.08 -20.27 -29.98
N THR A 34 -18.01 -20.73 -28.77
CA THR A 34 -17.02 -20.28 -27.83
C THR A 34 -17.05 -21.20 -26.62
N PRO A 35 -15.89 -21.48 -25.99
CA PRO A 35 -15.85 -22.24 -24.75
C PRO A 35 -16.23 -21.36 -23.55
N VAL A 36 -16.43 -20.06 -23.84
CA VAL A 36 -16.77 -19.04 -22.86
C VAL A 36 -15.65 -18.85 -21.83
N PRO A 37 -14.70 -17.95 -22.13
CA PRO A 37 -13.59 -17.66 -21.24
C PRO A 37 -13.87 -16.43 -20.36
N GLY A 38 -15.14 -16.10 -20.23
CA GLY A 38 -15.54 -14.93 -19.46
C GLY A 38 -15.63 -15.18 -17.98
N ILE A 39 -14.70 -15.93 -17.46
CA ILE A 39 -14.63 -16.20 -16.05
C ILE A 39 -13.57 -15.29 -15.46
N PHE A 40 -13.99 -14.46 -14.54
CA PHE A 40 -13.11 -13.49 -13.95
C PHE A 40 -12.91 -13.81 -12.49
N ASP A 41 -12.09 -13.03 -11.85
CA ASP A 41 -11.88 -13.12 -10.42
C ASP A 41 -13.00 -12.33 -9.77
N ILE A 42 -13.62 -12.89 -8.73
CA ILE A 42 -14.80 -12.25 -8.13
C ILE A 42 -14.47 -10.88 -7.54
N PHE A 43 -15.48 -10.09 -7.36
CA PHE A 43 -15.32 -8.74 -6.90
C PHE A 43 -14.99 -8.69 -5.43
N LYS A 44 -13.93 -7.98 -5.15
CA LYS A 44 -13.39 -7.81 -3.84
C LYS A 44 -13.64 -6.39 -3.43
N LYS A 45 -13.78 -6.14 -2.16
CA LYS A 45 -13.97 -4.80 -1.70
C LYS A 45 -12.62 -4.17 -1.47
N PRO A 46 -12.37 -3.00 -2.05
CA PRO A 46 -11.11 -2.28 -1.87
C PRO A 46 -10.92 -1.83 -0.42
N VAL A 47 -12.05 -1.57 0.26
CA VAL A 47 -12.11 -1.15 1.66
C VAL A 47 -11.65 0.31 1.85
N PRO A 48 -12.47 1.16 2.52
CA PRO A 48 -12.11 2.55 2.81
C PRO A 48 -10.90 2.61 3.75
N THR A 49 -10.42 3.81 4.00
CA THR A 49 -9.21 4.06 4.78
C THR A 49 -8.05 3.28 4.21
N SER A 50 -7.90 3.40 2.91
CA SER A 50 -6.91 2.70 2.16
C SER A 50 -5.56 3.33 2.42
N CYS A 51 -4.55 2.53 2.45
CA CYS A 51 -3.23 3.00 2.71
C CYS A 51 -2.59 3.34 1.37
N LYS A 52 -2.27 4.58 1.21
CA LYS A 52 -1.69 5.07 0.00
C LYS A 52 -0.19 5.03 0.17
N LEU A 53 0.39 4.01 -0.37
CA LEU A 53 1.82 3.84 -0.31
C LEU A 53 2.39 4.46 -1.52
N ALA A 54 3.39 5.26 -1.35
CA ALA A 54 3.98 5.96 -2.44
C ALA A 54 5.45 5.96 -2.29
N LEU A 55 6.11 5.36 -3.21
CA LEU A 55 7.51 5.33 -3.21
C LEU A 55 8.01 6.37 -4.13
N THR A 56 8.90 7.15 -3.61
CA THR A 56 9.52 8.20 -4.31
C THR A 56 11.02 7.94 -4.32
N ASN A 57 11.68 8.29 -5.39
CA ASN A 57 13.11 8.05 -5.53
C ASN A 57 13.94 9.13 -4.83
N GLY A 58 15.26 9.11 -5.05
CA GLY A 58 16.16 10.09 -4.46
C GLY A 58 15.78 11.52 -4.81
N ASN A 59 15.28 11.71 -6.01
CA ASN A 59 14.89 13.03 -6.50
C ASN A 59 13.48 13.37 -6.03
N LYS A 60 12.93 12.49 -5.18
CA LYS A 60 11.59 12.64 -4.60
C LYS A 60 10.53 12.52 -5.66
N ARG A 61 10.87 11.89 -6.76
CA ARG A 61 9.91 11.67 -7.80
C ARG A 61 9.20 10.39 -7.50
N GLU A 62 7.90 10.48 -7.44
CA GLU A 62 7.07 9.36 -7.10
C GLU A 62 7.16 8.32 -8.20
N VAL A 63 7.77 7.23 -7.88
CA VAL A 63 7.96 6.18 -8.83
C VAL A 63 6.77 5.25 -8.82
N ASP A 64 6.13 5.11 -7.67
CA ASP A 64 4.94 4.25 -7.61
C ASP A 64 4.06 4.68 -6.48
N ALA A 65 2.84 4.21 -6.49
CA ALA A 65 1.82 4.57 -5.52
C ALA A 65 0.60 3.68 -5.68
N MET A 66 0.13 3.12 -4.57
CA MET A 66 -1.03 2.25 -4.58
C MET A 66 -1.86 2.43 -3.33
N LEU A 67 -3.16 2.30 -3.47
CA LEU A 67 -4.08 2.28 -2.36
C LEU A 67 -4.28 0.86 -1.94
N LEU A 68 -3.51 0.44 -1.01
CA LEU A 68 -3.48 -0.90 -0.58
C LEU A 68 -4.21 -0.98 0.77
N PRO A 69 -5.02 -2.03 1.02
CA PRO A 69 -5.71 -2.22 2.29
C PRO A 69 -4.74 -2.28 3.51
N PRO A 70 -5.23 -1.87 4.71
CA PRO A 70 -4.44 -1.89 5.95
C PRO A 70 -3.76 -3.24 6.21
N SER A 71 -2.50 -3.17 6.64
CA SER A 71 -1.65 -4.33 6.95
C SER A 71 -1.27 -5.14 5.69
N GLY A 72 -1.49 -4.58 4.52
CA GLY A 72 -1.18 -5.27 3.31
C GLY A 72 0.27 -5.09 2.89
N THR A 73 0.62 -5.64 1.76
CA THR A 73 1.95 -5.57 1.24
C THR A 73 1.90 -4.88 -0.13
N THR A 74 2.45 -3.71 -0.23
CA THR A 74 2.33 -2.95 -1.44
C THR A 74 3.56 -3.10 -2.32
N ILE A 75 3.37 -3.57 -3.53
CA ILE A 75 4.44 -3.73 -4.47
C ILE A 75 4.59 -2.45 -5.29
N LEU A 76 5.62 -1.73 -5.00
CA LEU A 76 5.91 -0.47 -5.63
C LEU A 76 7.08 -0.65 -6.58
N SER A 77 6.90 -0.24 -7.79
CA SER A 77 7.88 -0.43 -8.81
C SER A 77 8.67 0.85 -9.08
N ASP A 78 9.98 0.78 -8.89
CA ASP A 78 10.86 1.90 -9.16
C ASP A 78 11.12 2.04 -10.64
N THR A 79 10.66 3.11 -11.20
CA THR A 79 10.82 3.34 -12.60
C THR A 79 12.17 4.03 -12.90
N SER A 80 12.90 4.39 -11.85
CA SER A 80 14.19 5.03 -12.00
C SER A 80 15.23 3.99 -12.46
N GLY A 81 15.30 2.90 -11.73
CA GLY A 81 16.26 1.89 -12.02
C GLY A 81 15.70 0.50 -11.81
N ALA A 82 14.46 0.39 -11.25
CA ALA A 82 13.78 -0.87 -11.06
C ALA A 82 14.35 -1.69 -9.92
N GLY A 83 13.57 -1.78 -8.85
CA GLY A 83 13.98 -2.54 -7.70
C GLY A 83 12.90 -3.46 -7.18
N VAL A 84 11.64 -3.11 -7.47
CA VAL A 84 10.45 -3.81 -6.98
C VAL A 84 10.44 -3.86 -5.45
N PHE A 85 9.91 -2.84 -4.87
CA PHE A 85 9.89 -2.72 -3.44
C PHE A 85 8.56 -3.12 -2.89
N THR A 86 8.56 -3.98 -1.94
CA THR A 86 7.34 -4.38 -1.31
C THR A 86 7.25 -3.78 0.07
N ALA A 87 6.49 -2.74 0.18
CA ALA A 87 6.29 -2.05 1.42
C ALA A 87 5.17 -2.70 2.16
N LYS A 88 5.51 -3.38 3.21
CA LYS A 88 4.53 -4.03 4.04
C LYS A 88 4.09 -3.01 5.07
N VAL A 89 2.81 -2.83 5.21
CA VAL A 89 2.33 -1.86 6.19
C VAL A 89 1.62 -2.49 7.35
N ASN A 90 1.36 -1.66 8.33
CA ASN A 90 0.58 -2.01 9.47
C ASN A 90 -0.83 -1.46 9.23
N SER A 91 -1.77 -1.72 10.11
CA SER A 91 -3.16 -1.28 9.97
C SER A 91 -3.22 0.27 10.01
N LYS A 92 -2.18 0.87 10.57
CA LYS A 92 -2.07 2.32 10.69
C LYS A 92 -1.59 2.96 9.35
N CYS A 93 -1.50 2.12 8.31
CA CYS A 93 -1.14 2.56 6.93
C CYS A 93 0.29 3.01 6.78
N GLU A 94 1.10 2.69 7.74
CA GLU A 94 2.47 3.05 7.66
C GLU A 94 3.27 1.82 7.43
N PHE A 95 4.30 1.99 6.67
CA PHE A 95 5.14 0.90 6.28
C PHE A 95 5.99 0.41 7.46
N THR A 96 6.04 -0.88 7.60
CA THR A 96 6.81 -1.53 8.62
C THR A 96 8.11 -2.12 8.05
N SER A 97 8.03 -2.74 6.89
CA SER A 97 9.20 -3.30 6.26
C SER A 97 9.06 -3.31 4.75
N VAL A 98 10.10 -2.90 4.08
CA VAL A 98 10.14 -2.93 2.63
C VAL A 98 11.08 -4.03 2.19
N SER A 99 10.61 -4.88 1.33
CA SER A 99 11.41 -5.92 0.77
C SER A 99 11.93 -5.44 -0.60
N PRO A 100 13.22 -5.67 -0.94
CA PRO A 100 14.18 -6.38 -0.07
C PRO A 100 14.67 -5.55 1.12
N ALA A 101 14.82 -4.26 0.89
CA ALA A 101 15.27 -3.30 1.84
C ALA A 101 15.16 -1.97 1.16
N LEU A 102 14.96 -0.94 1.91
CA LEU A 102 14.89 0.37 1.34
C LEU A 102 16.26 1.02 1.46
N PRO A 103 16.78 1.59 0.36
CA PRO A 103 18.06 2.28 0.36
C PRO A 103 17.92 3.75 0.79
N THR A 104 19.01 4.48 0.79
CA THR A 104 18.98 5.87 1.15
C THR A 104 18.66 6.75 -0.05
N GLY A 105 17.72 7.64 0.13
CA GLY A 105 17.33 8.53 -0.92
C GLY A 105 15.89 8.34 -1.26
N PHE A 106 15.45 7.11 -1.16
CA PHE A 106 14.08 6.75 -1.43
C PHE A 106 13.20 7.07 -0.24
N LYS A 107 11.95 7.26 -0.50
CA LYS A 107 11.00 7.52 0.55
C LYS A 107 9.73 6.77 0.32
N ILE A 108 9.38 5.93 1.26
CA ILE A 108 8.13 5.24 1.24
C ILE A 108 7.15 6.02 2.08
N GLU A 109 6.34 6.75 1.41
CA GLU A 109 5.26 7.49 2.01
C GLU A 109 4.11 6.55 2.33
N GLY A 110 3.88 6.32 3.61
CA GLY A 110 2.75 5.55 4.02
C GLY A 110 1.63 6.46 4.43
N SER A 111 0.83 6.84 3.48
CA SER A 111 -0.27 7.72 3.73
C SER A 111 -1.58 6.93 3.72
N VAL A 112 -2.66 7.62 3.87
CA VAL A 112 -3.98 7.06 3.82
C VAL A 112 -4.67 7.75 2.64
N ASP A 113 -5.81 7.26 2.20
CA ASP A 113 -6.56 7.91 1.11
C ASP A 113 -7.19 9.20 1.64
N LYS A 114 -7.21 9.35 2.96
CA LYS A 114 -7.67 10.56 3.62
C LYS A 114 -6.45 11.47 3.83
N GLU A 115 -6.67 12.68 4.28
CA GLU A 115 -5.58 13.63 4.47
C GLU A 115 -4.75 13.27 5.70
N GLY A 116 -5.37 13.28 6.84
CA GLY A 116 -4.67 13.01 8.06
C GLY A 116 -5.59 12.46 9.08
N LYS A 117 -5.56 13.03 10.24
CA LYS A 117 -6.48 12.67 11.28
C LYS A 117 -7.91 13.07 10.84
N PRO A 118 -8.92 12.25 11.13
CA PRO A 118 -10.29 12.54 10.73
C PRO A 118 -10.93 13.55 11.67
N MET A 30 -26.32 15.66 16.90
CA MET A 30 -24.95 16.09 17.14
C MET A 30 -24.26 15.12 18.06
N ALA A 31 -23.64 14.12 17.48
CA ALA A 31 -22.92 13.14 18.26
C ALA A 31 -21.46 13.48 18.22
N ALA A 32 -20.93 13.98 19.32
CA ALA A 32 -19.54 14.34 19.41
C ALA A 32 -18.71 13.07 19.43
N PRO A 33 -17.53 13.07 18.77
CA PRO A 33 -16.66 11.90 18.70
C PRO A 33 -16.19 11.47 20.09
N THR A 34 -16.91 10.52 20.63
CA THR A 34 -16.69 10.02 21.95
C THR A 34 -16.64 8.51 21.89
N PRO A 35 -15.82 7.88 22.73
CA PRO A 35 -15.78 6.41 22.81
C PRO A 35 -17.11 5.87 23.32
N VAL A 36 -17.47 4.71 22.89
CA VAL A 36 -18.72 4.14 23.31
C VAL A 36 -18.48 3.19 24.46
N PRO A 37 -19.42 3.11 25.43
CA PRO A 37 -19.29 2.24 26.61
C PRO A 37 -19.07 0.78 26.21
N GLY A 38 -19.85 0.32 25.27
CA GLY A 38 -19.72 -1.01 24.80
C GLY A 38 -20.83 -1.34 23.85
N ILE A 39 -20.49 -1.95 22.75
CA ILE A 39 -21.44 -2.40 21.77
C ILE A 39 -21.03 -3.82 21.40
N PHE A 40 -21.92 -4.60 20.87
CA PHE A 40 -21.56 -5.92 20.38
C PHE A 40 -20.93 -5.77 18.99
N ASP A 41 -20.41 -6.83 18.42
CA ASP A 41 -19.85 -6.74 17.08
C ASP A 41 -20.98 -6.77 16.08
N ILE A 42 -21.43 -5.59 15.78
CA ILE A 42 -22.51 -5.36 14.87
C ILE A 42 -22.00 -5.25 13.46
N PHE A 43 -22.89 -5.00 12.53
CA PHE A 43 -22.49 -4.85 11.15
C PHE A 43 -21.90 -3.48 10.91
N LYS A 44 -20.61 -3.44 10.94
CA LYS A 44 -19.85 -2.26 10.71
C LYS A 44 -19.49 -2.11 9.26
N LYS A 45 -19.00 -0.97 8.93
CA LYS A 45 -18.52 -0.71 7.62
C LYS A 45 -17.04 -0.43 7.77
N PRO A 46 -16.18 -0.99 6.90
CA PRO A 46 -14.73 -0.80 6.96
C PRO A 46 -14.37 0.67 7.08
N VAL A 47 -13.50 0.97 8.01
CA VAL A 47 -13.03 2.33 8.23
C VAL A 47 -12.27 2.79 6.96
N PRO A 48 -12.50 4.04 6.50
CA PRO A 48 -11.86 4.59 5.26
C PRO A 48 -10.35 4.82 5.36
N THR A 49 -9.65 3.88 5.91
CA THR A 49 -8.26 3.95 6.02
C THR A 49 -7.60 3.36 4.78
N SER A 50 -7.85 4.01 3.67
CA SER A 50 -7.22 3.67 2.42
C SER A 50 -5.78 4.13 2.53
N CYS A 51 -4.89 3.18 2.63
CA CYS A 51 -3.49 3.46 2.82
C CYS A 51 -2.85 3.80 1.49
N LYS A 52 -2.28 4.99 1.38
CA LYS A 52 -1.54 5.30 0.18
C LYS A 52 -0.10 5.04 0.44
N LEU A 53 0.47 4.24 -0.39
CA LEU A 53 1.84 3.87 -0.30
C LEU A 53 2.54 4.39 -1.50
N ALA A 54 3.33 5.39 -1.30
CA ALA A 54 4.06 5.98 -2.39
C ALA A 54 5.53 5.74 -2.23
N LEU A 55 6.13 5.29 -3.28
CA LEU A 55 7.52 5.05 -3.30
C LEU A 55 8.15 6.08 -4.18
N THR A 56 8.90 6.92 -3.55
CA THR A 56 9.57 8.00 -4.18
C THR A 56 11.07 7.76 -4.10
N ASN A 57 11.79 8.23 -5.07
CA ASN A 57 13.23 8.07 -5.10
C ASN A 57 13.93 9.29 -4.47
N GLY A 58 15.26 9.27 -4.46
CA GLY A 58 16.03 10.38 -3.89
C GLY A 58 16.01 11.60 -4.77
N ASN A 59 15.43 11.45 -5.93
CA ASN A 59 15.28 12.53 -6.88
C ASN A 59 13.90 13.14 -6.69
N LYS A 60 13.20 12.67 -5.66
CA LYS A 60 11.88 13.11 -5.27
C LYS A 60 10.80 12.81 -6.30
N ARG A 61 11.07 11.86 -7.16
CA ARG A 61 10.08 11.44 -8.10
C ARG A 61 9.27 10.34 -7.47
N GLU A 62 7.97 10.49 -7.46
CA GLU A 62 7.11 9.44 -7.00
C GLU A 62 7.05 8.44 -8.12
N VAL A 63 7.79 7.38 -7.95
CA VAL A 63 7.94 6.42 -9.00
C VAL A 63 6.83 5.41 -8.97
N ASP A 64 6.28 5.16 -7.81
CA ASP A 64 5.13 4.28 -7.73
C ASP A 64 4.26 4.72 -6.60
N ALA A 65 3.05 4.26 -6.58
CA ALA A 65 2.05 4.68 -5.62
C ALA A 65 0.84 3.81 -5.75
N MET A 66 0.47 3.18 -4.68
CA MET A 66 -0.69 2.31 -4.68
C MET A 66 -1.50 2.55 -3.43
N LEU A 67 -2.79 2.47 -3.58
CA LEU A 67 -3.72 2.55 -2.47
C LEU A 67 -4.02 1.13 -2.03
N LEU A 68 -3.65 0.79 -0.84
CA LEU A 68 -3.86 -0.54 -0.32
C LEU A 68 -4.68 -0.53 0.96
N PRO A 69 -5.23 -1.70 1.35
CA PRO A 69 -5.90 -1.87 2.62
C PRO A 69 -4.86 -2.13 3.74
N PRO A 70 -5.24 -1.93 5.01
CA PRO A 70 -4.36 -2.16 6.16
C PRO A 70 -3.66 -3.55 6.13
N SER A 71 -2.40 -3.55 6.55
CA SER A 71 -1.54 -4.76 6.66
C SER A 71 -1.14 -5.35 5.30
N GLY A 72 -1.37 -4.62 4.23
CA GLY A 72 -1.04 -5.12 2.93
C GLY A 72 0.40 -4.90 2.55
N THR A 73 0.88 -5.68 1.62
CA THR A 73 2.20 -5.54 1.10
C THR A 73 2.11 -4.83 -0.23
N THR A 74 2.57 -3.63 -0.28
CA THR A 74 2.42 -2.85 -1.45
C THR A 74 3.59 -3.05 -2.39
N ILE A 75 3.31 -3.55 -3.57
CA ILE A 75 4.34 -3.73 -4.58
C ILE A 75 4.48 -2.43 -5.33
N LEU A 76 5.58 -1.77 -5.12
CA LEU A 76 5.86 -0.49 -5.71
C LEU A 76 7.10 -0.62 -6.58
N SER A 77 6.98 -0.29 -7.83
CA SER A 77 8.08 -0.48 -8.73
C SER A 77 8.76 0.84 -9.01
N ASP A 78 10.07 0.80 -9.06
CA ASP A 78 10.88 1.97 -9.33
C ASP A 78 11.10 2.13 -10.79
N THR A 79 10.77 3.26 -11.30
CA THR A 79 10.89 3.53 -12.70
C THR A 79 12.31 3.96 -13.05
N SER A 80 13.09 4.24 -12.03
CA SER A 80 14.44 4.73 -12.19
C SER A 80 15.45 3.56 -12.31
N GLY A 81 14.97 2.34 -12.20
CA GLY A 81 15.87 1.20 -12.25
C GLY A 81 15.20 -0.12 -11.89
N ALA A 82 14.01 -0.04 -11.29
CA ALA A 82 13.21 -1.22 -10.93
C ALA A 82 13.84 -2.05 -9.82
N GLY A 83 13.73 -1.54 -8.62
CA GLY A 83 14.20 -2.27 -7.45
C GLY A 83 13.10 -3.14 -6.90
N VAL A 84 11.87 -2.87 -7.36
CA VAL A 84 10.63 -3.58 -6.96
C VAL A 84 10.50 -3.64 -5.44
N PHE A 85 10.02 -2.56 -4.88
CA PHE A 85 9.92 -2.45 -3.45
C PHE A 85 8.58 -2.89 -2.94
N THR A 86 8.58 -3.81 -2.04
CA THR A 86 7.38 -4.29 -1.44
C THR A 86 7.29 -3.74 -0.02
N ALA A 87 6.53 -2.68 0.14
CA ALA A 87 6.35 -2.04 1.42
C ALA A 87 5.24 -2.72 2.18
N LYS A 88 5.62 -3.41 3.21
CA LYS A 88 4.68 -4.10 4.06
C LYS A 88 4.22 -3.12 5.11
N VAL A 89 2.94 -2.91 5.22
CA VAL A 89 2.42 -2.00 6.23
C VAL A 89 1.72 -2.76 7.32
N ASN A 90 1.37 -2.05 8.36
CA ASN A 90 0.64 -2.62 9.46
C ASN A 90 -0.82 -2.15 9.35
N SER A 91 -1.69 -2.59 10.23
CA SER A 91 -3.14 -2.31 10.20
C SER A 91 -3.49 -0.85 10.58
N LYS A 92 -2.58 0.03 10.26
CA LYS A 92 -2.69 1.43 10.56
C LYS A 92 -2.06 2.26 9.40
N CYS A 93 -1.73 1.55 8.30
CA CYS A 93 -1.23 2.15 7.04
C CYS A 93 0.22 2.61 7.08
N GLU A 94 0.96 2.27 8.10
CA GLU A 94 2.34 2.68 8.14
C GLU A 94 3.21 1.55 7.69
N PHE A 95 4.21 1.86 6.90
CA PHE A 95 5.13 0.87 6.42
C PHE A 95 6.02 0.40 7.54
N THR A 96 6.13 -0.89 7.67
CA THR A 96 6.95 -1.49 8.67
C THR A 96 8.24 -2.06 8.08
N SER A 97 8.15 -2.69 6.92
CA SER A 97 9.33 -3.28 6.29
C SER A 97 9.18 -3.29 4.78
N VAL A 98 10.20 -2.89 4.07
CA VAL A 98 10.21 -2.96 2.63
C VAL A 98 11.13 -4.07 2.16
N SER A 99 10.67 -4.85 1.22
CA SER A 99 11.49 -5.86 0.58
C SER A 99 11.87 -5.34 -0.80
N PRO A 100 13.13 -5.50 -1.25
CA PRO A 100 14.22 -6.15 -0.49
C PRO A 100 14.58 -5.39 0.78
N ALA A 101 14.80 -4.11 0.64
CA ALA A 101 15.14 -3.22 1.69
C ALA A 101 15.06 -1.85 1.12
N LEU A 102 14.59 -0.90 1.88
CA LEU A 102 14.48 0.44 1.38
C LEU A 102 15.78 1.20 1.60
N PRO A 103 16.42 1.70 0.51
CA PRO A 103 17.62 2.50 0.61
C PRO A 103 17.30 3.89 1.22
N THR A 104 18.33 4.60 1.57
CA THR A 104 18.21 5.86 2.27
C THR A 104 17.57 6.98 1.42
N GLY A 105 17.90 7.03 0.14
CA GLY A 105 17.36 8.06 -0.73
C GLY A 105 15.88 7.85 -1.03
N PHE A 106 15.44 6.63 -0.94
CA PHE A 106 14.06 6.29 -1.26
C PHE A 106 13.16 6.52 -0.07
N LYS A 107 11.98 6.98 -0.36
CA LYS A 107 11.02 7.26 0.67
C LYS A 107 9.70 6.56 0.43
N ILE A 108 9.32 5.75 1.40
CA ILE A 108 8.03 5.13 1.40
C ILE A 108 7.09 5.95 2.24
N GLU A 109 6.28 6.69 1.56
CA GLU A 109 5.19 7.42 2.15
C GLU A 109 4.06 6.47 2.45
N GLY A 110 3.91 6.11 3.70
CA GLY A 110 2.84 5.26 4.12
C GLY A 110 1.87 6.06 4.92
N SER A 111 0.92 6.62 4.24
CA SER A 111 -0.05 7.45 4.87
C SER A 111 -1.45 6.99 4.48
N VAL A 112 -2.43 7.72 4.87
CA VAL A 112 -3.79 7.41 4.56
C VAL A 112 -4.24 8.42 3.50
N ASP A 113 -5.18 8.02 2.66
CA ASP A 113 -5.73 8.88 1.63
C ASP A 113 -6.28 10.20 2.21
N LYS A 114 -6.91 10.11 3.34
CA LYS A 114 -7.34 11.31 4.00
C LYS A 114 -6.44 11.64 5.15
N GLU A 115 -6.43 12.89 5.48
CA GLU A 115 -5.51 13.43 6.44
C GLU A 115 -6.03 13.50 7.86
N GLY A 116 -7.27 13.88 7.99
CA GLY A 116 -7.77 14.19 9.26
C GLY A 116 -8.83 13.25 9.74
N LYS A 117 -8.86 13.08 11.03
CA LYS A 117 -9.87 12.27 11.69
C LYS A 117 -11.00 13.18 12.11
N PRO A 118 -12.17 12.64 12.48
CA PRO A 118 -13.28 13.44 13.03
C PRO A 118 -12.84 14.11 14.33
N MET A 30 -28.83 -4.18 -36.72
CA MET A 30 -30.11 -4.44 -36.06
C MET A 30 -30.28 -5.93 -35.90
N ALA A 31 -29.75 -6.46 -34.85
CA ALA A 31 -29.84 -7.84 -34.57
C ALA A 31 -30.02 -8.04 -33.09
N ALA A 32 -30.65 -9.11 -32.75
CA ALA A 32 -30.84 -9.46 -31.38
C ALA A 32 -29.95 -10.65 -31.08
N PRO A 33 -28.77 -10.41 -30.51
CA PRO A 33 -27.82 -11.46 -30.27
C PRO A 33 -28.21 -12.33 -29.08
N THR A 34 -27.70 -13.51 -29.06
CA THR A 34 -27.87 -14.37 -27.95
C THR A 34 -26.78 -14.02 -26.94
N PRO A 35 -27.16 -13.66 -25.71
CA PRO A 35 -26.20 -13.22 -24.70
C PRO A 35 -25.27 -14.33 -24.22
N VAL A 36 -24.20 -13.94 -23.58
CA VAL A 36 -23.25 -14.86 -22.99
C VAL A 36 -23.91 -15.58 -21.81
N PRO A 37 -23.39 -16.75 -21.39
CA PRO A 37 -23.91 -17.49 -20.24
C PRO A 37 -23.97 -16.61 -18.99
N GLY A 38 -24.94 -16.88 -18.15
CA GLY A 38 -25.16 -16.09 -16.95
C GLY A 38 -24.19 -16.41 -15.83
N ILE A 39 -22.93 -16.29 -16.10
CA ILE A 39 -21.90 -16.50 -15.14
C ILE A 39 -21.52 -15.14 -14.55
N PHE A 40 -22.02 -14.87 -13.39
CA PHE A 40 -21.83 -13.59 -12.78
C PHE A 40 -21.24 -13.74 -11.39
N ASP A 41 -20.19 -13.01 -11.16
CA ASP A 41 -19.56 -12.93 -9.86
C ASP A 41 -19.73 -11.50 -9.38
N ILE A 42 -19.65 -11.28 -8.09
CA ILE A 42 -19.87 -9.94 -7.53
C ILE A 42 -18.65 -9.04 -7.78
N PHE A 43 -18.68 -7.85 -7.25
CA PHE A 43 -17.59 -6.92 -7.43
C PHE A 43 -16.93 -6.62 -6.09
N LYS A 44 -15.80 -5.97 -6.15
CA LYS A 44 -15.06 -5.58 -4.99
C LYS A 44 -14.80 -4.09 -5.08
N LYS A 45 -15.73 -3.33 -4.55
CA LYS A 45 -15.64 -1.89 -4.61
C LYS A 45 -14.45 -1.38 -3.82
N PRO A 46 -13.70 -0.41 -4.37
CA PRO A 46 -12.57 0.19 -3.67
C PRO A 46 -13.05 1.03 -2.51
N VAL A 47 -12.86 0.51 -1.32
CA VAL A 47 -13.31 1.17 -0.11
C VAL A 47 -12.39 2.33 0.27
N PRO A 48 -12.80 3.16 1.22
CA PRO A 48 -12.00 4.26 1.70
C PRO A 48 -11.01 3.75 2.76
N THR A 49 -10.26 4.66 3.36
CA THR A 49 -9.30 4.37 4.44
C THR A 49 -8.17 3.43 4.00
N SER A 50 -7.95 3.35 2.70
CA SER A 50 -6.88 2.57 2.15
C SER A 50 -5.54 3.25 2.47
N CYS A 51 -4.50 2.53 2.36
CA CYS A 51 -3.20 3.05 2.65
C CYS A 51 -2.52 3.32 1.33
N LYS A 52 -2.05 4.51 1.15
CA LYS A 52 -1.36 4.83 -0.04
C LYS A 52 0.09 4.60 0.21
N LEU A 53 0.69 3.90 -0.65
CA LEU A 53 2.07 3.58 -0.57
C LEU A 53 2.74 4.22 -1.71
N ALA A 54 3.38 5.29 -1.43
CA ALA A 54 4.02 6.06 -2.44
C ALA A 54 5.49 6.00 -2.24
N LEU A 55 6.15 5.48 -3.19
CA LEU A 55 7.54 5.38 -3.13
C LEU A 55 8.10 6.46 -4.00
N THR A 56 9.01 7.19 -3.45
CA THR A 56 9.64 8.26 -4.13
C THR A 56 11.11 7.92 -4.22
N ASN A 57 11.73 8.18 -5.35
CA ASN A 57 13.11 7.83 -5.55
C ASN A 57 14.02 8.95 -5.06
N GLY A 58 15.33 8.80 -5.27
CA GLY A 58 16.32 9.76 -4.77
C GLY A 58 16.12 11.17 -5.32
N ASN A 59 15.49 11.26 -6.49
CA ASN A 59 15.22 12.55 -7.12
C ASN A 59 13.96 13.18 -6.56
N LYS A 60 13.44 12.58 -5.48
CA LYS A 60 12.28 13.07 -4.70
C LYS A 60 10.98 12.96 -5.48
N ARG A 61 11.03 12.32 -6.60
CA ARG A 61 9.87 12.16 -7.42
C ARG A 61 9.20 10.85 -7.06
N GLU A 62 7.88 10.85 -7.09
CA GLU A 62 7.10 9.67 -6.76
C GLU A 62 7.31 8.65 -7.88
N VAL A 63 8.12 7.66 -7.60
CA VAL A 63 8.53 6.69 -8.56
C VAL A 63 7.43 5.66 -8.76
N ASP A 64 6.61 5.47 -7.72
CA ASP A 64 5.46 4.56 -7.83
C ASP A 64 4.56 4.81 -6.66
N ALA A 65 3.33 4.37 -6.76
CA ALA A 65 2.34 4.58 -5.75
C ALA A 65 1.17 3.70 -5.98
N MET A 66 0.74 3.06 -4.95
CA MET A 66 -0.44 2.21 -4.99
C MET A 66 -1.29 2.47 -3.76
N LEU A 67 -2.55 2.18 -3.87
CA LEU A 67 -3.49 2.25 -2.77
C LEU A 67 -3.78 0.84 -2.33
N LEU A 68 -3.27 0.45 -1.21
CA LEU A 68 -3.49 -0.89 -0.72
C LEU A 68 -4.17 -0.89 0.63
N PRO A 69 -4.90 -1.96 0.97
CA PRO A 69 -5.58 -2.08 2.26
C PRO A 69 -4.58 -2.20 3.44
N PRO A 70 -5.00 -1.77 4.66
CA PRO A 70 -4.17 -1.86 5.86
C PRO A 70 -3.61 -3.26 6.10
N SER A 71 -2.35 -3.29 6.56
CA SER A 71 -1.62 -4.52 6.85
C SER A 71 -1.27 -5.34 5.59
N GLY A 72 -1.39 -4.72 4.43
CA GLY A 72 -1.06 -5.38 3.18
C GLY A 72 0.39 -5.14 2.77
N THR A 73 0.80 -5.75 1.70
CA THR A 73 2.15 -5.63 1.21
C THR A 73 2.12 -5.00 -0.19
N THR A 74 2.56 -3.78 -0.29
CA THR A 74 2.49 -3.07 -1.54
C THR A 74 3.74 -3.28 -2.36
N ILE A 75 3.54 -3.63 -3.60
CA ILE A 75 4.62 -3.88 -4.50
C ILE A 75 4.82 -2.64 -5.37
N LEU A 76 5.86 -1.90 -5.07
CA LEU A 76 6.15 -0.69 -5.79
C LEU A 76 7.13 -0.95 -6.90
N SER A 77 6.80 -0.48 -8.06
CA SER A 77 7.55 -0.72 -9.24
C SER A 77 8.30 0.56 -9.64
N ASP A 78 9.60 0.58 -9.36
CA ASP A 78 10.49 1.71 -9.70
C ASP A 78 10.45 1.96 -11.20
N THR A 79 9.76 2.98 -11.64
CA THR A 79 9.69 3.32 -13.05
C THR A 79 11.09 3.76 -13.58
N SER A 80 11.98 4.10 -12.68
CA SER A 80 13.30 4.57 -13.04
C SER A 80 14.36 3.43 -13.14
N GLY A 81 13.97 2.17 -12.92
CA GLY A 81 14.98 1.11 -12.97
C GLY A 81 14.46 -0.27 -12.66
N ALA A 82 13.30 -0.35 -12.03
CA ALA A 82 12.63 -1.58 -11.63
C ALA A 82 13.42 -2.39 -10.60
N GLY A 83 13.32 -1.98 -9.36
CA GLY A 83 13.93 -2.71 -8.28
C GLY A 83 12.89 -3.58 -7.67
N VAL A 84 11.70 -3.00 -7.54
CA VAL A 84 10.50 -3.66 -7.04
C VAL A 84 10.56 -3.83 -5.55
N PHE A 85 10.05 -2.84 -4.86
CA PHE A 85 10.06 -2.82 -3.42
C PHE A 85 8.73 -3.29 -2.87
N THR A 86 8.78 -4.09 -1.86
CA THR A 86 7.57 -4.55 -1.23
C THR A 86 7.43 -3.86 0.12
N ALA A 87 6.63 -2.84 0.15
CA ALA A 87 6.40 -2.07 1.36
C ALA A 87 5.25 -2.66 2.11
N LYS A 88 5.56 -3.30 3.18
CA LYS A 88 4.58 -3.90 4.03
C LYS A 88 4.10 -2.86 5.00
N VAL A 89 2.81 -2.74 5.18
CA VAL A 89 2.28 -1.78 6.13
C VAL A 89 1.60 -2.43 7.29
N ASN A 90 1.33 -1.63 8.28
CA ASN A 90 0.58 -2.03 9.45
C ASN A 90 -0.87 -1.55 9.25
N SER A 91 -1.72 -1.70 10.23
CA SER A 91 -3.12 -1.32 10.14
C SER A 91 -3.24 0.21 10.21
N LYS A 92 -2.13 0.81 10.59
CA LYS A 92 -1.97 2.25 10.68
C LYS A 92 -1.75 2.86 9.31
N CYS A 93 -1.48 1.99 8.31
CA CYS A 93 -1.10 2.42 6.95
C CYS A 93 0.35 2.85 6.89
N GLU A 94 1.07 2.59 7.98
CA GLU A 94 2.46 2.93 8.03
C GLU A 94 3.22 1.78 7.52
N PHE A 95 4.21 2.07 6.72
CA PHE A 95 5.06 1.05 6.24
C PHE A 95 5.93 0.55 7.40
N THR A 96 5.94 -0.73 7.57
CA THR A 96 6.70 -1.34 8.62
C THR A 96 8.01 -1.88 8.08
N SER A 97 7.98 -2.50 6.93
CA SER A 97 9.18 -3.09 6.36
C SER A 97 9.07 -3.12 4.85
N VAL A 98 10.13 -2.74 4.20
CA VAL A 98 10.19 -2.84 2.76
C VAL A 98 11.15 -3.94 2.40
N SER A 99 10.76 -4.80 1.52
CA SER A 99 11.65 -5.81 0.99
C SER A 99 12.19 -5.29 -0.35
N PRO A 100 13.51 -5.44 -0.64
CA PRO A 100 14.48 -6.10 0.24
C PRO A 100 14.79 -5.28 1.50
N ALA A 101 14.78 -3.98 1.33
CA ALA A 101 14.98 -2.98 2.34
C ALA A 101 14.83 -1.69 1.63
N LEU A 102 14.53 -0.65 2.32
CA LEU A 102 14.42 0.62 1.70
C LEU A 102 15.73 1.37 1.84
N PRO A 103 16.37 1.71 0.72
CA PRO A 103 17.63 2.45 0.73
C PRO A 103 17.42 3.93 1.04
N THR A 104 18.48 4.56 1.48
CA THR A 104 18.46 5.94 1.85
C THR A 104 18.38 6.80 0.59
N GLY A 105 17.33 7.55 0.48
CA GLY A 105 17.08 8.34 -0.70
C GLY A 105 15.71 8.02 -1.21
N PHE A 106 15.29 6.81 -0.95
CA PHE A 106 13.97 6.38 -1.28
C PHE A 106 13.07 6.61 -0.11
N LYS A 107 11.91 7.06 -0.39
CA LYS A 107 10.96 7.35 0.66
C LYS A 107 9.64 6.69 0.37
N ILE A 108 9.26 5.81 1.26
CA ILE A 108 7.98 5.18 1.21
C ILE A 108 7.06 5.97 2.10
N GLU A 109 6.21 6.70 1.49
CA GLU A 109 5.16 7.39 2.16
C GLU A 109 3.99 6.48 2.36
N GLY A 110 3.86 5.99 3.56
CA GLY A 110 2.73 5.21 3.93
C GLY A 110 1.67 6.16 4.38
N SER A 111 0.95 6.64 3.43
CA SER A 111 -0.03 7.64 3.65
C SER A 111 -1.40 6.97 3.65
N VAL A 112 -2.42 7.74 3.78
CA VAL A 112 -3.74 7.20 3.84
C VAL A 112 -4.59 7.82 2.74
N ASP A 113 -5.59 7.07 2.31
CA ASP A 113 -6.60 7.48 1.33
C ASP A 113 -7.21 8.85 1.64
N LYS A 114 -7.37 9.15 2.90
CA LYS A 114 -7.90 10.42 3.32
C LYS A 114 -6.86 11.19 4.09
N GLU A 115 -7.02 12.49 4.13
CA GLU A 115 -6.06 13.40 4.75
C GLU A 115 -5.97 13.19 6.27
N GLY A 116 -7.06 13.42 6.95
CA GLY A 116 -7.06 13.42 8.38
C GLY A 116 -6.68 14.79 8.84
N LYS A 117 -5.99 14.89 9.91
CA LYS A 117 -5.51 16.17 10.35
C LYS A 117 -4.00 16.22 10.21
N PRO A 118 -3.48 17.04 9.28
CA PRO A 118 -2.05 17.23 9.09
C PRO A 118 -1.44 17.94 10.31
N MET A 30 -49.23 -23.07 4.70
CA MET A 30 -49.84 -23.92 3.66
C MET A 30 -48.76 -24.63 2.91
N ALA A 31 -49.14 -25.65 2.17
CA ALA A 31 -48.21 -26.38 1.37
C ALA A 31 -48.21 -25.79 -0.02
N ALA A 32 -47.06 -25.41 -0.50
CA ALA A 32 -46.95 -24.76 -1.78
C ALA A 32 -45.70 -25.25 -2.50
N PRO A 33 -45.67 -25.23 -3.84
CA PRO A 33 -44.47 -25.59 -4.60
C PRO A 33 -43.36 -24.59 -4.36
N THR A 34 -42.30 -25.04 -3.74
CA THR A 34 -41.19 -24.20 -3.44
C THR A 34 -40.02 -24.51 -4.38
N PRO A 35 -39.78 -23.66 -5.38
CA PRO A 35 -38.74 -23.87 -6.37
C PRO A 35 -37.38 -23.42 -5.88
N VAL A 36 -36.36 -23.75 -6.63
CA VAL A 36 -35.02 -23.38 -6.28
C VAL A 36 -34.48 -22.37 -7.31
N PRO A 37 -33.97 -21.22 -6.86
CA PRO A 37 -33.41 -20.21 -7.75
C PRO A 37 -32.04 -20.60 -8.32
N GLY A 38 -31.48 -19.75 -9.14
CA GLY A 38 -30.19 -19.99 -9.73
C GLY A 38 -29.08 -19.42 -8.87
N ILE A 39 -27.95 -19.17 -9.48
CA ILE A 39 -26.82 -18.62 -8.74
C ILE A 39 -26.78 -17.11 -8.89
N PHE A 40 -26.25 -16.46 -7.89
CA PHE A 40 -26.10 -15.03 -7.87
C PHE A 40 -24.71 -14.71 -7.37
N ASP A 41 -23.82 -14.41 -8.26
CA ASP A 41 -22.46 -14.09 -7.89
C ASP A 41 -22.34 -12.62 -7.59
N ILE A 42 -21.77 -12.32 -6.46
CA ILE A 42 -21.65 -10.96 -5.98
C ILE A 42 -20.31 -10.35 -6.38
N PHE A 43 -20.00 -9.20 -5.82
CA PHE A 43 -18.78 -8.50 -6.17
C PHE A 43 -17.92 -8.29 -4.93
N LYS A 44 -16.64 -8.13 -5.12
CA LYS A 44 -15.73 -7.92 -4.02
C LYS A 44 -15.51 -6.43 -3.83
N LYS A 45 -15.48 -5.97 -2.59
CA LYS A 45 -15.29 -4.55 -2.32
C LYS A 45 -14.03 -4.34 -1.50
N PRO A 46 -13.32 -3.24 -1.74
CA PRO A 46 -12.18 -2.87 -0.94
C PRO A 46 -12.64 -2.06 0.29
N VAL A 47 -11.76 -1.85 1.22
CA VAL A 47 -12.09 -1.08 2.40
C VAL A 47 -11.68 0.38 2.19
N PRO A 48 -12.32 1.31 2.92
CA PRO A 48 -11.94 2.72 2.92
C PRO A 48 -10.59 2.95 3.62
N THR A 49 -10.22 4.21 3.75
CA THR A 49 -8.95 4.63 4.32
C THR A 49 -7.78 3.95 3.61
N SER A 50 -7.84 4.05 2.30
CA SER A 50 -6.88 3.46 1.40
C SER A 50 -5.47 3.96 1.72
N CYS A 51 -4.61 3.04 2.04
CA CYS A 51 -3.27 3.37 2.34
C CYS A 51 -2.53 3.55 1.03
N LYS A 52 -2.16 4.74 0.74
CA LYS A 52 -1.42 5.00 -0.46
C LYS A 52 0.03 4.88 -0.14
N LEU A 53 0.58 3.83 -0.58
CA LEU A 53 1.98 3.61 -0.39
C LEU A 53 2.70 4.09 -1.59
N ALA A 54 3.50 5.08 -1.40
CA ALA A 54 4.26 5.67 -2.45
C ALA A 54 5.70 5.36 -2.27
N LEU A 55 6.32 5.00 -3.34
CA LEU A 55 7.71 4.78 -3.36
C LEU A 55 8.27 5.87 -4.25
N THR A 56 9.00 6.74 -3.62
CA THR A 56 9.59 7.86 -4.25
C THR A 56 11.10 7.66 -4.23
N ASN A 57 11.79 8.16 -5.21
CA ASN A 57 13.24 8.09 -5.19
C ASN A 57 13.78 9.27 -4.38
N GLY A 58 15.09 9.35 -4.29
CA GLY A 58 15.76 10.38 -3.49
C GLY A 58 15.57 11.78 -4.03
N ASN A 59 15.09 11.88 -5.24
CA ASN A 59 14.81 13.18 -5.86
C ASN A 59 13.35 13.54 -5.64
N LYS A 60 12.72 12.80 -4.72
CA LYS A 60 11.34 12.99 -4.28
C LYS A 60 10.28 12.60 -5.27
N ARG A 61 10.68 12.10 -6.40
CA ARG A 61 9.72 11.73 -7.41
C ARG A 61 9.05 10.41 -7.09
N GLU A 62 7.74 10.46 -7.01
CA GLU A 62 6.90 9.32 -6.76
C GLU A 62 6.94 8.46 -7.99
N VAL A 63 7.62 7.33 -7.90
CA VAL A 63 7.75 6.45 -9.01
C VAL A 63 6.64 5.42 -9.00
N ASP A 64 6.17 5.09 -7.82
CA ASP A 64 5.05 4.19 -7.73
C ASP A 64 4.17 4.63 -6.58
N ALA A 65 2.96 4.19 -6.61
CA ALA A 65 1.92 4.62 -5.69
C ALA A 65 0.74 3.67 -5.83
N MET A 66 0.50 2.89 -4.82
CA MET A 66 -0.59 1.94 -4.86
C MET A 66 -1.48 2.09 -3.65
N LEU A 67 -2.78 1.96 -3.86
CA LEU A 67 -3.74 2.02 -2.79
C LEU A 67 -3.97 0.64 -2.24
N LEU A 68 -3.38 0.37 -1.12
CA LEU A 68 -3.49 -0.90 -0.47
C LEU A 68 -4.37 -0.81 0.76
N PRO A 69 -4.97 -1.92 1.16
CA PRO A 69 -5.71 -1.98 2.41
C PRO A 69 -4.75 -2.03 3.60
N PRO A 70 -5.20 -1.60 4.79
CA PRO A 70 -4.40 -1.66 6.02
C PRO A 70 -3.75 -3.04 6.22
N SER A 71 -2.46 -3.02 6.59
CA SER A 71 -1.65 -4.22 6.84
C SER A 71 -1.26 -4.97 5.55
N GLY A 72 -1.48 -4.35 4.40
CA GLY A 72 -1.13 -4.98 3.15
C GLY A 72 0.34 -4.85 2.81
N THR A 73 0.77 -5.65 1.87
CA THR A 73 2.11 -5.62 1.38
C THR A 73 2.08 -4.95 0.01
N THR A 74 2.53 -3.73 -0.05
CA THR A 74 2.42 -2.96 -1.26
C THR A 74 3.57 -3.25 -2.22
N ILE A 75 3.24 -3.51 -3.46
CA ILE A 75 4.22 -3.75 -4.49
C ILE A 75 4.43 -2.46 -5.26
N LEU A 76 5.57 -1.88 -5.08
CA LEU A 76 5.88 -0.60 -5.69
C LEU A 76 7.08 -0.74 -6.63
N SER A 77 6.87 -0.47 -7.88
CA SER A 77 7.90 -0.64 -8.85
C SER A 77 8.52 0.68 -9.29
N ASP A 78 9.81 0.76 -9.10
CA ASP A 78 10.59 1.94 -9.43
C ASP A 78 10.88 2.06 -10.92
N THR A 79 10.57 3.19 -11.47
CA THR A 79 10.75 3.44 -12.89
C THR A 79 12.24 3.70 -13.22
N SER A 80 13.02 4.04 -12.21
CA SER A 80 14.43 4.36 -12.40
C SER A 80 15.25 3.10 -12.67
N GLY A 81 15.15 2.13 -11.78
CA GLY A 81 15.91 0.92 -11.91
C GLY A 81 15.15 -0.30 -11.46
N ALA A 82 13.89 -0.09 -11.02
CA ALA A 82 13.00 -1.16 -10.62
C ALA A 82 13.54 -2.02 -9.49
N GLY A 83 13.51 -1.47 -8.30
CA GLY A 83 13.91 -2.24 -7.13
C GLY A 83 12.79 -3.14 -6.67
N VAL A 84 11.58 -2.82 -7.16
CA VAL A 84 10.33 -3.50 -6.81
C VAL A 84 10.19 -3.65 -5.31
N PHE A 85 9.82 -2.58 -4.69
CA PHE A 85 9.79 -2.53 -3.28
C PHE A 85 8.48 -2.99 -2.71
N THR A 86 8.55 -3.99 -1.90
CA THR A 86 7.41 -4.51 -1.24
C THR A 86 7.34 -3.88 0.15
N ALA A 87 6.59 -2.81 0.24
CA ALA A 87 6.42 -2.08 1.48
C ALA A 87 5.29 -2.71 2.25
N LYS A 88 5.65 -3.45 3.25
CA LYS A 88 4.68 -4.12 4.07
C LYS A 88 4.33 -3.19 5.19
N VAL A 89 3.06 -2.88 5.30
CA VAL A 89 2.59 -1.90 6.27
C VAL A 89 1.83 -2.53 7.40
N ASN A 90 1.49 -1.71 8.35
CA ASN A 90 0.64 -2.12 9.45
C ASN A 90 -0.73 -1.48 9.17
N SER A 91 -1.72 -1.70 10.00
CA SER A 91 -3.08 -1.24 9.75
C SER A 91 -3.14 0.31 9.70
N LYS A 92 -2.15 0.91 10.33
CA LYS A 92 -1.98 2.35 10.42
C LYS A 92 -1.51 2.96 9.07
N CYS A 93 -1.30 2.09 8.07
CA CYS A 93 -0.88 2.47 6.68
C CYS A 93 0.58 2.86 6.59
N GLU A 94 1.34 2.64 7.64
CA GLU A 94 2.72 3.00 7.62
C GLU A 94 3.52 1.76 7.43
N PHE A 95 4.56 1.88 6.65
CA PHE A 95 5.37 0.75 6.31
C PHE A 95 6.21 0.30 7.50
N THR A 96 6.26 -0.99 7.69
CA THR A 96 7.02 -1.60 8.72
C THR A 96 8.28 -2.25 8.16
N SER A 97 8.18 -2.86 6.99
CA SER A 97 9.33 -3.51 6.38
C SER A 97 9.20 -3.52 4.85
N VAL A 98 10.25 -3.15 4.17
CA VAL A 98 10.30 -3.19 2.72
C VAL A 98 11.19 -4.32 2.27
N SER A 99 10.69 -5.12 1.39
CA SER A 99 11.46 -6.15 0.79
C SER A 99 11.84 -5.67 -0.62
N PRO A 100 13.09 -5.91 -1.10
CA PRO A 100 14.12 -6.66 -0.35
C PRO A 100 14.65 -5.87 0.87
N ALA A 101 14.88 -4.58 0.66
CA ALA A 101 15.35 -3.65 1.66
C ALA A 101 15.31 -2.30 1.00
N LEU A 102 14.91 -1.30 1.73
CA LEU A 102 14.81 0.03 1.18
C LEU A 102 16.14 0.74 1.34
N PRO A 103 16.69 1.31 0.26
CA PRO A 103 17.93 2.06 0.34
C PRO A 103 17.71 3.44 0.96
N THR A 104 18.77 4.15 1.21
CA THR A 104 18.69 5.42 1.88
C THR A 104 18.19 6.51 0.91
N GLY A 105 18.46 6.32 -0.36
CA GLY A 105 18.04 7.27 -1.36
C GLY A 105 16.65 7.00 -1.91
N PHE A 106 15.77 6.47 -1.08
CA PHE A 106 14.38 6.21 -1.42
C PHE A 106 13.47 6.53 -0.24
N LYS A 107 12.22 6.80 -0.53
CA LYS A 107 11.24 7.10 0.50
C LYS A 107 9.94 6.31 0.27
N ILE A 108 9.49 5.67 1.32
CA ILE A 108 8.23 4.99 1.32
C ILE A 108 7.28 5.80 2.17
N GLU A 109 6.41 6.48 1.51
CA GLU A 109 5.43 7.28 2.17
C GLU A 109 4.13 6.53 2.21
N GLY A 110 3.76 6.10 3.37
CA GLY A 110 2.51 5.42 3.55
C GLY A 110 1.48 6.38 4.05
N SER A 111 0.94 7.15 3.16
CA SER A 111 -0.02 8.14 3.51
C SER A 111 -1.43 7.67 3.16
N VAL A 112 -2.37 7.95 4.01
CA VAL A 112 -3.74 7.56 3.78
C VAL A 112 -4.35 8.50 2.75
N ASP A 113 -4.64 7.98 1.60
CA ASP A 113 -5.16 8.75 0.52
C ASP A 113 -6.63 8.91 0.69
N LYS A 114 -7.06 10.14 0.73
CA LYS A 114 -8.44 10.45 0.95
C LYS A 114 -9.19 10.20 -0.34
N GLU A 115 -10.42 9.79 -0.24
CA GLU A 115 -11.21 9.52 -1.43
C GLU A 115 -11.64 10.81 -2.10
N GLY A 116 -11.98 11.77 -1.29
CA GLY A 116 -12.26 13.08 -1.78
C GLY A 116 -10.97 13.83 -1.81
N LYS A 117 -10.73 14.55 -2.85
CA LYS A 117 -9.49 15.21 -3.02
C LYS A 117 -9.68 16.67 -3.35
N PRO A 118 -8.82 17.56 -2.82
CA PRO A 118 -8.81 18.96 -3.19
C PRO A 118 -8.34 19.08 -4.63
N MET A 30 -4.51 -23.38 30.14
CA MET A 30 -3.57 -23.46 29.01
C MET A 30 -4.31 -23.72 27.73
N ALA A 31 -4.02 -22.94 26.73
CA ALA A 31 -4.62 -23.08 25.44
C ALA A 31 -3.55 -23.48 24.46
N ALA A 32 -3.90 -24.33 23.53
CA ALA A 32 -2.94 -24.83 22.55
C ALA A 32 -2.50 -23.69 21.63
N PRO A 33 -1.17 -23.50 21.45
CA PRO A 33 -0.65 -22.54 20.49
C PRO A 33 -1.16 -22.87 19.09
N THR A 34 -1.96 -21.98 18.57
CA THR A 34 -2.62 -22.20 17.33
C THR A 34 -1.79 -21.70 16.15
N PRO A 35 -1.38 -22.59 15.25
CA PRO A 35 -0.70 -22.19 14.03
C PRO A 35 -1.73 -21.64 13.05
N VAL A 36 -1.29 -20.87 12.09
CA VAL A 36 -2.21 -20.33 11.12
C VAL A 36 -2.52 -21.42 10.10
N PRO A 37 -3.74 -21.44 9.54
CA PRO A 37 -4.12 -22.44 8.53
C PRO A 37 -3.26 -22.26 7.29
N GLY A 38 -3.03 -23.36 6.58
CA GLY A 38 -2.23 -23.36 5.36
C GLY A 38 -2.71 -22.29 4.42
N ILE A 39 -1.84 -21.36 4.16
CA ILE A 39 -2.15 -20.17 3.40
C ILE A 39 -2.50 -20.51 1.95
N PHE A 40 -3.74 -20.25 1.59
CA PHE A 40 -4.21 -20.46 0.23
C PHE A 40 -3.97 -19.20 -0.58
N ASP A 41 -3.48 -18.18 0.10
CA ASP A 41 -3.12 -16.87 -0.46
C ASP A 41 -4.33 -16.12 -0.96
N ILE A 42 -4.88 -15.32 -0.11
CA ILE A 42 -6.09 -14.58 -0.44
C ILE A 42 -5.76 -13.24 -1.08
N PHE A 43 -6.77 -12.52 -1.45
CA PHE A 43 -6.63 -11.22 -2.06
C PHE A 43 -6.97 -10.16 -1.06
N LYS A 44 -6.25 -9.07 -1.09
CA LYS A 44 -6.58 -7.94 -0.27
C LYS A 44 -7.72 -7.19 -0.96
N LYS A 45 -8.84 -7.09 -0.29
CA LYS A 45 -10.03 -6.45 -0.86
C LYS A 45 -10.00 -4.96 -0.61
N PRO A 46 -10.29 -4.15 -1.64
CA PRO A 46 -10.30 -2.69 -1.52
C PRO A 46 -11.42 -2.20 -0.61
N VAL A 47 -11.08 -1.33 0.31
CA VAL A 47 -12.01 -0.83 1.32
C VAL A 47 -11.78 0.67 1.45
N PRO A 48 -12.70 1.44 2.10
CA PRO A 48 -12.46 2.85 2.38
C PRO A 48 -11.37 2.97 3.43
N THR A 49 -10.96 4.19 3.77
CA THR A 49 -9.88 4.45 4.75
C THR A 49 -8.59 3.74 4.32
N SER A 50 -8.40 3.69 2.99
CA SER A 50 -7.29 3.02 2.36
C SER A 50 -5.97 3.69 2.75
N CYS A 51 -4.92 2.94 2.66
CA CYS A 51 -3.61 3.43 2.94
C CYS A 51 -2.90 3.61 1.62
N LYS A 52 -2.50 4.80 1.34
CA LYS A 52 -1.83 5.12 0.10
C LYS A 52 -0.34 4.96 0.29
N LEU A 53 0.19 3.97 -0.37
CA LEU A 53 1.58 3.66 -0.30
C LEU A 53 2.26 4.09 -1.56
N ALA A 54 3.35 4.75 -1.42
CA ALA A 54 4.06 5.27 -2.56
C ALA A 54 5.53 5.20 -2.33
N LEU A 55 6.24 4.91 -3.35
CA LEU A 55 7.64 4.88 -3.28
C LEU A 55 8.16 6.07 -4.04
N THR A 56 9.00 6.84 -3.40
CA THR A 56 9.57 8.01 -3.99
C THR A 56 11.10 7.89 -3.97
N ASN A 57 11.73 8.39 -5.00
CA ASN A 57 13.19 8.33 -5.11
C ASN A 57 13.84 9.50 -4.35
N GLY A 58 15.17 9.55 -4.36
CA GLY A 58 15.90 10.60 -3.65
C GLY A 58 15.69 11.97 -4.25
N ASN A 59 15.28 11.99 -5.50
CA ASN A 59 14.97 13.23 -6.21
C ASN A 59 13.55 13.68 -5.93
N LYS A 60 12.90 13.00 -4.97
CA LYS A 60 11.54 13.33 -4.49
C LYS A 60 10.49 13.03 -5.54
N ARG A 61 10.83 12.22 -6.53
CA ARG A 61 9.89 11.85 -7.54
C ARG A 61 9.23 10.57 -7.14
N GLU A 62 7.93 10.59 -7.15
CA GLU A 62 7.12 9.45 -6.83
C GLU A 62 7.18 8.47 -7.98
N VAL A 63 7.89 7.38 -7.77
CA VAL A 63 8.10 6.42 -8.81
C VAL A 63 6.96 5.42 -8.86
N ASP A 64 6.35 5.16 -7.71
CA ASP A 64 5.20 4.25 -7.68
C ASP A 64 4.24 4.72 -6.63
N ALA A 65 3.03 4.23 -6.66
CA ALA A 65 1.94 4.68 -5.81
C ALA A 65 0.70 3.81 -5.96
N MET A 66 0.36 3.10 -4.91
CA MET A 66 -0.80 2.23 -4.88
C MET A 66 -1.47 2.32 -3.53
N LEU A 67 -2.76 2.22 -3.50
CA LEU A 67 -3.46 2.22 -2.25
C LEU A 67 -3.83 0.82 -1.88
N LEU A 68 -3.58 0.48 -0.67
CA LEU A 68 -3.91 -0.82 -0.15
C LEU A 68 -4.73 -0.68 1.12
N PRO A 69 -5.38 -1.77 1.56
CA PRO A 69 -6.11 -1.76 2.81
C PRO A 69 -5.14 -1.85 4.00
N PRO A 70 -5.59 -1.48 5.21
CA PRO A 70 -4.80 -1.60 6.43
C PRO A 70 -4.23 -3.02 6.57
N SER A 71 -2.90 -3.09 6.66
CA SER A 71 -2.15 -4.34 6.68
C SER A 71 -2.17 -5.05 5.31
N GLY A 72 -1.21 -4.69 4.49
CA GLY A 72 -1.05 -5.27 3.19
C GLY A 72 0.38 -5.11 2.74
N THR A 73 0.75 -5.78 1.68
CA THR A 73 2.08 -5.68 1.15
C THR A 73 2.05 -4.97 -0.21
N THR A 74 2.36 -3.70 -0.21
CA THR A 74 2.24 -2.90 -1.41
C THR A 74 3.48 -3.05 -2.28
N ILE A 75 3.28 -3.46 -3.50
CA ILE A 75 4.35 -3.59 -4.45
C ILE A 75 4.54 -2.25 -5.15
N LEU A 76 5.63 -1.61 -4.84
CA LEU A 76 5.97 -0.32 -5.37
C LEU A 76 7.27 -0.48 -6.13
N SER A 77 7.25 -0.28 -7.41
CA SER A 77 8.44 -0.55 -8.17
C SER A 77 9.16 0.74 -8.51
N ASP A 78 10.40 0.58 -8.87
CA ASP A 78 11.26 1.68 -9.25
C ASP A 78 11.39 1.70 -10.75
N THR A 79 11.14 2.83 -11.36
CA THR A 79 11.18 2.94 -12.79
C THR A 79 12.64 3.09 -13.29
N SER A 80 13.52 3.54 -12.43
CA SER A 80 14.91 3.75 -12.82
C SER A 80 15.81 2.78 -12.05
N GLY A 81 15.29 1.60 -11.76
CA GLY A 81 16.04 0.63 -11.00
C GLY A 81 15.42 -0.74 -11.03
N ALA A 82 14.06 -0.76 -11.10
CA ALA A 82 13.27 -2.00 -11.18
C ALA A 82 13.51 -2.88 -9.97
N GLY A 83 13.69 -2.23 -8.82
CA GLY A 83 14.01 -2.94 -7.59
C GLY A 83 12.85 -3.73 -7.06
N VAL A 84 11.65 -3.26 -7.41
CA VAL A 84 10.38 -3.86 -6.99
C VAL A 84 10.30 -3.93 -5.48
N PHE A 85 9.95 -2.84 -4.87
CA PHE A 85 9.91 -2.78 -3.45
C PHE A 85 8.58 -3.23 -2.92
N THR A 86 8.61 -4.05 -1.92
CA THR A 86 7.41 -4.49 -1.30
C THR A 86 7.33 -3.89 0.08
N ALA A 87 6.51 -2.89 0.21
CA ALA A 87 6.32 -2.19 1.44
C ALA A 87 5.22 -2.87 2.21
N LYS A 88 5.61 -3.55 3.22
CA LYS A 88 4.68 -4.23 4.06
C LYS A 88 4.24 -3.26 5.12
N VAL A 89 2.98 -2.97 5.14
CA VAL A 89 2.44 -1.97 6.04
C VAL A 89 1.64 -2.61 7.15
N ASN A 90 1.23 -1.80 8.09
CA ASN A 90 0.42 -2.26 9.18
C ASN A 90 -0.95 -1.56 9.05
N SER A 91 -1.83 -1.75 10.01
CA SER A 91 -3.18 -1.17 9.96
C SER A 91 -3.13 0.33 10.29
N LYS A 92 -1.93 0.79 10.52
CA LYS A 92 -1.60 2.17 10.79
C LYS A 92 -1.40 2.91 9.47
N CYS A 93 -1.39 2.15 8.35
CA CYS A 93 -1.16 2.67 6.99
C CYS A 93 0.28 3.02 6.75
N GLU A 94 1.12 2.64 7.67
CA GLU A 94 2.51 2.96 7.59
C GLU A 94 3.26 1.73 7.29
N PHE A 95 4.31 1.90 6.54
CA PHE A 95 5.12 0.81 6.15
C PHE A 95 5.98 0.39 7.34
N THR A 96 6.06 -0.88 7.55
CA THR A 96 6.84 -1.41 8.63
C THR A 96 8.13 -2.03 8.10
N SER A 97 8.08 -2.68 6.94
CA SER A 97 9.25 -3.31 6.37
C SER A 97 9.15 -3.36 4.85
N VAL A 98 10.22 -3.00 4.16
CA VAL A 98 10.26 -3.10 2.73
C VAL A 98 11.19 -4.22 2.32
N SER A 99 10.77 -5.00 1.39
CA SER A 99 11.60 -6.00 0.81
C SER A 99 12.01 -5.55 -0.62
N PRO A 100 13.30 -5.73 -1.01
CA PRO A 100 14.32 -6.38 -0.17
C PRO A 100 14.78 -5.49 1.00
N ALA A 101 15.01 -4.23 0.73
CA ALA A 101 15.46 -3.26 1.69
C ALA A 101 15.42 -1.92 1.02
N LEU A 102 15.06 -0.91 1.75
CA LEU A 102 14.95 0.42 1.21
C LEU A 102 16.32 1.10 1.24
N PRO A 103 16.80 1.58 0.09
CA PRO A 103 18.10 2.28 -0.02
C PRO A 103 18.04 3.76 0.44
N THR A 104 19.14 4.46 0.23
CA THR A 104 19.28 5.85 0.57
C THR A 104 18.43 6.73 -0.37
N GLY A 105 17.79 7.74 0.19
CA GLY A 105 17.04 8.70 -0.58
C GLY A 105 15.62 8.29 -0.82
N PHE A 106 15.41 7.01 -0.88
CA PHE A 106 14.10 6.49 -1.12
C PHE A 106 13.22 6.61 0.09
N LYS A 107 12.00 6.85 -0.18
CA LYS A 107 11.01 6.96 0.82
C LYS A 107 9.84 6.11 0.42
N ILE A 108 9.11 5.70 1.40
CA ILE A 108 7.94 4.94 1.25
C ILE A 108 6.89 5.67 2.01
N GLU A 109 6.04 6.30 1.31
CA GLU A 109 5.03 7.07 1.90
C GLU A 109 3.85 6.21 2.22
N GLY A 110 3.59 6.08 3.48
CA GLY A 110 2.43 5.42 3.92
C GLY A 110 1.44 6.43 4.41
N SER A 111 0.74 7.00 3.49
CA SER A 111 -0.23 8.00 3.78
C SER A 111 -1.62 7.37 3.74
N VAL A 112 -2.64 8.18 3.83
CA VAL A 112 -3.97 7.67 3.86
C VAL A 112 -4.68 8.15 2.58
N ASP A 113 -5.79 7.49 2.25
CA ASP A 113 -6.67 7.80 1.12
C ASP A 113 -7.04 9.29 1.07
N LYS A 114 -7.12 9.91 2.21
CA LYS A 114 -7.46 11.31 2.29
C LYS A 114 -6.29 12.14 2.78
N GLU A 115 -6.39 13.44 2.56
CA GLU A 115 -5.37 14.43 2.94
C GLU A 115 -5.27 14.53 4.47
N GLY A 116 -6.36 14.22 5.11
CA GLY A 116 -6.42 14.30 6.54
C GLY A 116 -7.71 14.90 6.93
N LYS A 117 -7.71 15.70 7.92
CA LYS A 117 -8.88 16.39 8.35
C LYS A 117 -8.64 17.87 8.16
N PRO A 118 -9.63 18.62 7.67
CA PRO A 118 -9.51 20.05 7.55
C PRO A 118 -10.03 20.74 8.81
N MET A 30 -19.54 -24.69 -36.63
CA MET A 30 -19.45 -24.69 -35.17
C MET A 30 -19.52 -23.27 -34.62
N ALA A 31 -20.17 -22.36 -35.38
CA ALA A 31 -20.23 -20.95 -35.05
C ALA A 31 -20.75 -20.70 -33.63
N ALA A 32 -19.86 -20.22 -32.80
CA ALA A 32 -20.16 -19.89 -31.44
C ALA A 32 -19.24 -18.78 -31.00
N PRO A 33 -19.78 -17.56 -30.78
CA PRO A 33 -18.97 -16.42 -30.39
C PRO A 33 -18.26 -16.63 -29.06
N THR A 34 -18.87 -17.45 -28.21
CA THR A 34 -18.34 -17.75 -26.89
C THR A 34 -18.26 -16.44 -26.06
N PRO A 35 -19.42 -16.01 -25.51
CA PRO A 35 -19.53 -14.74 -24.78
C PRO A 35 -18.72 -14.74 -23.49
N VAL A 36 -17.88 -13.74 -23.34
CA VAL A 36 -17.06 -13.62 -22.15
C VAL A 36 -17.92 -13.33 -20.93
N PRO A 37 -17.65 -14.01 -19.81
CA PRO A 37 -18.32 -13.77 -18.56
C PRO A 37 -17.63 -12.63 -17.82
N GLY A 38 -17.88 -12.53 -16.54
CA GLY A 38 -17.22 -11.54 -15.74
C GLY A 38 -15.78 -11.92 -15.50
N ILE A 39 -14.88 -11.40 -16.31
CA ILE A 39 -13.44 -11.70 -16.17
C ILE A 39 -12.79 -10.74 -15.18
N PHE A 40 -13.63 -10.11 -14.42
CA PHE A 40 -13.25 -9.20 -13.40
C PHE A 40 -13.91 -9.68 -12.12
N ASP A 41 -13.48 -9.18 -11.00
CA ASP A 41 -14.03 -9.65 -9.74
C ASP A 41 -15.05 -8.61 -9.25
N ILE A 42 -15.61 -8.83 -8.12
CA ILE A 42 -16.63 -7.95 -7.60
C ILE A 42 -16.00 -7.09 -6.52
N PHE A 43 -15.82 -5.85 -6.83
CA PHE A 43 -15.16 -4.93 -5.94
C PHE A 43 -16.00 -3.71 -5.66
N LYS A 44 -15.44 -2.86 -4.85
CA LYS A 44 -15.99 -1.59 -4.47
C LYS A 44 -14.82 -0.67 -4.41
N LYS A 45 -15.04 0.58 -4.08
CA LYS A 45 -13.93 1.46 -3.85
C LYS A 45 -13.22 1.01 -2.57
N PRO A 46 -11.90 1.23 -2.46
CA PRO A 46 -11.16 0.85 -1.26
C PRO A 46 -11.73 1.51 0.00
N VAL A 47 -11.41 0.94 1.14
CA VAL A 47 -11.87 1.43 2.43
C VAL A 47 -11.39 2.87 2.66
N PRO A 48 -12.06 3.65 3.56
CA PRO A 48 -11.69 5.04 3.84
C PRO A 48 -10.24 5.19 4.20
N THR A 49 -9.70 4.19 4.81
CA THR A 49 -8.33 4.18 5.14
C THR A 49 -7.55 3.53 4.00
N SER A 50 -7.66 4.13 2.83
CA SER A 50 -6.90 3.71 1.69
C SER A 50 -5.45 4.07 1.95
N CYS A 51 -4.65 3.08 2.21
CA CYS A 51 -3.29 3.30 2.52
C CYS A 51 -2.55 3.49 1.23
N LYS A 52 -2.07 4.66 1.02
CA LYS A 52 -1.33 4.92 -0.15
C LYS A 52 0.11 4.66 0.13
N LEU A 53 0.69 3.90 -0.69
CA LEU A 53 2.06 3.57 -0.62
C LEU A 53 2.70 4.13 -1.84
N ALA A 54 3.55 5.06 -1.63
CA ALA A 54 4.19 5.73 -2.70
C ALA A 54 5.65 5.70 -2.52
N LEU A 55 6.31 5.08 -3.42
CA LEU A 55 7.69 5.05 -3.37
C LEU A 55 8.22 6.17 -4.20
N THR A 56 9.12 6.89 -3.61
CA THR A 56 9.72 8.02 -4.21
C THR A 56 11.22 7.85 -4.12
N ASN A 57 11.93 8.28 -5.13
CA ASN A 57 13.38 8.24 -5.06
C ASN A 57 13.83 9.50 -4.33
N GLY A 58 15.10 9.57 -3.98
CA GLY A 58 15.64 10.68 -3.16
C GLY A 58 15.47 12.10 -3.72
N ASN A 59 14.96 12.22 -4.93
CA ASN A 59 14.71 13.53 -5.53
C ASN A 59 13.25 13.91 -5.35
N LYS A 60 12.54 13.09 -4.57
CA LYS A 60 11.11 13.27 -4.25
C LYS A 60 10.20 12.94 -5.43
N ARG A 61 10.78 12.37 -6.45
CA ARG A 61 10.01 11.94 -7.59
C ARG A 61 9.34 10.64 -7.24
N GLU A 62 8.06 10.61 -7.39
CA GLU A 62 7.27 9.45 -7.09
C GLU A 62 7.47 8.45 -8.21
N VAL A 63 8.05 7.33 -7.88
CA VAL A 63 8.30 6.30 -8.84
C VAL A 63 7.14 5.33 -8.91
N ASP A 64 6.42 5.18 -7.80
CA ASP A 64 5.25 4.32 -7.82
C ASP A 64 4.30 4.70 -6.72
N ALA A 65 3.05 4.37 -6.90
CA ALA A 65 1.99 4.75 -6.00
C ALA A 65 0.87 3.75 -6.08
N MET A 66 0.63 3.05 -5.02
CA MET A 66 -0.41 2.04 -4.96
C MET A 66 -1.28 2.28 -3.75
N LEU A 67 -2.57 2.08 -3.92
CA LEU A 67 -3.51 2.15 -2.83
C LEU A 67 -3.82 0.76 -2.36
N LEU A 68 -3.42 0.46 -1.17
CA LEU A 68 -3.67 -0.82 -0.58
C LEU A 68 -4.43 -0.70 0.73
N PRO A 69 -5.02 -1.81 1.22
CA PRO A 69 -5.70 -1.83 2.50
C PRO A 69 -4.69 -1.93 3.67
N PRO A 70 -5.12 -1.57 4.90
CA PRO A 70 -4.26 -1.63 6.09
C PRO A 70 -3.64 -3.01 6.28
N SER A 71 -2.35 -3.03 6.60
CA SER A 71 -1.57 -4.25 6.82
C SER A 71 -1.31 -5.05 5.52
N GLY A 72 -1.46 -4.40 4.38
CA GLY A 72 -1.16 -5.04 3.13
C GLY A 72 0.31 -4.92 2.77
N THR A 73 0.77 -5.77 1.90
CA THR A 73 2.13 -5.75 1.45
C THR A 73 2.16 -5.16 0.05
N THR A 74 2.58 -3.93 -0.07
CA THR A 74 2.48 -3.23 -1.32
C THR A 74 3.72 -3.41 -2.19
N ILE A 75 3.54 -4.05 -3.31
CA ILE A 75 4.60 -4.24 -4.26
C ILE A 75 4.65 -3.04 -5.19
N LEU A 76 5.57 -2.18 -4.93
CA LEU A 76 5.77 -0.96 -5.66
C LEU A 76 6.84 -1.19 -6.70
N SER A 77 6.71 -0.56 -7.83
CA SER A 77 7.65 -0.75 -8.91
C SER A 77 8.20 0.58 -9.40
N ASP A 78 9.47 0.78 -9.15
CA ASP A 78 10.21 1.99 -9.51
C ASP A 78 10.21 2.18 -11.00
N THR A 79 9.40 3.07 -11.51
CA THR A 79 9.39 3.34 -12.95
C THR A 79 10.77 3.88 -13.42
N SER A 80 11.49 4.49 -12.52
CA SER A 80 12.78 5.05 -12.86
C SER A 80 13.94 4.15 -12.36
N GLY A 81 13.64 2.94 -11.87
CA GLY A 81 14.72 2.13 -11.30
C GLY A 81 14.54 0.62 -11.39
N ALA A 82 13.28 0.17 -11.49
CA ALA A 82 12.92 -1.26 -11.55
C ALA A 82 13.49 -2.05 -10.38
N GLY A 83 13.45 -1.46 -9.20
CA GLY A 83 13.96 -2.14 -8.03
C GLY A 83 12.93 -3.10 -7.52
N VAL A 84 11.69 -2.65 -7.57
CA VAL A 84 10.51 -3.39 -7.16
C VAL A 84 10.55 -3.69 -5.66
N PHE A 85 9.95 -2.81 -4.92
CA PHE A 85 9.98 -2.88 -3.48
C PHE A 85 8.65 -3.24 -2.91
N THR A 86 8.65 -4.11 -1.93
CA THR A 86 7.43 -4.52 -1.29
C THR A 86 7.35 -3.90 0.10
N ALA A 87 6.60 -2.85 0.21
CA ALA A 87 6.41 -2.14 1.46
C ALA A 87 5.30 -2.78 2.25
N LYS A 88 5.67 -3.46 3.30
CA LYS A 88 4.72 -4.10 4.17
C LYS A 88 4.24 -3.05 5.16
N VAL A 89 2.95 -2.83 5.23
CA VAL A 89 2.44 -1.83 6.16
C VAL A 89 1.72 -2.45 7.33
N ASN A 90 1.41 -1.61 8.28
CA ASN A 90 0.65 -2.00 9.46
C ASN A 90 -0.77 -1.44 9.29
N SER A 91 -1.62 -1.55 10.31
CA SER A 91 -3.01 -1.10 10.25
C SER A 91 -3.06 0.43 10.23
N LYS A 92 -1.91 1.01 10.49
CA LYS A 92 -1.68 2.43 10.53
C LYS A 92 -1.52 2.99 9.12
N CYS A 93 -1.44 2.09 8.12
CA CYS A 93 -1.17 2.46 6.70
C CYS A 93 0.26 2.90 6.50
N GLU A 94 1.07 2.66 7.51
CA GLU A 94 2.43 3.05 7.47
C GLU A 94 3.26 1.85 7.26
N PHE A 95 4.26 1.99 6.46
CA PHE A 95 5.13 0.92 6.12
C PHE A 95 6.01 0.56 7.32
N THR A 96 6.13 -0.70 7.56
CA THR A 96 6.93 -1.19 8.62
C THR A 96 8.24 -1.75 8.07
N SER A 97 8.18 -2.49 6.98
CA SER A 97 9.38 -3.07 6.39
C SER A 97 9.22 -3.21 4.88
N VAL A 98 10.22 -2.83 4.15
CA VAL A 98 10.24 -2.99 2.72
C VAL A 98 11.11 -4.19 2.35
N SER A 99 10.62 -5.01 1.47
CA SER A 99 11.37 -6.12 0.94
C SER A 99 11.92 -5.68 -0.42
N PRO A 100 13.19 -6.02 -0.74
CA PRO A 100 14.10 -6.77 0.15
C PRO A 100 14.63 -5.91 1.30
N ALA A 101 14.79 -4.64 1.03
CA ALA A 101 15.24 -3.65 1.95
C ALA A 101 15.12 -2.35 1.23
N LEU A 102 14.86 -1.31 1.94
CA LEU A 102 14.76 -0.02 1.34
C LEU A 102 16.12 0.67 1.44
N PRO A 103 16.66 1.18 0.34
CA PRO A 103 17.91 1.89 0.36
C PRO A 103 17.72 3.31 0.93
N THR A 104 18.80 3.96 1.25
CA THR A 104 18.74 5.26 1.90
C THR A 104 18.56 6.41 0.91
N GLY A 105 18.41 6.07 -0.34
CA GLY A 105 18.15 7.05 -1.35
C GLY A 105 16.72 6.98 -1.83
N PHE A 106 15.86 6.40 -1.02
CA PHE A 106 14.44 6.28 -1.34
C PHE A 106 13.57 6.63 -0.16
N LYS A 107 12.31 6.91 -0.43
CA LYS A 107 11.34 7.22 0.58
C LYS A 107 10.01 6.54 0.27
N ILE A 108 9.53 5.76 1.20
CA ILE A 108 8.25 5.13 1.09
C ILE A 108 7.22 5.94 1.87
N GLU A 109 6.46 6.68 1.16
CA GLU A 109 5.36 7.43 1.69
C GLU A 109 4.21 6.49 2.00
N GLY A 110 4.08 6.17 3.26
CA GLY A 110 2.99 5.38 3.71
C GLY A 110 2.03 6.24 4.47
N SER A 111 1.04 6.72 3.79
CA SER A 111 0.04 7.58 4.38
C SER A 111 -1.31 7.32 3.72
N VAL A 112 -2.38 7.67 4.39
CA VAL A 112 -3.73 7.46 3.87
C VAL A 112 -4.04 8.48 2.76
N ASP A 113 -4.67 8.02 1.69
CA ASP A 113 -5.07 8.90 0.59
C ASP A 113 -6.28 9.71 1.01
N LYS A 114 -6.19 11.00 0.81
CA LYS A 114 -7.20 11.95 1.30
C LYS A 114 -8.34 12.21 0.30
N GLU A 115 -9.37 12.85 0.80
CA GLU A 115 -10.52 13.27 0.01
C GLU A 115 -10.14 14.49 -0.81
N GLY A 116 -9.34 15.33 -0.21
CA GLY A 116 -8.90 16.52 -0.84
C GLY A 116 -8.23 17.38 0.16
N LYS A 117 -8.38 18.66 0.01
CA LYS A 117 -7.79 19.59 0.92
C LYS A 117 -8.87 20.09 1.88
N PRO A 118 -8.49 20.43 3.13
CA PRO A 118 -9.44 20.91 4.12
C PRO A 118 -10.08 22.23 3.71
N MET A 30 -1.82 -32.91 12.69
CA MET A 30 -2.11 -33.43 11.36
C MET A 30 -2.45 -32.31 10.43
N ALA A 31 -1.65 -32.11 9.43
CA ALA A 31 -1.87 -31.09 8.46
C ALA A 31 -2.09 -31.74 7.13
N ALA A 32 -2.95 -31.17 6.33
CA ALA A 32 -3.29 -31.73 5.06
C ALA A 32 -3.75 -30.63 4.16
N PRO A 33 -3.50 -30.72 2.84
CA PRO A 33 -4.00 -29.75 1.89
C PRO A 33 -5.51 -29.84 1.83
N THR A 34 -6.17 -28.89 2.42
CA THR A 34 -7.60 -28.87 2.47
C THR A 34 -8.16 -28.45 1.13
N PRO A 35 -9.31 -29.01 0.73
CA PRO A 35 -9.95 -28.63 -0.51
C PRO A 35 -10.36 -27.16 -0.45
N VAL A 36 -9.77 -26.37 -1.31
CA VAL A 36 -9.98 -24.94 -1.33
C VAL A 36 -11.41 -24.63 -1.77
N PRO A 37 -12.18 -23.99 -0.89
CA PRO A 37 -13.55 -23.62 -1.17
C PRO A 37 -13.61 -22.28 -1.89
N GLY A 38 -14.79 -21.75 -2.00
CA GLY A 38 -14.93 -20.45 -2.59
C GLY A 38 -14.58 -19.42 -1.58
N ILE A 39 -13.47 -18.74 -1.78
CA ILE A 39 -13.05 -17.73 -0.84
C ILE A 39 -13.95 -16.52 -0.94
N PHE A 40 -14.28 -15.96 0.18
CA PHE A 40 -15.18 -14.84 0.25
C PHE A 40 -14.49 -13.58 -0.24
N ASP A 41 -15.10 -12.92 -1.19
CA ASP A 41 -14.54 -11.71 -1.76
C ASP A 41 -14.64 -10.58 -0.77
N ILE A 42 -13.64 -9.74 -0.76
CA ILE A 42 -13.58 -8.66 0.18
C ILE A 42 -14.45 -7.49 -0.22
N PHE A 43 -14.80 -6.70 0.73
CA PHE A 43 -15.64 -5.57 0.51
C PHE A 43 -14.91 -4.30 0.88
N LYS A 44 -15.12 -3.25 0.12
CA LYS A 44 -14.57 -1.97 0.46
C LYS A 44 -15.53 -1.27 1.39
N LYS A 45 -15.30 -1.43 2.65
CA LYS A 45 -16.12 -0.82 3.66
C LYS A 45 -15.69 0.63 3.81
N PRO A 46 -16.63 1.58 3.62
CA PRO A 46 -16.34 3.00 3.66
C PRO A 46 -15.92 3.46 5.06
N VAL A 47 -14.64 3.39 5.29
CA VAL A 47 -14.00 3.81 6.49
C VAL A 47 -12.69 4.40 6.02
N PRO A 48 -12.36 5.65 6.39
CA PRO A 48 -11.12 6.31 5.96
C PRO A 48 -9.87 5.63 6.52
N THR A 49 -9.56 4.49 5.93
CA THR A 49 -8.46 3.64 6.31
C THR A 49 -7.83 3.01 5.07
N SER A 50 -8.01 3.66 3.95
CA SER A 50 -7.39 3.25 2.71
C SER A 50 -5.96 3.80 2.77
N CYS A 51 -4.99 3.03 2.42
CA CYS A 51 -3.64 3.46 2.62
C CYS A 51 -2.98 3.70 1.27
N LYS A 52 -2.53 4.90 1.03
CA LYS A 52 -1.86 5.21 -0.20
C LYS A 52 -0.38 5.16 0.04
N LEU A 53 0.22 4.13 -0.44
CA LEU A 53 1.63 3.90 -0.30
C LEU A 53 2.34 4.39 -1.52
N ALA A 54 3.20 5.35 -1.33
CA ALA A 54 3.94 5.93 -2.41
C ALA A 54 5.40 5.62 -2.27
N LEU A 55 6.02 5.31 -3.37
CA LEU A 55 7.42 5.07 -3.40
C LEU A 55 8.04 6.11 -4.30
N THR A 56 8.76 6.97 -3.67
CA THR A 56 9.41 8.05 -4.31
C THR A 56 10.91 7.83 -4.20
N ASN A 57 11.65 8.30 -5.16
CA ASN A 57 13.09 8.12 -5.19
C ASN A 57 13.82 9.23 -4.43
N GLY A 58 15.15 9.27 -4.54
CA GLY A 58 15.97 10.26 -3.88
C GLY A 58 15.60 11.68 -4.25
N ASN A 59 15.22 11.89 -5.49
CA ASN A 59 14.81 13.20 -5.99
C ASN A 59 13.35 13.48 -5.71
N LYS A 60 12.74 12.57 -4.96
CA LYS A 60 11.34 12.66 -4.53
C LYS A 60 10.37 12.53 -5.69
N ARG A 61 10.81 11.89 -6.75
CA ARG A 61 9.93 11.66 -7.85
C ARG A 61 9.13 10.44 -7.50
N GLU A 62 7.83 10.53 -7.57
CA GLU A 62 6.99 9.42 -7.22
C GLU A 62 7.02 8.43 -8.36
N VAL A 63 7.73 7.36 -8.14
CA VAL A 63 7.91 6.39 -9.16
C VAL A 63 6.78 5.40 -9.15
N ASP A 64 6.23 5.14 -7.97
CA ASP A 64 5.09 4.26 -7.91
C ASP A 64 4.23 4.65 -6.72
N ALA A 65 3.01 4.17 -6.72
CA ALA A 65 2.01 4.52 -5.73
C ALA A 65 0.79 3.62 -5.90
N MET A 66 0.38 2.99 -4.82
CA MET A 66 -0.81 2.14 -4.83
C MET A 66 -1.63 2.34 -3.57
N LEU A 67 -2.91 2.17 -3.72
CA LEU A 67 -3.86 2.25 -2.63
C LEU A 67 -4.11 0.86 -2.10
N LEU A 68 -3.60 0.56 -0.97
CA LEU A 68 -3.78 -0.74 -0.40
C LEU A 68 -4.48 -0.68 0.94
N PRO A 69 -5.08 -1.79 1.37
CA PRO A 69 -5.72 -1.87 2.67
C PRO A 69 -4.66 -2.01 3.80
N PRO A 70 -5.08 -1.79 5.07
CA PRO A 70 -4.20 -1.89 6.23
C PRO A 70 -3.51 -3.25 6.33
N SER A 71 -2.22 -3.20 6.65
CA SER A 71 -1.34 -4.37 6.80
C SER A 71 -0.98 -5.04 5.46
N GLY A 72 -1.37 -4.41 4.35
CA GLY A 72 -1.07 -4.95 3.05
C GLY A 72 0.38 -4.80 2.65
N THR A 73 0.78 -5.53 1.65
CA THR A 73 2.11 -5.50 1.14
C THR A 73 2.10 -4.80 -0.21
N THR A 74 2.45 -3.55 -0.23
CA THR A 74 2.35 -2.77 -1.43
C THR A 74 3.61 -2.91 -2.29
N ILE A 75 3.47 -3.53 -3.42
CA ILE A 75 4.55 -3.70 -4.36
C ILE A 75 4.65 -2.44 -5.21
N LEU A 76 5.61 -1.64 -4.90
CA LEU A 76 5.85 -0.39 -5.56
C LEU A 76 7.12 -0.51 -6.36
N SER A 77 7.02 -0.33 -7.62
CA SER A 77 8.11 -0.62 -8.47
C SER A 77 8.79 0.65 -8.97
N ASP A 78 10.10 0.73 -8.74
CA ASP A 78 10.90 1.86 -9.19
C ASP A 78 11.09 1.80 -10.68
N THR A 79 10.70 2.84 -11.34
CA THR A 79 10.70 2.85 -12.77
C THR A 79 12.13 3.10 -13.34
N SER A 80 13.05 3.54 -12.51
CA SER A 80 14.39 3.88 -12.98
C SER A 80 15.33 2.65 -12.94
N GLY A 81 15.27 1.87 -11.88
CA GLY A 81 16.16 0.76 -11.72
C GLY A 81 15.43 -0.49 -11.32
N ALA A 82 14.15 -0.35 -10.94
CA ALA A 82 13.31 -1.47 -10.60
C ALA A 82 13.80 -2.26 -9.39
N GLY A 83 13.72 -1.62 -8.24
CA GLY A 83 14.07 -2.27 -7.01
C GLY A 83 12.95 -3.15 -6.53
N VAL A 84 11.73 -2.86 -7.05
CA VAL A 84 10.50 -3.56 -6.70
C VAL A 84 10.31 -3.58 -5.19
N PHE A 85 9.90 -2.47 -4.67
CA PHE A 85 9.82 -2.30 -3.26
C PHE A 85 8.49 -2.72 -2.72
N THR A 86 8.50 -3.77 -1.98
CA THR A 86 7.33 -4.27 -1.38
C THR A 86 7.23 -3.73 0.04
N ALA A 87 6.49 -2.67 0.18
CA ALA A 87 6.29 -2.00 1.44
C ALA A 87 5.22 -2.71 2.23
N LYS A 88 5.64 -3.39 3.25
CA LYS A 88 4.75 -4.10 4.14
C LYS A 88 4.29 -3.12 5.19
N VAL A 89 3.04 -2.79 5.19
CA VAL A 89 2.53 -1.78 6.11
C VAL A 89 1.82 -2.38 7.30
N ASN A 90 1.53 -1.56 8.25
CA ASN A 90 0.83 -1.98 9.45
C ASN A 90 -0.61 -1.47 9.33
N SER A 91 -1.41 -1.63 10.35
CA SER A 91 -2.81 -1.23 10.31
C SER A 91 -2.93 0.27 10.61
N LYS A 92 -1.80 0.92 10.51
CA LYS A 92 -1.67 2.33 10.70
C LYS A 92 -1.53 3.00 9.34
N CYS A 93 -1.39 2.14 8.29
CA CYS A 93 -1.19 2.59 6.88
C CYS A 93 0.22 3.04 6.59
N GLU A 94 1.11 2.82 7.51
CA GLU A 94 2.46 3.21 7.32
C GLU A 94 3.31 2.00 7.15
N PHE A 95 4.41 2.16 6.49
CA PHE A 95 5.23 1.05 6.16
C PHE A 95 6.08 0.62 7.35
N THR A 96 6.19 -0.67 7.50
CA THR A 96 7.00 -1.23 8.55
C THR A 96 8.30 -1.79 7.99
N SER A 97 8.23 -2.51 6.88
CA SER A 97 9.40 -3.13 6.29
C SER A 97 9.23 -3.19 4.77
N VAL A 98 10.25 -2.80 4.04
CA VAL A 98 10.24 -2.92 2.60
C VAL A 98 11.15 -4.06 2.18
N SER A 99 10.65 -4.88 1.31
CA SER A 99 11.41 -5.93 0.73
C SER A 99 11.79 -5.48 -0.69
N PRO A 100 13.04 -5.73 -1.14
CA PRO A 100 14.06 -6.49 -0.39
C PRO A 100 14.63 -5.69 0.80
N ALA A 101 14.77 -4.40 0.59
CA ALA A 101 15.28 -3.47 1.56
C ALA A 101 15.12 -2.12 0.93
N LEU A 102 14.83 -1.14 1.70
CA LEU A 102 14.67 0.19 1.15
C LEU A 102 16.01 0.91 1.21
N PRO A 103 16.52 1.41 0.09
CA PRO A 103 17.79 2.12 0.04
C PRO A 103 17.63 3.54 0.57
N THR A 104 18.74 4.16 0.86
CA THR A 104 18.75 5.45 1.44
C THR A 104 18.39 6.52 0.40
N GLY A 105 17.35 7.27 0.67
CA GLY A 105 16.92 8.31 -0.21
C GLY A 105 15.52 8.08 -0.68
N PHE A 106 15.15 6.83 -0.74
CA PHE A 106 13.82 6.45 -1.14
C PHE A 106 12.84 6.64 -0.04
N LYS A 107 11.69 7.13 -0.39
CA LYS A 107 10.67 7.41 0.57
C LYS A 107 9.43 6.62 0.27
N ILE A 108 9.11 5.74 1.19
CA ILE A 108 7.86 5.05 1.21
C ILE A 108 6.97 5.84 2.10
N GLU A 109 6.11 6.58 1.51
CA GLU A 109 5.24 7.43 2.24
C GLU A 109 3.90 6.73 2.40
N GLY A 110 3.60 6.35 3.62
CA GLY A 110 2.37 5.68 3.91
C GLY A 110 1.30 6.65 4.32
N SER A 111 0.77 7.32 3.34
CA SER A 111 -0.25 8.29 3.56
C SER A 111 -1.62 7.60 3.54
N VAL A 112 -2.62 8.23 4.06
CA VAL A 112 -3.93 7.64 4.10
C VAL A 112 -4.81 8.26 3.03
N ASP A 113 -5.44 7.41 2.28
CA ASP A 113 -6.37 7.79 1.24
C ASP A 113 -7.70 8.12 1.88
N LYS A 114 -8.11 9.34 1.70
CA LYS A 114 -9.27 9.87 2.38
C LYS A 114 -10.46 9.94 1.44
N GLU A 115 -11.46 10.67 1.87
CA GLU A 115 -12.66 10.95 1.08
C GLU A 115 -12.32 11.84 -0.12
N GLY A 116 -11.24 12.53 0.02
CA GLY A 116 -10.79 13.46 -0.96
C GLY A 116 -9.87 14.43 -0.29
N LYS A 117 -9.79 15.62 -0.79
CA LYS A 117 -8.96 16.62 -0.18
C LYS A 117 -9.83 17.52 0.68
N PRO A 118 -9.67 17.46 2.01
CA PRO A 118 -10.43 18.30 2.94
C PRO A 118 -10.00 19.76 2.82
N MET A 30 2.34 -30.75 10.43
CA MET A 30 3.47 -30.00 9.87
C MET A 30 3.00 -28.64 9.42
N ALA A 31 3.92 -27.72 9.22
CA ALA A 31 3.58 -26.38 8.84
C ALA A 31 3.91 -26.14 7.38
N ALA A 32 2.90 -25.85 6.60
CA ALA A 32 3.05 -25.53 5.20
C ALA A 32 2.94 -24.02 5.03
N PRO A 33 4.06 -23.32 4.87
CA PRO A 33 4.07 -21.86 4.84
C PRO A 33 3.71 -21.26 3.48
N THR A 34 3.57 -22.10 2.47
CA THR A 34 3.21 -21.63 1.16
C THR A 34 1.91 -22.30 0.64
N PRO A 35 0.73 -21.82 1.08
CA PRO A 35 -0.56 -22.39 0.66
C PRO A 35 -0.92 -21.97 -0.77
N VAL A 36 -0.27 -20.91 -1.24
CA VAL A 36 -0.50 -20.33 -2.56
C VAL A 36 -1.95 -19.84 -2.70
N PRO A 37 -2.19 -18.56 -2.41
CA PRO A 37 -3.53 -17.98 -2.46
C PRO A 37 -4.12 -18.04 -3.87
N GLY A 38 -5.18 -18.80 -4.00
CA GLY A 38 -5.88 -18.88 -5.27
C GLY A 38 -6.86 -17.76 -5.38
N ILE A 39 -7.07 -17.10 -4.27
CA ILE A 39 -7.93 -15.95 -4.20
C ILE A 39 -7.13 -14.76 -4.68
N PHE A 40 -7.42 -14.33 -5.87
CA PHE A 40 -6.74 -13.20 -6.43
C PHE A 40 -7.47 -11.95 -6.07
N ASP A 41 -7.06 -11.35 -4.98
CA ASP A 41 -7.68 -10.14 -4.50
C ASP A 41 -7.33 -9.02 -5.43
N ILE A 42 -8.33 -8.54 -6.12
CA ILE A 42 -8.17 -7.52 -7.13
C ILE A 42 -7.88 -6.16 -6.50
N PHE A 43 -7.64 -5.18 -7.34
CA PHE A 43 -7.33 -3.85 -6.88
C PHE A 43 -8.63 -3.13 -6.63
N LYS A 44 -8.99 -3.08 -5.39
CA LYS A 44 -10.25 -2.56 -4.97
C LYS A 44 -10.07 -1.96 -3.60
N LYS A 45 -10.85 -0.97 -3.29
CA LYS A 45 -10.86 -0.43 -1.97
C LYS A 45 -12.18 -0.83 -1.28
N PRO A 46 -12.19 -2.00 -0.60
CA PRO A 46 -13.41 -2.54 0.01
C PRO A 46 -13.76 -1.81 1.30
N VAL A 47 -12.78 -1.23 1.88
CA VAL A 47 -12.91 -0.51 3.09
C VAL A 47 -12.22 0.84 2.89
N PRO A 48 -12.84 1.94 3.35
CA PRO A 48 -12.21 3.26 3.30
C PRO A 48 -11.01 3.31 4.21
N THR A 49 -10.34 4.44 4.23
CA THR A 49 -9.14 4.63 5.05
C THR A 49 -8.07 3.60 4.75
N SER A 50 -7.92 3.30 3.46
CA SER A 50 -6.91 2.40 2.98
C SER A 50 -5.54 3.09 3.11
N CYS A 51 -4.51 2.38 2.81
CA CYS A 51 -3.19 2.90 2.96
C CYS A 51 -2.63 3.19 1.59
N LYS A 52 -1.97 4.27 1.46
CA LYS A 52 -1.37 4.61 0.23
C LYS A 52 0.07 4.35 0.39
N LEU A 53 0.60 3.68 -0.50
CA LEU A 53 1.94 3.34 -0.48
C LEU A 53 2.58 3.85 -1.70
N ALA A 54 3.44 4.80 -1.51
CA ALA A 54 4.09 5.45 -2.58
C ALA A 54 5.54 5.43 -2.36
N LEU A 55 6.25 5.21 -3.38
CA LEU A 55 7.64 5.21 -3.30
C LEU A 55 8.14 6.37 -4.09
N THR A 56 9.02 7.10 -3.50
CA THR A 56 9.59 8.26 -4.10
C THR A 56 11.10 8.07 -4.14
N ASN A 57 11.74 8.47 -5.21
CA ASN A 57 13.19 8.33 -5.33
C ASN A 57 13.89 9.52 -4.68
N GLY A 58 15.20 9.56 -4.75
CA GLY A 58 16.00 10.61 -4.10
C GLY A 58 15.74 11.99 -4.68
N ASN A 59 15.24 12.04 -5.90
CA ASN A 59 14.92 13.32 -6.57
C ASN A 59 13.58 13.82 -6.08
N LYS A 60 13.00 13.07 -5.14
CA LYS A 60 11.72 13.33 -4.52
C LYS A 60 10.58 13.06 -5.48
N ARG A 61 10.90 12.40 -6.58
CA ARG A 61 9.88 12.05 -7.53
C ARG A 61 9.18 10.79 -7.11
N GLU A 62 7.89 10.85 -7.10
CA GLU A 62 7.06 9.73 -6.78
C GLU A 62 7.17 8.74 -7.93
N VAL A 63 7.91 7.69 -7.69
CA VAL A 63 8.22 6.74 -8.70
C VAL A 63 7.10 5.72 -8.82
N ASP A 64 6.43 5.44 -7.72
CA ASP A 64 5.30 4.53 -7.76
C ASP A 64 4.35 4.93 -6.67
N ALA A 65 3.14 4.44 -6.73
CA ALA A 65 2.07 4.85 -5.83
C ALA A 65 0.86 3.98 -6.05
N MET A 66 0.45 3.27 -5.02
CA MET A 66 -0.73 2.42 -5.06
C MET A 66 -1.44 2.46 -3.72
N LEU A 67 -2.69 2.13 -3.71
CA LEU A 67 -3.50 2.08 -2.50
C LEU A 67 -3.79 0.65 -2.13
N LEU A 68 -3.32 0.22 -0.98
CA LEU A 68 -3.66 -1.08 -0.49
C LEU A 68 -4.31 -1.00 0.89
N PRO A 69 -5.15 -2.00 1.26
CA PRO A 69 -5.82 -2.01 2.57
C PRO A 69 -4.82 -2.04 3.75
N PRO A 70 -5.28 -1.66 4.97
CA PRO A 70 -4.45 -1.70 6.18
C PRO A 70 -3.77 -3.06 6.37
N SER A 71 -2.47 -3.02 6.69
CA SER A 71 -1.62 -4.21 6.87
C SER A 71 -1.30 -4.88 5.51
N GLY A 72 -1.55 -4.16 4.43
CA GLY A 72 -1.30 -4.68 3.12
C GLY A 72 0.15 -4.53 2.73
N THR A 73 0.57 -5.30 1.78
CA THR A 73 1.93 -5.27 1.32
C THR A 73 1.92 -4.86 -0.15
N THR A 74 2.29 -3.63 -0.44
CA THR A 74 2.21 -3.12 -1.80
C THR A 74 3.52 -3.25 -2.54
N ILE A 75 3.43 -3.70 -3.77
CA ILE A 75 4.56 -3.91 -4.64
C ILE A 75 4.73 -2.67 -5.53
N LEU A 76 5.69 -1.88 -5.18
CA LEU A 76 5.96 -0.63 -5.87
C LEU A 76 7.13 -0.85 -6.81
N SER A 77 7.03 -0.36 -8.02
CA SER A 77 8.03 -0.61 -9.02
C SER A 77 8.83 0.63 -9.42
N ASP A 78 10.12 0.55 -9.28
CA ASP A 78 11.03 1.63 -9.68
C ASP A 78 11.21 1.67 -11.18
N THR A 79 10.78 2.72 -11.80
CA THR A 79 11.06 2.90 -13.22
C THR A 79 12.51 3.46 -13.34
N SER A 80 13.05 3.80 -12.19
CA SER A 80 14.35 4.37 -12.04
C SER A 80 15.47 3.33 -11.87
N GLY A 81 15.18 2.07 -12.19
CA GLY A 81 16.20 1.05 -12.03
C GLY A 81 15.67 -0.29 -11.54
N ALA A 82 14.35 -0.40 -11.40
CA ALA A 82 13.62 -1.62 -11.02
C ALA A 82 14.19 -2.37 -9.81
N GLY A 83 13.84 -1.92 -8.64
CA GLY A 83 14.21 -2.64 -7.46
C GLY A 83 13.02 -3.45 -7.03
N VAL A 84 11.86 -2.80 -7.11
CA VAL A 84 10.58 -3.37 -6.79
C VAL A 84 10.47 -3.56 -5.30
N PHE A 85 9.96 -2.55 -4.68
CA PHE A 85 9.88 -2.52 -3.27
C PHE A 85 8.51 -2.89 -2.76
N THR A 86 8.48 -3.90 -1.95
CA THR A 86 7.26 -4.36 -1.37
C THR A 86 7.16 -3.80 0.04
N ALA A 87 6.42 -2.74 0.16
CA ALA A 87 6.22 -2.06 1.42
C ALA A 87 5.09 -2.70 2.18
N LYS A 88 5.41 -3.25 3.29
CA LYS A 88 4.45 -3.86 4.17
C LYS A 88 4.04 -2.82 5.19
N VAL A 89 2.78 -2.49 5.27
CA VAL A 89 2.31 -1.58 6.33
C VAL A 89 1.63 -2.30 7.46
N ASN A 90 1.41 -1.58 8.53
CA ASN A 90 0.62 -2.08 9.64
C ASN A 90 -0.82 -1.57 9.39
N SER A 91 -1.76 -1.82 10.29
CA SER A 91 -3.14 -1.35 10.11
C SER A 91 -3.21 0.18 10.32
N LYS A 92 -2.08 0.74 10.66
CA LYS A 92 -1.89 2.15 10.89
C LYS A 92 -1.53 2.85 9.57
N CYS A 93 -1.39 2.06 8.50
CA CYS A 93 -1.05 2.56 7.14
C CYS A 93 0.36 3.08 7.02
N GLU A 94 1.16 2.81 8.01
CA GLU A 94 2.52 3.21 7.98
C GLU A 94 3.34 1.99 7.67
N PHE A 95 4.34 2.18 6.85
CA PHE A 95 5.16 1.10 6.40
C PHE A 95 6.05 0.61 7.52
N THR A 96 6.05 -0.67 7.71
CA THR A 96 6.86 -1.29 8.69
C THR A 96 8.14 -1.86 8.07
N SER A 97 8.02 -2.58 6.97
CA SER A 97 9.16 -3.23 6.36
C SER A 97 9.03 -3.21 4.84
N VAL A 98 10.09 -2.92 4.16
CA VAL A 98 10.11 -2.97 2.72
C VAL A 98 11.01 -4.09 2.27
N SER A 99 10.49 -4.93 1.45
CA SER A 99 11.25 -6.00 0.88
C SER A 99 11.73 -5.56 -0.51
N PRO A 100 12.98 -5.87 -0.91
CA PRO A 100 13.94 -6.62 -0.06
C PRO A 100 14.48 -5.78 1.11
N ALA A 101 14.76 -4.52 0.82
CA ALA A 101 15.28 -3.56 1.78
C ALA A 101 15.26 -2.22 1.10
N LEU A 102 14.81 -1.22 1.78
CA LEU A 102 14.76 0.10 1.19
C LEU A 102 16.13 0.77 1.33
N PRO A 103 16.67 1.32 0.25
CA PRO A 103 17.94 2.00 0.28
C PRO A 103 17.78 3.46 0.70
N THR A 104 18.86 4.19 0.70
CA THR A 104 18.84 5.57 1.05
C THR A 104 18.36 6.40 -0.13
N GLY A 105 17.78 7.54 0.15
CA GLY A 105 17.28 8.39 -0.90
C GLY A 105 15.82 8.13 -1.15
N PHE A 106 15.44 6.88 -1.06
CA PHE A 106 14.08 6.48 -1.30
C PHE A 106 13.21 6.69 -0.07
N LYS A 107 12.03 7.15 -0.30
CA LYS A 107 11.06 7.39 0.73
C LYS A 107 9.77 6.69 0.39
N ILE A 108 9.35 5.82 1.26
CA ILE A 108 8.11 5.15 1.12
C ILE A 108 7.08 5.90 1.91
N GLU A 109 6.28 6.63 1.23
CA GLU A 109 5.21 7.34 1.84
C GLU A 109 4.08 6.41 2.12
N GLY A 110 3.92 6.10 3.37
CA GLY A 110 2.79 5.37 3.81
C GLY A 110 1.74 6.36 4.22
N SER A 111 1.11 6.91 3.23
CA SER A 111 0.09 7.87 3.42
C SER A 111 -1.23 7.11 3.58
N VAL A 112 -2.29 7.80 3.80
CA VAL A 112 -3.56 7.14 3.98
C VAL A 112 -4.46 7.55 2.81
N ASP A 113 -5.49 6.81 2.58
CA ASP A 113 -6.50 7.10 1.55
C ASP A 113 -7.18 8.46 1.79
N LYS A 114 -7.21 8.89 3.04
CA LYS A 114 -7.76 10.18 3.37
C LYS A 114 -6.70 11.24 3.12
N GLU A 115 -7.13 12.46 2.92
CA GLU A 115 -6.26 13.56 2.62
C GLU A 115 -5.26 13.76 3.75
N GLY A 116 -5.78 13.86 4.93
CA GLY A 116 -4.98 14.15 6.06
C GLY A 116 -5.29 15.55 6.51
N LYS A 117 -4.47 16.10 7.32
CA LYS A 117 -4.66 17.44 7.78
C LYS A 117 -3.43 18.25 7.44
N PRO A 118 -3.60 19.53 7.09
CA PRO A 118 -2.46 20.42 6.91
C PRO A 118 -1.77 20.67 8.25
N MET A 30 -58.17 1.06 3.09
CA MET A 30 -57.47 -0.19 2.85
C MET A 30 -56.18 -0.15 3.64
N ALA A 31 -56.15 -0.90 4.70
CA ALA A 31 -55.00 -0.98 5.54
C ALA A 31 -54.71 -2.41 5.86
N ALA A 32 -53.96 -3.03 5.01
CA ALA A 32 -53.59 -4.40 5.19
C ALA A 32 -52.23 -4.44 5.84
N PRO A 33 -51.98 -5.46 6.69
CA PRO A 33 -50.66 -5.67 7.29
C PRO A 33 -49.59 -5.70 6.21
N THR A 34 -48.66 -4.80 6.30
CA THR A 34 -47.65 -4.67 5.30
C THR A 34 -46.35 -5.31 5.80
N PRO A 35 -46.00 -6.51 5.29
CA PRO A 35 -44.79 -7.19 5.66
C PRO A 35 -43.59 -6.53 5.03
N VAL A 36 -42.88 -5.75 5.79
CA VAL A 36 -41.73 -5.08 5.28
C VAL A 36 -40.54 -6.03 5.28
N PRO A 37 -39.81 -6.13 4.15
CA PRO A 37 -38.62 -7.00 4.06
C PRO A 37 -37.62 -6.69 5.17
N GLY A 38 -37.47 -5.41 5.47
CA GLY A 38 -36.59 -4.97 6.54
C GLY A 38 -35.12 -5.02 6.15
N ILE A 39 -34.88 -5.34 4.91
CA ILE A 39 -33.53 -5.45 4.39
C ILE A 39 -33.15 -4.17 3.69
N PHE A 40 -31.88 -4.03 3.42
CA PHE A 40 -31.36 -2.86 2.78
C PHE A 40 -30.35 -3.31 1.74
N ASP A 41 -29.63 -2.39 1.16
CA ASP A 41 -28.58 -2.72 0.22
C ASP A 41 -27.30 -2.93 0.98
N ILE A 42 -26.43 -3.72 0.44
CA ILE A 42 -25.17 -4.00 1.09
C ILE A 42 -24.06 -3.26 0.37
N PHE A 43 -23.06 -2.90 1.12
CA PHE A 43 -21.88 -2.20 0.63
C PHE A 43 -21.24 -2.90 -0.58
N LYS A 44 -21.23 -2.21 -1.68
CA LYS A 44 -20.63 -2.72 -2.91
C LYS A 44 -19.39 -1.91 -3.26
N LYS A 45 -19.30 -0.73 -2.68
CA LYS A 45 -18.18 0.14 -2.89
C LYS A 45 -17.03 -0.30 -1.98
N PRO A 46 -15.77 -0.27 -2.48
CA PRO A 46 -14.58 -0.59 -1.66
C PRO A 46 -14.52 0.27 -0.39
N VAL A 47 -13.86 -0.22 0.62
CA VAL A 47 -13.79 0.44 1.90
C VAL A 47 -12.85 1.67 1.83
N PRO A 48 -13.21 2.79 2.49
CA PRO A 48 -12.33 3.96 2.62
C PRO A 48 -11.13 3.64 3.51
N THR A 49 -10.39 4.66 3.90
CA THR A 49 -9.21 4.52 4.73
C THR A 49 -8.17 3.59 4.11
N SER A 50 -8.07 3.68 2.79
CA SER A 50 -7.15 2.91 2.03
C SER A 50 -5.75 3.47 2.24
N CYS A 51 -4.82 2.60 2.50
CA CYS A 51 -3.49 3.01 2.78
C CYS A 51 -2.78 3.25 1.46
N LYS A 52 -2.31 4.42 1.29
CA LYS A 52 -1.64 4.78 0.10
C LYS A 52 -0.17 4.66 0.36
N LEU A 53 0.50 3.98 -0.48
CA LEU A 53 1.91 3.77 -0.36
C LEU A 53 2.56 4.40 -1.55
N ALA A 54 3.27 5.45 -1.30
CA ALA A 54 3.95 6.15 -2.35
C ALA A 54 5.44 5.95 -2.22
N LEU A 55 6.05 5.57 -3.29
CA LEU A 55 7.47 5.32 -3.31
C LEU A 55 8.12 6.31 -4.25
N THR A 56 8.92 7.17 -3.68
CA THR A 56 9.65 8.16 -4.40
C THR A 56 11.13 7.76 -4.37
N ASN A 57 11.82 8.03 -5.45
CA ASN A 57 13.26 7.72 -5.52
C ASN A 57 14.08 8.75 -4.73
N GLY A 58 15.41 8.66 -4.83
CA GLY A 58 16.29 9.60 -4.12
C GLY A 58 16.13 11.02 -4.62
N ASN A 59 15.65 11.15 -5.84
CA ASN A 59 15.40 12.45 -6.46
C ASN A 59 14.02 12.94 -6.07
N LYS A 60 13.39 12.19 -5.17
CA LYS A 60 12.07 12.42 -4.67
C LYS A 60 11.00 12.41 -5.72
N ARG A 61 11.25 11.72 -6.81
CA ARG A 61 10.27 11.59 -7.83
C ARG A 61 9.40 10.41 -7.48
N GLU A 62 8.11 10.64 -7.39
CA GLU A 62 7.16 9.60 -7.07
C GLU A 62 7.14 8.63 -8.23
N VAL A 63 7.75 7.49 -8.04
CA VAL A 63 7.86 6.53 -9.09
C VAL A 63 6.70 5.58 -9.04
N ASP A 64 6.18 5.32 -7.85
CA ASP A 64 5.04 4.43 -7.74
C ASP A 64 4.18 4.88 -6.58
N ALA A 65 2.97 4.38 -6.54
CA ALA A 65 1.97 4.76 -5.58
C ALA A 65 0.76 3.85 -5.75
N MET A 66 0.35 3.20 -4.70
CA MET A 66 -0.80 2.30 -4.74
C MET A 66 -1.65 2.44 -3.51
N LEU A 67 -2.89 2.03 -3.64
CA LEU A 67 -3.83 1.96 -2.54
C LEU A 67 -3.95 0.53 -2.10
N LEU A 68 -3.43 0.26 -0.96
CA LEU A 68 -3.40 -1.03 -0.44
C LEU A 68 -4.24 -1.04 0.85
N PRO A 69 -4.99 -2.12 1.11
CA PRO A 69 -5.72 -2.28 2.37
C PRO A 69 -4.77 -2.32 3.58
N PRO A 70 -5.23 -1.89 4.77
CA PRO A 70 -4.44 -1.90 5.99
C PRO A 70 -3.80 -3.28 6.28
N SER A 71 -2.55 -3.23 6.73
CA SER A 71 -1.76 -4.40 7.13
C SER A 71 -1.31 -5.28 5.94
N GLY A 72 -1.46 -4.78 4.72
CA GLY A 72 -1.08 -5.57 3.57
C GLY A 72 0.32 -5.26 3.08
N THR A 73 0.64 -5.74 1.90
CA THR A 73 1.94 -5.57 1.30
C THR A 73 1.77 -4.91 -0.06
N THR A 74 2.49 -3.84 -0.30
CA THR A 74 2.34 -3.11 -1.54
C THR A 74 3.54 -3.33 -2.45
N ILE A 75 3.30 -3.78 -3.67
CA ILE A 75 4.37 -3.96 -4.63
C ILE A 75 4.51 -2.69 -5.47
N LEU A 76 5.50 -1.92 -5.17
CA LEU A 76 5.75 -0.67 -5.84
C LEU A 76 6.91 -0.82 -6.80
N SER A 77 6.71 -0.45 -8.03
CA SER A 77 7.71 -0.67 -9.04
C SER A 77 8.32 0.64 -9.52
N ASP A 78 9.56 0.81 -9.15
CA ASP A 78 10.37 1.97 -9.46
C ASP A 78 10.66 2.11 -10.96
N THR A 79 10.47 3.29 -11.49
CA THR A 79 10.70 3.54 -12.90
C THR A 79 12.16 3.97 -13.15
N SER A 80 12.87 4.31 -12.08
CA SER A 80 14.25 4.74 -12.17
C SER A 80 15.12 3.56 -12.63
N GLY A 81 14.87 2.40 -12.06
CA GLY A 81 15.56 1.20 -12.44
C GLY A 81 14.90 -0.06 -11.91
N ALA A 82 13.67 0.06 -11.35
CA ALA A 82 12.90 -1.08 -10.89
C ALA A 82 13.58 -1.90 -9.80
N GLY A 83 13.52 -1.39 -8.59
CA GLY A 83 14.06 -2.11 -7.45
C GLY A 83 13.03 -3.04 -6.88
N VAL A 84 11.78 -2.80 -7.28
CA VAL A 84 10.58 -3.55 -6.86
C VAL A 84 10.46 -3.54 -5.35
N PHE A 85 9.91 -2.48 -4.85
CA PHE A 85 9.82 -2.31 -3.43
C PHE A 85 8.50 -2.76 -2.89
N THR A 86 8.56 -3.76 -2.08
CA THR A 86 7.39 -4.27 -1.46
C THR A 86 7.28 -3.70 -0.06
N ALA A 87 6.51 -2.65 0.07
CA ALA A 87 6.31 -1.98 1.33
C ALA A 87 5.21 -2.67 2.08
N LYS A 88 5.59 -3.34 3.11
CA LYS A 88 4.65 -4.04 3.97
C LYS A 88 4.18 -3.06 5.00
N VAL A 89 2.90 -2.94 5.19
CA VAL A 89 2.39 -2.00 6.17
C VAL A 89 1.71 -2.67 7.34
N ASN A 90 1.34 -1.85 8.28
CA ASN A 90 0.56 -2.23 9.43
C ASN A 90 -0.83 -1.61 9.23
N SER A 91 -1.73 -1.75 10.18
CA SER A 91 -3.09 -1.22 10.04
C SER A 91 -3.07 0.30 10.12
N LYS A 92 -1.96 0.79 10.59
CA LYS A 92 -1.64 2.20 10.70
C LYS A 92 -1.47 2.84 9.32
N CYS A 93 -1.39 1.99 8.27
CA CYS A 93 -1.15 2.41 6.87
C CYS A 93 0.27 2.86 6.68
N GLU A 94 1.07 2.56 7.67
CA GLU A 94 2.42 2.94 7.70
C GLU A 94 3.23 1.71 7.48
N PHE A 95 4.28 1.85 6.74
CA PHE A 95 5.08 0.76 6.36
C PHE A 95 5.97 0.28 7.51
N THR A 96 6.08 -1.01 7.59
CA THR A 96 6.90 -1.65 8.57
C THR A 96 8.25 -2.08 7.97
N SER A 97 8.21 -2.73 6.82
CA SER A 97 9.42 -3.21 6.17
C SER A 97 9.23 -3.23 4.67
N VAL A 98 10.23 -2.78 3.96
CA VAL A 98 10.20 -2.83 2.52
C VAL A 98 11.12 -3.95 2.05
N SER A 99 10.66 -4.76 1.15
CA SER A 99 11.49 -5.78 0.53
C SER A 99 11.91 -5.23 -0.84
N PRO A 100 13.19 -5.41 -1.27
CA PRO A 100 14.24 -6.12 -0.49
C PRO A 100 14.60 -5.39 0.80
N ALA A 101 14.71 -4.08 0.68
CA ALA A 101 15.03 -3.18 1.74
C ALA A 101 14.91 -1.84 1.12
N LEU A 102 14.62 -0.85 1.89
CA LEU A 102 14.55 0.48 1.35
C LEU A 102 15.93 1.13 1.47
N PRO A 103 16.51 1.55 0.36
CA PRO A 103 17.81 2.21 0.35
C PRO A 103 17.70 3.67 0.79
N THR A 104 18.81 4.28 1.07
CA THR A 104 18.85 5.64 1.51
C THR A 104 18.60 6.61 0.34
N GLY A 105 17.62 7.45 0.50
CA GLY A 105 17.26 8.39 -0.51
C GLY A 105 15.82 8.19 -0.91
N PHE A 106 15.43 6.93 -0.95
CA PHE A 106 14.07 6.55 -1.28
C PHE A 106 13.14 6.84 -0.11
N LYS A 107 11.89 7.07 -0.42
CA LYS A 107 10.90 7.38 0.57
C LYS A 107 9.62 6.59 0.31
N ILE A 108 9.14 5.93 1.34
CA ILE A 108 7.87 5.25 1.36
C ILE A 108 6.94 6.02 2.24
N GLU A 109 5.99 6.66 1.64
CA GLU A 109 5.01 7.35 2.38
C GLU A 109 3.79 6.53 2.54
N GLY A 110 3.63 6.07 3.74
CA GLY A 110 2.49 5.33 4.11
C GLY A 110 1.51 6.25 4.73
N SER A 111 0.56 6.64 3.96
CA SER A 111 -0.46 7.52 4.41
C SER A 111 -1.81 6.92 4.07
N VAL A 112 -2.85 7.61 4.38
CA VAL A 112 -4.17 7.19 3.98
C VAL A 112 -4.56 8.09 2.84
N ASP A 113 -5.21 7.55 1.84
CA ASP A 113 -5.61 8.37 0.70
C ASP A 113 -6.87 9.12 1.06
N LYS A 114 -6.65 10.26 1.60
CA LYS A 114 -7.68 11.11 2.13
C LYS A 114 -8.22 12.04 1.05
N GLU A 115 -9.34 12.64 1.35
CA GLU A 115 -9.97 13.62 0.51
C GLU A 115 -9.06 14.83 0.51
N GLY A 116 -8.83 15.34 1.69
CA GLY A 116 -7.88 16.36 1.88
C GLY A 116 -6.80 15.84 2.74
N LYS A 117 -5.62 15.90 2.24
CA LYS A 117 -4.50 15.33 2.93
C LYS A 117 -4.06 16.10 4.18
N PRO A 118 -3.64 17.38 4.09
CA PRO A 118 -3.28 18.16 5.26
C PRO A 118 -4.55 18.71 5.91
N MET A 30 -16.61 -42.62 -11.13
CA MET A 30 -17.82 -41.86 -10.85
C MET A 30 -17.50 -40.66 -10.01
N ALA A 31 -17.96 -39.52 -10.44
CA ALA A 31 -17.81 -38.29 -9.72
C ALA A 31 -19.11 -37.53 -9.81
N ALA A 32 -19.33 -36.89 -10.96
CA ALA A 32 -20.52 -36.12 -11.25
C ALA A 32 -20.31 -35.42 -12.57
N PRO A 33 -21.35 -35.30 -13.42
CA PRO A 33 -21.30 -34.43 -14.58
C PRO A 33 -21.24 -32.99 -14.07
N THR A 34 -20.04 -32.50 -13.96
CA THR A 34 -19.73 -31.24 -13.35
C THR A 34 -20.32 -30.02 -14.06
N PRO A 35 -21.19 -29.26 -13.37
CA PRO A 35 -21.66 -27.99 -13.86
C PRO A 35 -20.67 -26.91 -13.51
N VAL A 36 -19.90 -26.49 -14.49
CA VAL A 36 -18.90 -25.47 -14.28
C VAL A 36 -19.58 -24.11 -14.11
N PRO A 37 -18.95 -23.17 -13.39
CA PRO A 37 -19.52 -21.85 -13.19
C PRO A 37 -19.64 -21.07 -14.49
N GLY A 38 -20.84 -21.08 -15.06
CA GLY A 38 -21.11 -20.33 -16.26
C GLY A 38 -20.91 -18.88 -15.98
N ILE A 39 -21.46 -18.44 -14.89
CA ILE A 39 -21.24 -17.11 -14.42
C ILE A 39 -20.00 -17.16 -13.55
N PHE A 40 -18.95 -16.54 -14.00
CA PHE A 40 -17.72 -16.54 -13.28
C PHE A 40 -17.71 -15.34 -12.34
N ASP A 41 -17.09 -15.47 -11.20
CA ASP A 41 -17.06 -14.40 -10.21
C ASP A 41 -16.03 -13.37 -10.60
N ILE A 42 -16.46 -12.13 -10.72
CA ILE A 42 -15.58 -11.06 -11.20
C ILE A 42 -14.61 -10.57 -10.12
N PHE A 43 -13.85 -9.56 -10.47
CA PHE A 43 -12.88 -8.91 -9.60
C PHE A 43 -13.59 -8.23 -8.40
N LYS A 44 -12.81 -7.83 -7.42
CA LYS A 44 -13.37 -7.18 -6.24
C LYS A 44 -13.27 -5.67 -6.41
N LYS A 45 -13.70 -4.94 -5.41
CA LYS A 45 -13.64 -3.50 -5.42
C LYS A 45 -12.74 -3.01 -4.29
N PRO A 46 -12.14 -1.81 -4.42
CA PRO A 46 -11.38 -1.21 -3.36
C PRO A 46 -12.30 -0.39 -2.43
N VAL A 47 -12.04 -0.45 -1.15
CA VAL A 47 -12.87 0.26 -0.19
C VAL A 47 -12.18 1.56 0.25
N PRO A 48 -12.88 2.45 1.00
CA PRO A 48 -12.33 3.72 1.46
C PRO A 48 -11.30 3.51 2.56
N THR A 49 -10.61 4.59 2.93
CA THR A 49 -9.56 4.61 3.97
C THR A 49 -8.43 3.62 3.69
N SER A 50 -8.21 3.36 2.41
CA SER A 50 -7.15 2.49 1.95
C SER A 50 -5.81 3.21 2.17
N CYS A 51 -4.76 2.47 2.34
CA CYS A 51 -3.49 3.04 2.70
C CYS A 51 -2.69 3.37 1.44
N LYS A 52 -2.22 4.57 1.33
CA LYS A 52 -1.44 4.93 0.20
C LYS A 52 0.02 4.73 0.52
N LEU A 53 0.68 4.03 -0.30
CA LEU A 53 2.07 3.78 -0.15
C LEU A 53 2.75 4.33 -1.36
N ALA A 54 3.54 5.34 -1.15
CA ALA A 54 4.25 5.97 -2.20
C ALA A 54 5.71 5.66 -2.10
N LEU A 55 6.33 5.43 -3.21
CA LEU A 55 7.73 5.17 -3.25
C LEU A 55 8.34 6.19 -4.18
N THR A 56 9.08 7.10 -3.58
CA THR A 56 9.75 8.16 -4.26
C THR A 56 11.25 7.86 -4.27
N ASN A 57 11.93 8.23 -5.35
CA ASN A 57 13.37 7.95 -5.48
C ASN A 57 14.18 9.10 -4.91
N GLY A 58 15.51 9.06 -5.14
CA GLY A 58 16.43 10.09 -4.62
C GLY A 58 16.11 11.50 -5.07
N ASN A 59 15.45 11.63 -6.21
CA ASN A 59 15.08 12.93 -6.75
C ASN A 59 13.71 13.37 -6.24
N LYS A 60 13.20 12.61 -5.27
CA LYS A 60 11.91 12.85 -4.58
C LYS A 60 10.70 12.62 -5.48
N ARG A 61 10.96 12.15 -6.67
CA ARG A 61 9.92 11.88 -7.61
C ARG A 61 9.23 10.57 -7.25
N GLU A 62 7.94 10.64 -7.12
CA GLU A 62 7.12 9.50 -6.75
C GLU A 62 7.06 8.55 -7.93
N VAL A 63 7.87 7.50 -7.88
CA VAL A 63 7.96 6.57 -8.97
C VAL A 63 6.79 5.62 -8.96
N ASP A 64 6.35 5.24 -7.78
CA ASP A 64 5.18 4.38 -7.68
C ASP A 64 4.40 4.82 -6.46
N ALA A 65 3.18 4.39 -6.38
CA ALA A 65 2.26 4.77 -5.36
C ALA A 65 0.95 4.06 -5.59
N MET A 66 0.49 3.36 -4.59
CA MET A 66 -0.81 2.69 -4.70
C MET A 66 -1.56 2.81 -3.41
N LEU A 67 -2.80 2.40 -3.47
CA LEU A 67 -3.69 2.34 -2.36
C LEU A 67 -3.87 0.89 -2.02
N LEU A 68 -3.23 0.47 -1.00
CA LEU A 68 -3.23 -0.87 -0.62
C LEU A 68 -4.08 -1.02 0.64
N PRO A 69 -4.94 -2.06 0.69
CA PRO A 69 -5.76 -2.35 1.87
C PRO A 69 -4.89 -2.50 3.13
N PRO A 70 -5.30 -1.86 4.24
CA PRO A 70 -4.55 -1.84 5.50
C PRO A 70 -4.02 -3.22 5.93
N SER A 71 -2.78 -3.21 6.45
CA SER A 71 -2.08 -4.40 6.95
C SER A 71 -1.54 -5.29 5.79
N GLY A 72 -1.60 -4.80 4.56
CA GLY A 72 -1.15 -5.59 3.43
C GLY A 72 0.28 -5.27 3.01
N THR A 73 0.63 -5.74 1.82
CA THR A 73 1.95 -5.58 1.26
C THR A 73 1.85 -4.84 -0.07
N THR A 74 2.51 -3.73 -0.19
CA THR A 74 2.40 -2.95 -1.39
C THR A 74 3.61 -3.17 -2.30
N ILE A 75 3.38 -3.72 -3.47
CA ILE A 75 4.43 -3.91 -4.45
C ILE A 75 4.55 -2.65 -5.31
N LEU A 76 5.56 -1.89 -5.04
CA LEU A 76 5.82 -0.64 -5.73
C LEU A 76 6.99 -0.83 -6.66
N SER A 77 6.90 -0.33 -7.87
CA SER A 77 7.93 -0.54 -8.84
C SER A 77 8.58 0.77 -9.32
N ASP A 78 9.88 0.81 -9.22
CA ASP A 78 10.69 1.93 -9.64
C ASP A 78 10.71 1.98 -11.15
N THR A 79 10.10 2.96 -11.74
CA THR A 79 10.10 3.07 -13.18
C THR A 79 11.46 3.63 -13.67
N SER A 80 12.27 4.03 -12.73
CA SER A 80 13.56 4.60 -12.99
C SER A 80 14.70 3.55 -12.92
N GLY A 81 14.37 2.28 -12.65
CA GLY A 81 15.43 1.30 -12.51
C GLY A 81 14.95 -0.09 -12.19
N ALA A 82 13.75 -0.18 -11.65
CA ALA A 82 13.10 -1.43 -11.25
C ALA A 82 13.84 -2.18 -10.16
N GLY A 83 13.62 -1.76 -8.93
CA GLY A 83 14.16 -2.46 -7.79
C GLY A 83 13.06 -3.27 -7.16
N VAL A 84 11.86 -2.71 -7.23
CA VAL A 84 10.62 -3.33 -6.79
C VAL A 84 10.56 -3.44 -5.28
N PHE A 85 10.04 -2.42 -4.69
CA PHE A 85 9.96 -2.33 -3.27
C PHE A 85 8.61 -2.78 -2.77
N THR A 86 8.62 -3.74 -1.92
CA THR A 86 7.43 -4.23 -1.34
C THR A 86 7.32 -3.70 0.08
N ALA A 87 6.54 -2.66 0.23
CA ALA A 87 6.32 -2.02 1.49
C ALA A 87 5.23 -2.74 2.23
N LYS A 88 5.61 -3.48 3.23
CA LYS A 88 4.67 -4.19 4.08
C LYS A 88 4.17 -3.20 5.09
N VAL A 89 2.88 -3.04 5.21
CA VAL A 89 2.33 -2.04 6.10
C VAL A 89 1.52 -2.65 7.23
N ASN A 90 1.17 -1.84 8.19
CA ASN A 90 0.35 -2.26 9.30
C ASN A 90 -1.04 -1.65 9.11
N SER A 91 -1.96 -1.97 10.00
CA SER A 91 -3.35 -1.51 9.94
C SER A 91 -3.45 0.03 9.97
N LYS A 92 -2.42 0.67 10.52
CA LYS A 92 -2.36 2.11 10.66
C LYS A 92 -1.84 2.80 9.36
N CYS A 93 -1.68 2.00 8.29
CA CYS A 93 -1.30 2.51 6.94
C CYS A 93 0.15 2.93 6.78
N GLU A 94 0.99 2.56 7.70
CA GLU A 94 2.36 2.92 7.57
C GLU A 94 3.15 1.69 7.33
N PHE A 95 4.22 1.86 6.64
CA PHE A 95 5.03 0.77 6.27
C PHE A 95 5.88 0.31 7.46
N THR A 96 5.99 -0.97 7.61
CA THR A 96 6.75 -1.57 8.66
C THR A 96 8.09 -2.10 8.14
N SER A 97 8.09 -2.72 6.96
CA SER A 97 9.30 -3.26 6.37
C SER A 97 9.19 -3.30 4.85
N VAL A 98 10.20 -2.83 4.17
CA VAL A 98 10.23 -2.87 2.72
C VAL A 98 11.18 -3.96 2.25
N SER A 99 10.71 -4.79 1.37
CA SER A 99 11.53 -5.80 0.77
C SER A 99 11.95 -5.30 -0.61
N PRO A 100 13.22 -5.51 -1.03
CA PRO A 100 14.25 -6.23 -0.24
C PRO A 100 14.69 -5.44 1.00
N ALA A 101 14.95 -4.18 0.81
CA ALA A 101 15.38 -3.24 1.80
C ALA A 101 15.28 -1.90 1.13
N LEU A 102 15.07 -0.89 1.89
CA LEU A 102 14.92 0.43 1.33
C LEU A 102 16.25 1.18 1.43
N PRO A 103 16.79 1.63 0.29
CA PRO A 103 18.06 2.36 0.24
C PRO A 103 17.91 3.82 0.71
N THR A 104 19.02 4.44 0.99
CA THR A 104 19.06 5.79 1.46
C THR A 104 18.82 6.74 0.28
N GLY A 105 17.72 7.46 0.33
CA GLY A 105 17.36 8.34 -0.76
C GLY A 105 15.97 8.06 -1.21
N PHE A 106 15.48 6.89 -0.87
CA PHE A 106 14.14 6.49 -1.21
C PHE A 106 13.22 6.70 -0.04
N LYS A 107 12.00 7.07 -0.31
CA LYS A 107 11.04 7.31 0.73
C LYS A 107 9.74 6.62 0.43
N ILE A 108 9.31 5.83 1.39
CA ILE A 108 8.03 5.20 1.38
C ILE A 108 7.11 6.03 2.24
N GLU A 109 6.27 6.78 1.60
CA GLU A 109 5.30 7.57 2.29
C GLU A 109 4.10 6.71 2.58
N GLY A 110 3.98 6.31 3.81
CA GLY A 110 2.87 5.54 4.27
C GLY A 110 1.76 6.44 4.70
N SER A 111 0.95 6.78 3.78
CA SER A 111 -0.14 7.67 3.99
C SER A 111 -1.45 6.90 3.78
N VAL A 112 -2.51 7.61 3.58
CA VAL A 112 -3.82 7.03 3.41
C VAL A 112 -4.45 7.70 2.17
N ASP A 113 -5.52 7.11 1.62
CA ASP A 113 -6.27 7.68 0.48
C ASP A 113 -6.64 9.13 0.78
N LYS A 114 -7.10 9.35 1.97
CA LYS A 114 -7.36 10.65 2.50
C LYS A 114 -6.69 10.69 3.83
N GLU A 115 -6.35 11.85 4.30
CA GLU A 115 -5.61 11.97 5.54
C GLU A 115 -6.49 11.59 6.73
N GLY A 116 -7.70 12.07 6.74
CA GLY A 116 -8.59 11.82 7.84
C GLY A 116 -9.96 11.42 7.37
N LYS A 117 -10.85 11.21 8.31
CA LYS A 117 -12.20 10.77 8.04
C LYS A 117 -13.04 11.89 7.41
N PRO A 118 -13.92 11.56 6.46
CA PRO A 118 -14.79 12.53 5.83
C PRO A 118 -16.03 12.81 6.68
N MET A 30 -37.71 -6.94 22.64
CA MET A 30 -38.72 -7.77 23.29
C MET A 30 -38.10 -9.09 23.70
N ALA A 31 -38.47 -9.59 24.87
CA ALA A 31 -37.97 -10.85 25.36
C ALA A 31 -38.60 -12.00 24.58
N ALA A 32 -37.88 -12.46 23.59
CA ALA A 32 -38.27 -13.54 22.73
C ALA A 32 -37.05 -13.94 21.91
N PRO A 33 -36.72 -15.23 21.83
CA PRO A 33 -35.58 -15.70 21.07
C PRO A 33 -35.83 -15.55 19.56
N THR A 34 -34.91 -14.94 18.86
CA THR A 34 -35.08 -14.73 17.45
C THR A 34 -33.82 -15.17 16.67
N PRO A 35 -33.98 -15.95 15.60
CA PRO A 35 -32.87 -16.36 14.77
C PRO A 35 -32.50 -15.22 13.82
N VAL A 36 -31.32 -14.70 13.97
CA VAL A 36 -30.87 -13.63 13.12
C VAL A 36 -30.22 -14.22 11.87
N PRO A 37 -30.75 -13.92 10.68
CA PRO A 37 -30.24 -14.48 9.43
C PRO A 37 -28.97 -13.75 8.98
N GLY A 38 -28.46 -14.12 7.81
CA GLY A 38 -27.25 -13.53 7.29
C GLY A 38 -27.51 -12.16 6.68
N ILE A 39 -27.65 -11.19 7.52
CA ILE A 39 -27.91 -9.84 7.11
C ILE A 39 -26.61 -9.17 6.73
N PHE A 40 -26.44 -8.93 5.46
CA PHE A 40 -25.33 -8.17 4.97
C PHE A 40 -25.81 -6.75 4.93
N ASP A 41 -25.25 -5.92 5.73
CA ASP A 41 -25.71 -4.56 5.81
C ASP A 41 -24.72 -3.67 5.06
N ILE A 42 -24.87 -2.40 5.19
CA ILE A 42 -23.97 -1.46 4.55
C ILE A 42 -22.91 -0.97 5.52
N PHE A 43 -22.04 -0.13 5.04
CA PHE A 43 -21.04 0.46 5.87
C PHE A 43 -21.58 1.78 6.39
N LYS A 44 -21.24 2.07 7.61
CA LYS A 44 -21.79 3.21 8.31
C LYS A 44 -21.26 4.52 7.74
N LYS A 45 -20.00 4.54 7.45
CA LYS A 45 -19.36 5.70 6.91
C LYS A 45 -18.18 5.27 6.07
N PRO A 46 -17.82 6.03 5.03
CA PRO A 46 -16.67 5.73 4.25
C PRO A 46 -15.41 6.23 4.96
N VAL A 47 -14.91 5.41 5.86
CA VAL A 47 -13.70 5.71 6.60
C VAL A 47 -12.53 5.58 5.65
N PRO A 48 -11.73 6.66 5.46
CA PRO A 48 -10.56 6.62 4.61
C PRO A 48 -9.51 5.66 5.17
N THR A 49 -9.55 4.48 4.67
CA THR A 49 -8.67 3.43 5.08
C THR A 49 -7.78 2.99 3.95
N SER A 50 -7.74 3.81 2.91
CA SER A 50 -6.88 3.56 1.81
C SER A 50 -5.47 4.04 2.17
N CYS A 51 -4.65 3.11 2.55
CA CYS A 51 -3.30 3.38 2.92
C CYS A 51 -2.53 3.60 1.65
N LYS A 52 -1.99 4.74 1.50
CA LYS A 52 -1.31 5.07 0.33
C LYS A 52 0.15 4.82 0.53
N LEU A 53 0.74 4.17 -0.40
CA LEU A 53 2.12 3.84 -0.38
C LEU A 53 2.76 4.48 -1.56
N ALA A 54 3.49 5.54 -1.34
CA ALA A 54 4.11 6.24 -2.41
C ALA A 54 5.59 6.18 -2.27
N LEU A 55 6.22 5.59 -3.22
CA LEU A 55 7.62 5.50 -3.21
C LEU A 55 8.19 6.48 -4.16
N THR A 56 9.07 7.27 -3.64
CA THR A 56 9.71 8.32 -4.37
C THR A 56 11.22 8.09 -4.29
N ASN A 57 11.92 8.41 -5.36
CA ASN A 57 13.37 8.26 -5.41
C ASN A 57 14.06 9.47 -4.79
N GLY A 58 15.39 9.52 -4.88
CA GLY A 58 16.16 10.61 -4.30
C GLY A 58 15.94 11.95 -4.99
N ASN A 59 15.42 11.91 -6.20
CA ASN A 59 15.13 13.12 -6.98
C ASN A 59 13.70 13.54 -6.67
N LYS A 60 13.08 12.75 -5.80
CA LYS A 60 11.72 12.94 -5.33
C LYS A 60 10.70 12.61 -6.38
N ARG A 61 11.12 11.91 -7.41
CA ARG A 61 10.17 11.48 -8.39
C ARG A 61 9.47 10.27 -7.86
N GLU A 62 8.17 10.31 -7.85
CA GLU A 62 7.37 9.21 -7.42
C GLU A 62 7.57 8.08 -8.40
N VAL A 63 8.25 7.05 -7.97
CA VAL A 63 8.53 5.97 -8.83
C VAL A 63 7.36 5.03 -8.87
N ASP A 64 6.61 4.97 -7.77
CA ASP A 64 5.40 4.13 -7.74
C ASP A 64 4.53 4.56 -6.58
N ALA A 65 3.29 4.13 -6.58
CA ALA A 65 2.30 4.56 -5.59
C ALA A 65 1.04 3.74 -5.72
N MET A 66 0.61 3.15 -4.63
CA MET A 66 -0.62 2.36 -4.62
C MET A 66 -1.41 2.60 -3.35
N LEU A 67 -2.71 2.41 -3.46
CA LEU A 67 -3.60 2.42 -2.34
C LEU A 67 -3.86 0.99 -1.88
N LEU A 68 -3.34 0.67 -0.75
CA LEU A 68 -3.50 -0.62 -0.15
C LEU A 68 -4.40 -0.51 1.06
N PRO A 69 -5.10 -1.58 1.44
CA PRO A 69 -5.91 -1.58 2.65
C PRO A 69 -5.00 -1.73 3.89
N PRO A 70 -5.55 -1.52 5.11
CA PRO A 70 -4.81 -1.71 6.35
C PRO A 70 -4.09 -3.07 6.38
N SER A 71 -2.78 -3.03 6.66
CA SER A 71 -1.91 -4.20 6.75
C SER A 71 -1.58 -4.80 5.37
N GLY A 72 -1.79 -4.02 4.33
CA GLY A 72 -1.52 -4.48 3.00
C GLY A 72 -0.05 -4.42 2.63
N THR A 73 0.34 -5.27 1.73
CA THR A 73 1.67 -5.31 1.22
C THR A 73 1.69 -4.73 -0.19
N THR A 74 2.49 -3.72 -0.39
CA THR A 74 2.49 -3.00 -1.62
C THR A 74 3.74 -3.28 -2.46
N ILE A 75 3.54 -3.87 -3.63
CA ILE A 75 4.63 -4.10 -4.55
C ILE A 75 4.77 -2.86 -5.44
N LEU A 76 5.83 -2.16 -5.24
CA LEU A 76 6.11 -0.93 -5.93
C LEU A 76 7.24 -1.14 -6.93
N SER A 77 7.08 -0.62 -8.11
CA SER A 77 8.05 -0.81 -9.15
C SER A 77 8.72 0.50 -9.55
N ASP A 78 10.01 0.58 -9.30
CA ASP A 78 10.83 1.73 -9.66
C ASP A 78 10.76 1.97 -11.15
N THR A 79 10.20 3.06 -11.54
CA THR A 79 10.15 3.39 -12.95
C THR A 79 11.56 3.91 -13.41
N SER A 80 12.40 4.19 -12.43
CA SER A 80 13.70 4.73 -12.67
C SER A 80 14.80 3.64 -12.66
N GLY A 81 14.43 2.38 -12.91
CA GLY A 81 15.45 1.33 -12.94
C GLY A 81 14.97 -0.06 -12.57
N ALA A 82 13.79 -0.15 -11.98
CA ALA A 82 13.19 -1.42 -11.54
C ALA A 82 14.03 -2.15 -10.49
N GLY A 83 13.88 -1.74 -9.24
CA GLY A 83 14.55 -2.42 -8.16
C GLY A 83 13.57 -3.36 -7.50
N VAL A 84 12.30 -2.93 -7.50
CA VAL A 84 11.15 -3.70 -7.03
C VAL A 84 11.12 -3.78 -5.51
N PHE A 85 10.30 -2.95 -4.93
CA PHE A 85 10.18 -2.87 -3.49
C PHE A 85 8.82 -3.32 -3.05
N THR A 86 8.75 -3.93 -1.90
CA THR A 86 7.49 -4.32 -1.34
C THR A 86 7.33 -3.72 0.05
N ALA A 87 6.55 -2.66 0.13
CA ALA A 87 6.29 -1.97 1.36
C ALA A 87 5.16 -2.63 2.09
N LYS A 88 5.48 -3.24 3.17
CA LYS A 88 4.49 -3.90 4.01
C LYS A 88 4.04 -2.92 5.07
N VAL A 89 2.76 -2.68 5.18
CA VAL A 89 2.25 -1.77 6.21
C VAL A 89 1.52 -2.50 7.31
N ASN A 90 1.23 -1.76 8.34
CA ASN A 90 0.43 -2.25 9.43
C ASN A 90 -0.99 -1.70 9.19
N SER A 91 -1.95 -1.99 10.05
CA SER A 91 -3.34 -1.53 9.91
C SER A 91 -3.44 0.00 10.09
N LYS A 92 -2.34 0.55 10.48
CA LYS A 92 -2.16 1.95 10.77
C LYS A 92 -1.72 2.69 9.50
N CYS A 93 -1.56 1.94 8.41
CA CYS A 93 -1.16 2.47 7.07
C CYS A 93 0.31 2.90 7.04
N GLU A 94 1.04 2.57 8.07
CA GLU A 94 2.43 2.93 8.13
C GLU A 94 3.24 1.77 7.67
N PHE A 95 4.21 2.04 6.85
CA PHE A 95 5.05 1.02 6.35
C PHE A 95 5.96 0.54 7.47
N THR A 96 5.98 -0.74 7.64
CA THR A 96 6.77 -1.34 8.66
C THR A 96 8.07 -1.90 8.10
N SER A 97 8.01 -2.49 6.91
CA SER A 97 9.20 -3.05 6.29
C SER A 97 9.05 -3.08 4.77
N VAL A 98 10.06 -2.64 4.08
CA VAL A 98 10.09 -2.73 2.65
C VAL A 98 11.05 -3.84 2.25
N SER A 99 10.62 -4.71 1.43
CA SER A 99 11.45 -5.76 0.91
C SER A 99 12.09 -5.28 -0.40
N PRO A 100 13.41 -5.54 -0.64
CA PRO A 100 14.30 -6.26 0.31
C PRO A 100 14.69 -5.40 1.51
N ALA A 101 14.81 -4.11 1.26
CA ALA A 101 15.14 -3.10 2.23
C ALA A 101 15.03 -1.80 1.51
N LEU A 102 14.62 -0.78 2.18
CA LEU A 102 14.51 0.52 1.56
C LEU A 102 15.84 1.28 1.70
N PRO A 103 16.45 1.68 0.57
CA PRO A 103 17.74 2.38 0.57
C PRO A 103 17.59 3.88 0.93
N THR A 104 18.72 4.52 1.15
CA THR A 104 18.77 5.93 1.48
C THR A 104 18.39 6.78 0.26
N GLY A 105 17.45 7.65 0.44
CA GLY A 105 17.03 8.52 -0.64
C GLY A 105 15.65 8.18 -1.09
N PHE A 106 15.26 6.97 -0.84
CA PHE A 106 13.95 6.51 -1.20
C PHE A 106 13.01 6.71 -0.06
N LYS A 107 11.91 7.32 -0.35
CA LYS A 107 10.93 7.60 0.65
C LYS A 107 9.65 6.90 0.35
N ILE A 108 9.24 6.05 1.26
CA ILE A 108 7.98 5.40 1.20
C ILE A 108 7.03 6.20 2.06
N GLU A 109 6.24 6.98 1.43
CA GLU A 109 5.23 7.68 2.13
C GLU A 109 4.07 6.74 2.36
N GLY A 110 4.14 6.05 3.47
CA GLY A 110 3.08 5.21 3.90
C GLY A 110 2.14 6.07 4.65
N SER A 111 1.20 6.56 3.94
CA SER A 111 0.30 7.55 4.43
C SER A 111 -1.14 7.08 4.24
N VAL A 112 -2.06 7.91 4.59
CA VAL A 112 -3.44 7.60 4.37
C VAL A 112 -3.95 8.63 3.41
N ASP A 113 -4.46 8.19 2.29
CA ASP A 113 -4.97 9.13 1.30
C ASP A 113 -6.28 9.66 1.79
N LYS A 114 -6.31 10.95 2.03
CA LYS A 114 -7.44 11.62 2.62
C LYS A 114 -8.66 11.56 1.75
N GLU A 115 -9.79 11.72 2.36
CA GLU A 115 -11.07 11.61 1.71
C GLU A 115 -11.25 12.73 0.71
N GLY A 116 -10.77 13.88 1.06
CA GLY A 116 -10.85 15.03 0.21
C GLY A 116 -9.76 15.98 0.55
N LYS A 117 -9.36 16.78 -0.40
CA LYS A 117 -8.30 17.73 -0.20
C LYS A 117 -8.87 19.02 0.36
N PRO A 118 -8.07 19.79 1.13
CA PRO A 118 -8.46 21.11 1.60
C PRO A 118 -8.50 22.09 0.43
#